data_8V9Y
# 
_entry.id   8V9Y 
# 
_audit_conform.dict_name       mmcif_pdbx.dic 
_audit_conform.dict_version    5.397 
_audit_conform.dict_location   http://mmcif.pdb.org/dictionaries/ascii/mmcif_pdbx.dic 
# 
loop_
_database_2.database_id 
_database_2.database_code 
_database_2.pdbx_database_accession 
_database_2.pdbx_DOI 
PDB   8V9Y         pdb_00008v9y 10.2210/pdb8v9y/pdb 
WWPDB D_1000279132 ?            ?                   
# 
loop_
_pdbx_audit_revision_history.ordinal 
_pdbx_audit_revision_history.data_content_type 
_pdbx_audit_revision_history.major_revision 
_pdbx_audit_revision_history.minor_revision 
_pdbx_audit_revision_history.revision_date 
1 'Structure model' 1 0 2024-08-07 
2 'Structure model' 1 1 2024-10-23 
# 
_pdbx_audit_revision_details.ordinal             1 
_pdbx_audit_revision_details.revision_ordinal    1 
_pdbx_audit_revision_details.data_content_type   'Structure model' 
_pdbx_audit_revision_details.provider            repository 
_pdbx_audit_revision_details.type                'Initial release' 
_pdbx_audit_revision_details.description         ? 
_pdbx_audit_revision_details.details             ? 
# 
_pdbx_audit_revision_group.ordinal             1 
_pdbx_audit_revision_group.revision_ordinal    2 
_pdbx_audit_revision_group.data_content_type   'Structure model' 
_pdbx_audit_revision_group.group               'Structure summary' 
# 
loop_
_pdbx_audit_revision_category.ordinal 
_pdbx_audit_revision_category.revision_ordinal 
_pdbx_audit_revision_category.data_content_type 
_pdbx_audit_revision_category.category 
1 2 'Structure model' pdbx_entry_details        
2 2 'Structure model' pdbx_modification_feature 
# 
_pdbx_audit_revision_item.ordinal             1 
_pdbx_audit_revision_item.revision_ordinal    2 
_pdbx_audit_revision_item.data_content_type   'Structure model' 
_pdbx_audit_revision_item.item                '_pdbx_entry_details.has_protein_modification' 
# 
_pdbx_database_status.status_code                     REL 
_pdbx_database_status.status_code_sf                  REL 
_pdbx_database_status.status_code_mr                  ? 
_pdbx_database_status.entry_id                        8V9Y 
_pdbx_database_status.recvd_initial_deposition_date   2023-12-10 
_pdbx_database_status.SG_entry                        N 
_pdbx_database_status.deposit_site                    RCSB 
_pdbx_database_status.process_site                    RCSB 
_pdbx_database_status.status_code_cs                  ? 
_pdbx_database_status.status_code_nmr_data            ? 
_pdbx_database_status.methods_development_category    ? 
_pdbx_database_status.pdb_format_compatible           Y 
# 
_pdbx_contact_author.id                 2 
_pdbx_contact_author.email              aihar001@umn.edu 
_pdbx_contact_author.name_first         Hideki 
_pdbx_contact_author.name_last          Aihara 
_pdbx_contact_author.name_mi            ? 
_pdbx_contact_author.role               'principal investigator/group leader' 
_pdbx_contact_author.identifier_ORCID   0000-0001-7508-6230 
# 
loop_
_audit_author.name 
_audit_author.pdbx_ordinal 
_audit_author.identifier_ORCID 
'Shi, K.'    1 0000-0003-4175-3714 
'Moller, N.' 2 ?                   
'Aihara, H.' 3 0000-0001-7508-6230 
# 
_citation.abstract                  ? 
_citation.abstract_id_CAS           ? 
_citation.book_id_ISBN              ? 
_citation.book_publisher            ? 
_citation.book_publisher_city       ? 
_citation.book_title                ? 
_citation.coordinate_linkage        ? 
_citation.country                   US 
_citation.database_id_Medline       ? 
_citation.details                   ? 
_citation.id                        primary 
_citation.journal_abbrev            J.Biol.Chem. 
_citation.journal_id_ASTM           JBCHA3 
_citation.journal_id_CSD            0071 
_citation.journal_id_ISSN           1083-351X 
_citation.journal_full              ? 
_citation.journal_issue             ? 
_citation.journal_volume            300 
_citation.language                  ? 
_citation.page_first                107502 
_citation.page_last                 107502 
_citation.title                     
'Identification and biophysical characterization of a novel domain-swapped camelid antibody specific for fentanyl.' 
_citation.year                      2024 
_citation.database_id_CSD           ? 
_citation.pdbx_database_id_DOI      10.1016/j.jbc.2024.107502 
_citation.pdbx_database_id_PubMed   38945452 
_citation.pdbx_database_id_patent   ? 
_citation.unpublished_flag          ? 
# 
loop_
_citation_author.citation_id 
_citation_author.name 
_citation_author.ordinal 
_citation_author.identifier_ORCID 
primary 'Gallant, J.P.' 1  ? 
primary 'Hicks, D.'     2  ? 
primary 'Shi, K.'       3  ? 
primary 'Moeller, N.H.' 4  ? 
primary 'Hoppe, B.'     5  ? 
primary 'Lake, E.W.'    6  ? 
primary 'Baehr, C.'     7  ? 
primary 'Pravetoni, M.' 8  ? 
primary 'Aihara, H.'    9  ? 
primary 'LeBeau, A.M.'  10 ? 
# 
loop_
_entity.id 
_entity.type 
_entity.src_method 
_entity.pdbx_description 
_entity.formula_weight 
_entity.pdbx_number_of_molecules 
_entity.pdbx_ec 
_entity.pdbx_mutation 
_entity.pdbx_fragment 
_entity.details 
1 polymer man JGFN4 12935.386 1  ? ? ? ? 
2 water   nat water 18.015    61 ? ? ? ? 
# 
_entity_poly.entity_id                      1 
_entity_poly.type                           'polypeptide(L)' 
_entity_poly.nstd_linkage                   no 
_entity_poly.nstd_monomer                   no 
_entity_poly.pdbx_seq_one_letter_code       
;MQVQLVESGGGLAQAGGSLQLSCAASGSTSRVNAMGWYRQTPGKERELVAAIDRSGATVYSESVRGRFTISKNDAKNIVW
LQMNNLTTEDTAVYYCRSGVLGSWGLGTQVTVSSHHHHHH
;
_entity_poly.pdbx_seq_one_letter_code_can   
;MQVQLVESGGGLAQAGGSLQLSCAASGSTSRVNAMGWYRQTPGKERELVAAIDRSGATVYSESVRGRFTISKNDAKNIVW
LQMNNLTTEDTAVYYCRSGVLGSWGLGTQVTVSSHHHHHH
;
_entity_poly.pdbx_strand_id                 A 
_entity_poly.pdbx_target_identifier         ? 
# 
_pdbx_entity_nonpoly.entity_id   2 
_pdbx_entity_nonpoly.name        water 
_pdbx_entity_nonpoly.comp_id     HOH 
# 
loop_
_entity_poly_seq.entity_id 
_entity_poly_seq.num 
_entity_poly_seq.mon_id 
_entity_poly_seq.hetero 
1 1   MET n 
1 2   GLN n 
1 3   VAL n 
1 4   GLN n 
1 5   LEU n 
1 6   VAL n 
1 7   GLU n 
1 8   SER n 
1 9   GLY n 
1 10  GLY n 
1 11  GLY n 
1 12  LEU n 
1 13  ALA n 
1 14  GLN n 
1 15  ALA n 
1 16  GLY n 
1 17  GLY n 
1 18  SER n 
1 19  LEU n 
1 20  GLN n 
1 21  LEU n 
1 22  SER n 
1 23  CYS n 
1 24  ALA n 
1 25  ALA n 
1 26  SER n 
1 27  GLY n 
1 28  SER n 
1 29  THR n 
1 30  SER n 
1 31  ARG n 
1 32  VAL n 
1 33  ASN n 
1 34  ALA n 
1 35  MET n 
1 36  GLY n 
1 37  TRP n 
1 38  TYR n 
1 39  ARG n 
1 40  GLN n 
1 41  THR n 
1 42  PRO n 
1 43  GLY n 
1 44  LYS n 
1 45  GLU n 
1 46  ARG n 
1 47  GLU n 
1 48  LEU n 
1 49  VAL n 
1 50  ALA n 
1 51  ALA n 
1 52  ILE n 
1 53  ASP n 
1 54  ARG n 
1 55  SER n 
1 56  GLY n 
1 57  ALA n 
1 58  THR n 
1 59  VAL n 
1 60  TYR n 
1 61  SER n 
1 62  GLU n 
1 63  SER n 
1 64  VAL n 
1 65  ARG n 
1 66  GLY n 
1 67  ARG n 
1 68  PHE n 
1 69  THR n 
1 70  ILE n 
1 71  SER n 
1 72  LYS n 
1 73  ASN n 
1 74  ASP n 
1 75  ALA n 
1 76  LYS n 
1 77  ASN n 
1 78  ILE n 
1 79  VAL n 
1 80  TRP n 
1 81  LEU n 
1 82  GLN n 
1 83  MET n 
1 84  ASN n 
1 85  ASN n 
1 86  LEU n 
1 87  THR n 
1 88  THR n 
1 89  GLU n 
1 90  ASP n 
1 91  THR n 
1 92  ALA n 
1 93  VAL n 
1 94  TYR n 
1 95  TYR n 
1 96  CYS n 
1 97  ARG n 
1 98  SER n 
1 99  GLY n 
1 100 VAL n 
1 101 LEU n 
1 102 GLY n 
1 103 SER n 
1 104 TRP n 
1 105 GLY n 
1 106 LEU n 
1 107 GLY n 
1 108 THR n 
1 109 GLN n 
1 110 VAL n 
1 111 THR n 
1 112 VAL n 
1 113 SER n 
1 114 SER n 
1 115 HIS n 
1 116 HIS n 
1 117 HIS n 
1 118 HIS n 
1 119 HIS n 
1 120 HIS n 
# 
_entity_src_gen.entity_id                          1 
_entity_src_gen.pdbx_src_id                        1 
_entity_src_gen.pdbx_alt_source_flag               sample 
_entity_src_gen.pdbx_seq_type                      'Biological sequence' 
_entity_src_gen.pdbx_beg_seq_num                   1 
_entity_src_gen.pdbx_end_seq_num                   120 
_entity_src_gen.gene_src_common_name               ? 
_entity_src_gen.gene_src_genus                     ? 
_entity_src_gen.pdbx_gene_src_gene                 ? 
_entity_src_gen.gene_src_species                   ? 
_entity_src_gen.gene_src_strain                    ? 
_entity_src_gen.gene_src_tissue                    ? 
_entity_src_gen.gene_src_tissue_fraction           ? 
_entity_src_gen.gene_src_details                   ? 
_entity_src_gen.pdbx_gene_src_fragment             ? 
_entity_src_gen.pdbx_gene_src_scientific_name      Camelidae 
_entity_src_gen.pdbx_gene_src_ncbi_taxonomy_id     9835 
_entity_src_gen.pdbx_gene_src_variant              ? 
_entity_src_gen.pdbx_gene_src_cell_line            ? 
_entity_src_gen.pdbx_gene_src_atcc                 ? 
_entity_src_gen.pdbx_gene_src_organ                ? 
_entity_src_gen.pdbx_gene_src_organelle            ? 
_entity_src_gen.pdbx_gene_src_cell                 ? 
_entity_src_gen.pdbx_gene_src_cellular_location    ? 
_entity_src_gen.host_org_common_name               ? 
_entity_src_gen.pdbx_host_org_scientific_name      'Escherichia coli' 
_entity_src_gen.pdbx_host_org_ncbi_taxonomy_id     562 
_entity_src_gen.host_org_genus                     ? 
_entity_src_gen.pdbx_host_org_gene                 ? 
_entity_src_gen.pdbx_host_org_organ                ? 
_entity_src_gen.host_org_species                   ? 
_entity_src_gen.pdbx_host_org_tissue               ? 
_entity_src_gen.pdbx_host_org_tissue_fraction      ? 
_entity_src_gen.pdbx_host_org_strain               ? 
_entity_src_gen.pdbx_host_org_variant              ? 
_entity_src_gen.pdbx_host_org_cell_line            ? 
_entity_src_gen.pdbx_host_org_atcc                 ? 
_entity_src_gen.pdbx_host_org_culture_collection   ? 
_entity_src_gen.pdbx_host_org_cell                 ? 
_entity_src_gen.pdbx_host_org_organelle            ? 
_entity_src_gen.pdbx_host_org_cellular_location    ? 
_entity_src_gen.pdbx_host_org_vector_type          ? 
_entity_src_gen.pdbx_host_org_vector               ? 
_entity_src_gen.host_org_details                   ? 
_entity_src_gen.expression_system_id               ? 
_entity_src_gen.plasmid_name                       ? 
_entity_src_gen.plasmid_details                    ? 
_entity_src_gen.pdbx_description                   ? 
# 
loop_
_chem_comp.id 
_chem_comp.type 
_chem_comp.mon_nstd_flag 
_chem_comp.name 
_chem_comp.pdbx_synonyms 
_chem_comp.formula 
_chem_comp.formula_weight 
ALA 'L-peptide linking' y ALANINE         ? 'C3 H7 N O2'     89.093  
ARG 'L-peptide linking' y ARGININE        ? 'C6 H15 N4 O2 1' 175.209 
ASN 'L-peptide linking' y ASPARAGINE      ? 'C4 H8 N2 O3'    132.118 
ASP 'L-peptide linking' y 'ASPARTIC ACID' ? 'C4 H7 N O4'     133.103 
CYS 'L-peptide linking' y CYSTEINE        ? 'C3 H7 N O2 S'   121.158 
GLN 'L-peptide linking' y GLUTAMINE       ? 'C5 H10 N2 O3'   146.144 
GLU 'L-peptide linking' y 'GLUTAMIC ACID' ? 'C5 H9 N O4'     147.129 
GLY 'peptide linking'   y GLYCINE         ? 'C2 H5 N O2'     75.067  
HIS 'L-peptide linking' y HISTIDINE       ? 'C6 H10 N3 O2 1' 156.162 
HOH non-polymer         . WATER           ? 'H2 O'           18.015  
ILE 'L-peptide linking' y ISOLEUCINE      ? 'C6 H13 N O2'    131.173 
LEU 'L-peptide linking' y LEUCINE         ? 'C6 H13 N O2'    131.173 
LYS 'L-peptide linking' y LYSINE          ? 'C6 H15 N2 O2 1' 147.195 
MET 'L-peptide linking' y METHIONINE      ? 'C5 H11 N O2 S'  149.211 
PHE 'L-peptide linking' y PHENYLALANINE   ? 'C9 H11 N O2'    165.189 
PRO 'L-peptide linking' y PROLINE         ? 'C5 H9 N O2'     115.130 
SER 'L-peptide linking' y SERINE          ? 'C3 H7 N O3'     105.093 
THR 'L-peptide linking' y THREONINE       ? 'C4 H9 N O3'     119.119 
TRP 'L-peptide linking' y TRYPTOPHAN      ? 'C11 H12 N2 O2'  204.225 
TYR 'L-peptide linking' y TYROSINE        ? 'C9 H11 N O3'    181.189 
VAL 'L-peptide linking' y VALINE          ? 'C5 H11 N O2'    117.146 
# 
loop_
_pdbx_poly_seq_scheme.asym_id 
_pdbx_poly_seq_scheme.entity_id 
_pdbx_poly_seq_scheme.seq_id 
_pdbx_poly_seq_scheme.mon_id 
_pdbx_poly_seq_scheme.ndb_seq_num 
_pdbx_poly_seq_scheme.pdb_seq_num 
_pdbx_poly_seq_scheme.auth_seq_num 
_pdbx_poly_seq_scheme.pdb_mon_id 
_pdbx_poly_seq_scheme.auth_mon_id 
_pdbx_poly_seq_scheme.pdb_strand_id 
_pdbx_poly_seq_scheme.pdb_ins_code 
_pdbx_poly_seq_scheme.hetero 
A 1 1   MET 1   0   ?   ?   ?   A . n 
A 1 2   GLN 2   1   ?   ?   ?   A . n 
A 1 3   VAL 3   2   2   VAL VAL A . n 
A 1 4   GLN 4   3   3   GLN GLN A . n 
A 1 5   LEU 5   4   4   LEU LEU A . n 
A 1 6   VAL 6   5   5   VAL VAL A . n 
A 1 7   GLU 7   6   6   GLU GLU A . n 
A 1 8   SER 8   7   7   SER SER A . n 
A 1 9   GLY 9   8   8   GLY GLY A . n 
A 1 10  GLY 10  9   9   GLY GLY A . n 
A 1 11  GLY 11  10  10  GLY GLY A . n 
A 1 12  LEU 12  11  11  LEU LEU A . n 
A 1 13  ALA 13  12  12  ALA ALA A . n 
A 1 14  GLN 14  13  13  GLN GLN A . n 
A 1 15  ALA 15  14  14  ALA ALA A . n 
A 1 16  GLY 16  15  15  GLY GLY A . n 
A 1 17  GLY 17  16  16  GLY GLY A . n 
A 1 18  SER 18  17  17  SER SER A . n 
A 1 19  LEU 19  18  18  LEU LEU A . n 
A 1 20  GLN 20  19  19  GLN GLN A . n 
A 1 21  LEU 21  20  20  LEU LEU A . n 
A 1 22  SER 22  21  21  SER SER A . n 
A 1 23  CYS 23  22  22  CYS CYS A . n 
A 1 24  ALA 24  23  23  ALA ALA A . n 
A 1 25  ALA 25  24  24  ALA ALA A . n 
A 1 26  SER 26  25  25  SER SER A . n 
A 1 27  GLY 27  26  26  GLY GLY A . n 
A 1 28  SER 28  27  27  SER SER A . n 
A 1 29  THR 29  28  28  THR THR A . n 
A 1 30  SER 30  29  29  SER SER A . n 
A 1 31  ARG 31  30  30  ARG ARG A . n 
A 1 32  VAL 32  31  31  VAL VAL A . n 
A 1 33  ASN 33  32  32  ASN ASN A . n 
A 1 34  ALA 34  33  33  ALA ALA A . n 
A 1 35  MET 35  34  34  MET MET A . n 
A 1 36  GLY 36  35  35  GLY GLY A . n 
A 1 37  TRP 37  36  36  TRP TRP A . n 
A 1 38  TYR 38  37  37  TYR TYR A . n 
A 1 39  ARG 39  38  38  ARG ARG A . n 
A 1 40  GLN 40  39  39  GLN GLN A . n 
A 1 41  THR 41  40  40  THR THR A . n 
A 1 42  PRO 42  41  41  PRO PRO A . n 
A 1 43  GLY 43  42  42  GLY GLY A . n 
A 1 44  LYS 44  43  43  LYS LYS A . n 
A 1 45  GLU 45  44  44  GLU GLU A . n 
A 1 46  ARG 46  45  45  ARG ARG A . n 
A 1 47  GLU 47  46  46  GLU GLU A . n 
A 1 48  LEU 48  47  47  LEU LEU A . n 
A 1 49  VAL 49  48  48  VAL VAL A . n 
A 1 50  ALA 50  49  49  ALA ALA A . n 
A 1 51  ALA 51  50  50  ALA ALA A . n 
A 1 52  ILE 52  51  51  ILE ILE A . n 
A 1 53  ASP 53  52  52  ASP ASP A . n 
A 1 54  ARG 54  53  53  ARG ARG A . n 
A 1 55  SER 55  54  54  SER SER A . n 
A 1 56  GLY 56  55  55  GLY GLY A . n 
A 1 57  ALA 57  56  56  ALA ALA A . n 
A 1 58  THR 58  57  57  THR THR A . n 
A 1 59  VAL 59  58  58  VAL VAL A . n 
A 1 60  TYR 60  59  59  TYR TYR A . n 
A 1 61  SER 61  60  60  SER SER A . n 
A 1 62  GLU 62  61  61  GLU GLU A . n 
A 1 63  SER 63  62  62  SER SER A . n 
A 1 64  VAL 64  63  63  VAL VAL A . n 
A 1 65  ARG 65  64  64  ARG ARG A . n 
A 1 66  GLY 66  65  65  GLY GLY A . n 
A 1 67  ARG 67  66  66  ARG ARG A . n 
A 1 68  PHE 68  67  67  PHE PHE A . n 
A 1 69  THR 69  68  68  THR THR A . n 
A 1 70  ILE 70  69  69  ILE ILE A . n 
A 1 71  SER 71  70  70  SER SER A . n 
A 1 72  LYS 72  71  71  LYS LYS A . n 
A 1 73  ASN 73  72  72  ASN ASN A . n 
A 1 74  ASP 74  73  73  ASP ASP A . n 
A 1 75  ALA 75  74  74  ALA ALA A . n 
A 1 76  LYS 76  75  75  LYS LYS A . n 
A 1 77  ASN 77  76  76  ASN ASN A . n 
A 1 78  ILE 78  77  77  ILE ILE A . n 
A 1 79  VAL 79  78  78  VAL VAL A . n 
A 1 80  TRP 80  79  79  TRP TRP A . n 
A 1 81  LEU 81  80  80  LEU LEU A . n 
A 1 82  GLN 82  81  81  GLN GLN A . n 
A 1 83  MET 83  82  82  MET MET A . n 
A 1 84  ASN 84  83  83  ASN ASN A . n 
A 1 85  ASN 85  84  84  ASN ASN A . n 
A 1 86  LEU 86  85  85  LEU LEU A . n 
A 1 87  THR 87  86  86  THR THR A . n 
A 1 88  THR 88  87  87  THR THR A . n 
A 1 89  GLU 89  88  88  GLU GLU A . n 
A 1 90  ASP 90  89  89  ASP ASP A . n 
A 1 91  THR 91  90  90  THR THR A . n 
A 1 92  ALA 92  91  91  ALA ALA A . n 
A 1 93  VAL 93  92  92  VAL VAL A . n 
A 1 94  TYR 94  93  93  TYR TYR A . n 
A 1 95  TYR 95  94  94  TYR TYR A . n 
A 1 96  CYS 96  95  95  CYS CYS A . n 
A 1 97  ARG 97  96  96  ARG ARG A . n 
A 1 98  SER 98  97  97  SER SER A . n 
A 1 99  GLY 99  98  98  GLY GLY A . n 
A 1 100 VAL 100 99  99  VAL VAL A . n 
A 1 101 LEU 101 100 100 LEU LEU A . n 
A 1 102 GLY 102 101 101 GLY GLY A . n 
A 1 103 SER 103 102 102 SER SER A . n 
A 1 104 TRP 104 103 103 TRP TRP A . n 
A 1 105 GLY 105 104 104 GLY GLY A . n 
A 1 106 LEU 106 105 105 LEU LEU A . n 
A 1 107 GLY 107 106 106 GLY GLY A . n 
A 1 108 THR 108 107 107 THR THR A . n 
A 1 109 GLN 109 108 108 GLN GLN A . n 
A 1 110 VAL 110 109 109 VAL VAL A . n 
A 1 111 THR 111 110 110 THR THR A . n 
A 1 112 VAL 112 111 111 VAL VAL A . n 
A 1 113 SER 113 112 112 SER SER A . n 
A 1 114 SER 114 113 113 SER SER A . n 
A 1 115 HIS 115 114 114 HIS HIS A . n 
A 1 116 HIS 116 115 ?   ?   ?   A . n 
A 1 117 HIS 117 116 ?   ?   ?   A . n 
A 1 118 HIS 118 117 ?   ?   ?   A . n 
A 1 119 HIS 119 118 ?   ?   ?   A . n 
A 1 120 HIS 120 119 ?   ?   ?   A . n 
# 
loop_
_pdbx_nonpoly_scheme.asym_id 
_pdbx_nonpoly_scheme.entity_id 
_pdbx_nonpoly_scheme.mon_id 
_pdbx_nonpoly_scheme.ndb_seq_num 
_pdbx_nonpoly_scheme.pdb_seq_num 
_pdbx_nonpoly_scheme.auth_seq_num 
_pdbx_nonpoly_scheme.pdb_mon_id 
_pdbx_nonpoly_scheme.auth_mon_id 
_pdbx_nonpoly_scheme.pdb_strand_id 
_pdbx_nonpoly_scheme.pdb_ins_code 
B 2 HOH 1  201 37 HOH HOH A . 
B 2 HOH 2  202 65 HOH HOH A . 
B 2 HOH 3  203 15 HOH HOH A . 
B 2 HOH 4  204 5  HOH HOH A . 
B 2 HOH 5  205 14 HOH HOH A . 
B 2 HOH 6  206 7  HOH HOH A . 
B 2 HOH 7  207 62 HOH HOH A . 
B 2 HOH 8  208 61 HOH HOH A . 
B 2 HOH 9  209 12 HOH HOH A . 
B 2 HOH 10 210 68 HOH HOH A . 
B 2 HOH 11 211 45 HOH HOH A . 
B 2 HOH 12 212 36 HOH HOH A . 
B 2 HOH 13 213 25 HOH HOH A . 
B 2 HOH 14 214 40 HOH HOH A . 
B 2 HOH 15 215 32 HOH HOH A . 
B 2 HOH 16 216 66 HOH HOH A . 
B 2 HOH 17 217 2  HOH HOH A . 
B 2 HOH 18 218 30 HOH HOH A . 
B 2 HOH 19 219 35 HOH HOH A . 
B 2 HOH 20 220 11 HOH HOH A . 
B 2 HOH 21 221 28 HOH HOH A . 
B 2 HOH 22 222 67 HOH HOH A . 
B 2 HOH 23 223 55 HOH HOH A . 
B 2 HOH 24 224 19 HOH HOH A . 
B 2 HOH 25 225 41 HOH HOH A . 
B 2 HOH 26 226 4  HOH HOH A . 
B 2 HOH 27 227 1  HOH HOH A . 
B 2 HOH 28 228 50 HOH HOH A . 
B 2 HOH 29 229 44 HOH HOH A . 
B 2 HOH 30 230 3  HOH HOH A . 
B 2 HOH 31 231 60 HOH HOH A . 
B 2 HOH 32 232 22 HOH HOH A . 
B 2 HOH 33 233 51 HOH HOH A . 
B 2 HOH 34 234 34 HOH HOH A . 
B 2 HOH 35 235 6  HOH HOH A . 
B 2 HOH 36 236 27 HOH HOH A . 
B 2 HOH 37 237 46 HOH HOH A . 
B 2 HOH 38 238 33 HOH HOH A . 
B 2 HOH 39 239 38 HOH HOH A . 
B 2 HOH 40 240 56 HOH HOH A . 
B 2 HOH 41 241 17 HOH HOH A . 
B 2 HOH 42 242 8  HOH HOH A . 
B 2 HOH 43 243 13 HOH HOH A . 
B 2 HOH 44 244 24 HOH HOH A . 
B 2 HOH 45 245 57 HOH HOH A . 
B 2 HOH 46 246 52 HOH HOH A . 
B 2 HOH 47 247 20 HOH HOH A . 
B 2 HOH 48 248 18 HOH HOH A . 
B 2 HOH 49 249 9  HOH HOH A . 
B 2 HOH 50 250 16 HOH HOH A . 
B 2 HOH 51 251 23 HOH HOH A . 
B 2 HOH 52 252 10 HOH HOH A . 
B 2 HOH 53 253 31 HOH HOH A . 
B 2 HOH 54 254 69 HOH HOH A . 
B 2 HOH 55 255 42 HOH HOH A . 
B 2 HOH 56 256 26 HOH HOH A . 
B 2 HOH 57 257 58 HOH HOH A . 
B 2 HOH 58 258 54 HOH HOH A . 
B 2 HOH 59 259 21 HOH HOH A . 
B 2 HOH 60 260 29 HOH HOH A . 
B 2 HOH 61 261 43 HOH HOH A . 
# 
loop_
_software.citation_id 
_software.classification 
_software.compiler_name 
_software.compiler_version 
_software.contact_author 
_software.contact_author_email 
_software.date 
_software.description 
_software.dependencies 
_software.hardware 
_software.language 
_software.location 
_software.mods 
_software.name 
_software.os 
_software.os_version 
_software.type 
_software.version 
_software.pdbx_ordinal 
? refinement       ? ? ? ? ? ? ? ? ? ? ? PHENIX  ? ? ? 1.20.1_4487 1 
? 'data scaling'   ? ? ? ? ? ? ? ? ? ? ? Aimless ? ? ? .           2 
? 'data reduction' ? ? ? ? ? ? ? ? ? ? ? XDS     ? ? ? .           3 
? phasing          ? ? ? ? ? ? ? ? ? ? ? PHASER  ? ? ? .           4 
# 
_cell.angle_alpha                  90.000 
_cell.angle_alpha_esd              ? 
_cell.angle_beta                   106.990 
_cell.angle_beta_esd               ? 
_cell.angle_gamma                  90.000 
_cell.angle_gamma_esd              ? 
_cell.entry_id                     8V9Y 
_cell.details                      ? 
_cell.formula_units_Z              ? 
_cell.length_a                     91.243 
_cell.length_a_esd                 ? 
_cell.length_b                     26.858 
_cell.length_b_esd                 ? 
_cell.length_c                     36.962 
_cell.length_c_esd                 ? 
_cell.volume                       86625.982 
_cell.volume_esd                   ? 
_cell.Z_PDB                        4 
_cell.reciprocal_angle_alpha       ? 
_cell.reciprocal_angle_beta        ? 
_cell.reciprocal_angle_gamma       ? 
_cell.reciprocal_angle_alpha_esd   ? 
_cell.reciprocal_angle_beta_esd    ? 
_cell.reciprocal_angle_gamma_esd   ? 
_cell.reciprocal_length_a          ? 
_cell.reciprocal_length_b          ? 
_cell.reciprocal_length_c          ? 
_cell.reciprocal_length_a_esd      ? 
_cell.reciprocal_length_b_esd      ? 
_cell.reciprocal_length_c_esd      ? 
_cell.pdbx_unique_axis             ? 
_cell.pdbx_esd_method              ? 
# 
_symmetry.entry_id                         8V9Y 
_symmetry.cell_setting                     ? 
_symmetry.Int_Tables_number                5 
_symmetry.space_group_name_Hall            'C 2y' 
_symmetry.space_group_name_H-M             'C 1 2 1' 
_symmetry.pdbx_full_space_group_name_H-M   ? 
# 
_exptl.absorpt_coefficient_mu     ? 
_exptl.absorpt_correction_T_max   ? 
_exptl.absorpt_correction_T_min   ? 
_exptl.absorpt_correction_type    ? 
_exptl.absorpt_process_details    ? 
_exptl.entry_id                   8V9Y 
_exptl.crystals_number            1 
_exptl.details                    ? 
_exptl.method                     'X-RAY DIFFRACTION' 
_exptl.method_details             ? 
# 
_exptl_crystal.colour                       ? 
_exptl_crystal.density_diffrn               ? 
_exptl_crystal.density_Matthews             1.67 
_exptl_crystal.density_method               ? 
_exptl_crystal.density_percent_sol          26.53 
_exptl_crystal.description                  ? 
_exptl_crystal.F_000                        ? 
_exptl_crystal.id                           1 
_exptl_crystal.preparation                  ? 
_exptl_crystal.size_max                     ? 
_exptl_crystal.size_mid                     ? 
_exptl_crystal.size_min                     ? 
_exptl_crystal.size_rad                     ? 
_exptl_crystal.colour_lustre                ? 
_exptl_crystal.colour_modifier              ? 
_exptl_crystal.colour_primary               ? 
_exptl_crystal.density_meas                 ? 
_exptl_crystal.density_meas_esd             ? 
_exptl_crystal.density_meas_gt              ? 
_exptl_crystal.density_meas_lt              ? 
_exptl_crystal.density_meas_temp            ? 
_exptl_crystal.density_meas_temp_esd        ? 
_exptl_crystal.density_meas_temp_gt         ? 
_exptl_crystal.density_meas_temp_lt         ? 
_exptl_crystal.pdbx_crystal_image_url       ? 
_exptl_crystal.pdbx_crystal_image_format    ? 
_exptl_crystal.pdbx_mosaicity               ? 
_exptl_crystal.pdbx_mosaicity_esd           ? 
_exptl_crystal.pdbx_mosaic_method           ? 
_exptl_crystal.pdbx_mosaic_block_size       ? 
_exptl_crystal.pdbx_mosaic_block_size_esd   ? 
# 
_exptl_crystal_grow.apparatus       ? 
_exptl_crystal_grow.atmosphere      ? 
_exptl_crystal_grow.crystal_id      1 
_exptl_crystal_grow.details         ? 
_exptl_crystal_grow.method          'VAPOR DIFFUSION, SITTING DROP' 
_exptl_crystal_grow.method_ref      ? 
_exptl_crystal_grow.pH              ? 
_exptl_crystal_grow.pressure        ? 
_exptl_crystal_grow.pressure_esd    ? 
_exptl_crystal_grow.seeding         ? 
_exptl_crystal_grow.seeding_ref     ? 
_exptl_crystal_grow.temp_details    ? 
_exptl_crystal_grow.temp_esd        ? 
_exptl_crystal_grow.time            ? 
_exptl_crystal_grow.pdbx_details    
;RD22EH53, G4.1

20 w/v polyethylene glycol monomethyl ether 2000, 0.1 M Tris pH8.5, 0.2 M Trimethylamine N-oxide
;
_exptl_crystal_grow.pdbx_pH_range   ? 
_exptl_crystal_grow.temp            295 
# 
_diffrn.ambient_environment              ? 
_diffrn.ambient_temp                     100 
_diffrn.ambient_temp_details             ? 
_diffrn.ambient_temp_esd                 ? 
_diffrn.crystal_id                       1 
_diffrn.crystal_support                  ? 
_diffrn.crystal_treatment                ? 
_diffrn.details                          ? 
_diffrn.id                               1 
_diffrn.ambient_pressure                 ? 
_diffrn.ambient_pressure_esd             ? 
_diffrn.ambient_pressure_gt              ? 
_diffrn.ambient_pressure_lt              ? 
_diffrn.ambient_temp_gt                  ? 
_diffrn.ambient_temp_lt                  ? 
_diffrn.pdbx_serial_crystal_experiment   N 
# 
_diffrn_detector.details                      ? 
_diffrn_detector.detector                     PIXEL 
_diffrn_detector.diffrn_id                    1 
_diffrn_detector.type                         'DECTRIS EIGER X 16M' 
_diffrn_detector.area_resol_mean              ? 
_diffrn_detector.dtime                        ? 
_diffrn_detector.pdbx_frames_total            ? 
_diffrn_detector.pdbx_collection_time_total   ? 
_diffrn_detector.pdbx_collection_date         2022-06-10 
_diffrn_detector.pdbx_frequency               ? 
_diffrn_detector.id                           ? 
_diffrn_detector.number_of_axes               ? 
# 
_diffrn_radiation.collimation                      ? 
_diffrn_radiation.diffrn_id                        1 
_diffrn_radiation.filter_edge                      ? 
_diffrn_radiation.inhomogeneity                    ? 
_diffrn_radiation.monochromator                    ? 
_diffrn_radiation.polarisn_norm                    ? 
_diffrn_radiation.polarisn_ratio                   ? 
_diffrn_radiation.probe                            ? 
_diffrn_radiation.type                             ? 
_diffrn_radiation.xray_symbol                      ? 
_diffrn_radiation.wavelength_id                    1 
_diffrn_radiation.pdbx_monochromatic_or_laue_m_l   M 
_diffrn_radiation.pdbx_wavelength_list             ? 
_diffrn_radiation.pdbx_wavelength                  ? 
_diffrn_radiation.pdbx_diffrn_protocol             'SINGLE WAVELENGTH' 
_diffrn_radiation.pdbx_analyzer                    ? 
_diffrn_radiation.pdbx_scattering_type             x-ray 
# 
_diffrn_radiation_wavelength.id           1 
_diffrn_radiation_wavelength.wavelength   0.9792 
_diffrn_radiation_wavelength.wt           1.0 
# 
_diffrn_source.current                     ? 
_diffrn_source.details                     ? 
_diffrn_source.diffrn_id                   1 
_diffrn_source.power                       ? 
_diffrn_source.size                        ? 
_diffrn_source.source                      SYNCHROTRON 
_diffrn_source.target                      ? 
_diffrn_source.type                        'APS BEAMLINE 24-ID-E' 
_diffrn_source.voltage                     ? 
_diffrn_source.take-off_angle              ? 
_diffrn_source.pdbx_wavelength_list        0.9792 
_diffrn_source.pdbx_wavelength             ? 
_diffrn_source.pdbx_synchrotron_beamline   24-ID-E 
_diffrn_source.pdbx_synchrotron_site       APS 
# 
_reflns.B_iso_Wilson_estimate                          14.27 
_reflns.entry_id                                       8V9Y 
_reflns.data_reduction_details                         ? 
_reflns.data_reduction_method                          ? 
_reflns.d_resolution_high                              1.76 
_reflns.d_resolution_low                               43.63 
_reflns.details                                        ? 
_reflns.limit_h_max                                    ? 
_reflns.limit_h_min                                    ? 
_reflns.limit_k_max                                    ? 
_reflns.limit_k_min                                    ? 
_reflns.limit_l_max                                    ? 
_reflns.limit_l_min                                    ? 
_reflns.number_all                                     ? 
_reflns.number_obs                                     7992 
_reflns.observed_criterion                             ? 
_reflns.observed_criterion_F_max                       ? 
_reflns.observed_criterion_F_min                       ? 
_reflns.observed_criterion_I_max                       ? 
_reflns.observed_criterion_I_min                       ? 
_reflns.observed_criterion_sigma_F                     ? 
_reflns.observed_criterion_sigma_I                     ? 
_reflns.percent_possible_obs                           91.4 
_reflns.R_free_details                                 ? 
_reflns.Rmerge_F_all                                   ? 
_reflns.Rmerge_F_obs                                   ? 
_reflns.Friedel_coverage                               ? 
_reflns.number_gt                                      ? 
_reflns.threshold_expression                           ? 
_reflns.pdbx_redundancy                                3.6 
_reflns.pdbx_netI_over_av_sigmaI                       ? 
_reflns.pdbx_netI_over_sigmaI                          10.4 
_reflns.pdbx_res_netI_over_av_sigmaI_2                 ? 
_reflns.pdbx_res_netI_over_sigmaI_2                    ? 
_reflns.pdbx_chi_squared                               ? 
_reflns.pdbx_scaling_rejects                           ? 
_reflns.pdbx_d_res_high_opt                            ? 
_reflns.pdbx_d_res_low_opt                             ? 
_reflns.pdbx_d_res_opt_method                          ? 
_reflns.phase_calculation_details                      ? 
_reflns.pdbx_Rrim_I_all                                0.070 
_reflns.pdbx_Rpim_I_all                                0.035 
_reflns.pdbx_d_opt                                     ? 
_reflns.pdbx_number_measured_all                       ? 
_reflns.pdbx_diffrn_id                                 1 
_reflns.pdbx_ordinal                                   1 
_reflns.pdbx_CC_half                                   0.998 
_reflns.pdbx_CC_star                                   ? 
_reflns.pdbx_R_split                                   ? 
_reflns.pdbx_Rmerge_I_obs                              0.061 
_reflns.pdbx_Rmerge_I_all                              ? 
_reflns.pdbx_Rsym_value                                ? 
_reflns.pdbx_CC_split_method                           ? 
_reflns.pdbx_aniso_diffraction_limit_axis_1_ortho[1]   ? 
_reflns.pdbx_aniso_diffraction_limit_axis_1_ortho[2]   ? 
_reflns.pdbx_aniso_diffraction_limit_axis_1_ortho[3]   ? 
_reflns.pdbx_aniso_diffraction_limit_axis_2_ortho[1]   ? 
_reflns.pdbx_aniso_diffraction_limit_axis_2_ortho[2]   ? 
_reflns.pdbx_aniso_diffraction_limit_axis_2_ortho[3]   ? 
_reflns.pdbx_aniso_diffraction_limit_axis_3_ortho[1]   ? 
_reflns.pdbx_aniso_diffraction_limit_axis_3_ortho[2]   ? 
_reflns.pdbx_aniso_diffraction_limit_axis_3_ortho[3]   ? 
_reflns.pdbx_aniso_diffraction_limit_1                 ? 
_reflns.pdbx_aniso_diffraction_limit_2                 ? 
_reflns.pdbx_aniso_diffraction_limit_3                 ? 
_reflns.pdbx_aniso_B_tensor_eigenvector_1_ortho[1]     ? 
_reflns.pdbx_aniso_B_tensor_eigenvector_1_ortho[2]     ? 
_reflns.pdbx_aniso_B_tensor_eigenvector_1_ortho[3]     ? 
_reflns.pdbx_aniso_B_tensor_eigenvector_2_ortho[1]     ? 
_reflns.pdbx_aniso_B_tensor_eigenvector_2_ortho[2]     ? 
_reflns.pdbx_aniso_B_tensor_eigenvector_2_ortho[3]     ? 
_reflns.pdbx_aniso_B_tensor_eigenvector_3_ortho[1]     ? 
_reflns.pdbx_aniso_B_tensor_eigenvector_3_ortho[2]     ? 
_reflns.pdbx_aniso_B_tensor_eigenvector_3_ortho[3]     ? 
_reflns.pdbx_aniso_B_tensor_eigenvalue_1               ? 
_reflns.pdbx_aniso_B_tensor_eigenvalue_2               ? 
_reflns.pdbx_aniso_B_tensor_eigenvalue_3               ? 
_reflns.pdbx_orthogonalization_convention              ? 
_reflns.pdbx_percent_possible_ellipsoidal              ? 
_reflns.pdbx_percent_possible_spherical                ? 
_reflns.pdbx_percent_possible_ellipsoidal_anomalous    ? 
_reflns.pdbx_percent_possible_spherical_anomalous      ? 
_reflns.pdbx_redundancy_anomalous                      ? 
_reflns.pdbx_CC_half_anomalous                         ? 
_reflns.pdbx_absDiff_over_sigma_anomalous              ? 
_reflns.pdbx_percent_possible_anomalous                ? 
_reflns.pdbx_observed_signal_threshold                 ? 
_reflns.pdbx_signal_type                               ? 
_reflns.pdbx_signal_details                            ? 
_reflns.pdbx_signal_software_id                        ? 
# 
_reflns_shell.d_res_high                                    1.76 
_reflns_shell.d_res_low                                     1.81 
_reflns_shell.meanI_over_sigI_all                           ? 
_reflns_shell.meanI_over_sigI_obs                           ? 
_reflns_shell.number_measured_all                           ? 
_reflns_shell.number_measured_obs                           ? 
_reflns_shell.number_possible                               ? 
_reflns_shell.number_unique_all                             ? 
_reflns_shell.number_unique_obs                             400 
_reflns_shell.percent_possible_obs                          ? 
_reflns_shell.Rmerge_F_all                                  ? 
_reflns_shell.Rmerge_F_obs                                  ? 
_reflns_shell.meanI_over_sigI_gt                            ? 
_reflns_shell.meanI_over_uI_all                             ? 
_reflns_shell.meanI_over_uI_gt                              ? 
_reflns_shell.number_measured_gt                            ? 
_reflns_shell.number_unique_gt                              ? 
_reflns_shell.percent_possible_gt                           ? 
_reflns_shell.Rmerge_F_gt                                   ? 
_reflns_shell.Rmerge_I_gt                                   ? 
_reflns_shell.pdbx_redundancy                               2.2 
_reflns_shell.pdbx_chi_squared                              ? 
_reflns_shell.pdbx_netI_over_sigmaI_all                     ? 
_reflns_shell.pdbx_netI_over_sigmaI_obs                     ? 
_reflns_shell.pdbx_Rrim_I_all                               0.226 
_reflns_shell.pdbx_Rpim_I_all                               0.359 
_reflns_shell.pdbx_rejects                                  ? 
_reflns_shell.pdbx_ordinal                                  1 
_reflns_shell.pdbx_diffrn_id                                1 
_reflns_shell.pdbx_CC_half                                  0.901 
_reflns_shell.pdbx_CC_star                                  ? 
_reflns_shell.pdbx_R_split                                  ? 
_reflns_shell.percent_possible_all                          ? 
_reflns_shell.Rmerge_I_all                                  ? 
_reflns_shell.Rmerge_I_obs                                  0.278 
_reflns_shell.pdbx_Rsym_value                               ? 
_reflns_shell.pdbx_percent_possible_ellipsoidal             ? 
_reflns_shell.pdbx_percent_possible_spherical               ? 
_reflns_shell.pdbx_percent_possible_ellipsoidal_anomalous   ? 
_reflns_shell.pdbx_percent_possible_spherical_anomalous     ? 
_reflns_shell.pdbx_redundancy_anomalous                     ? 
_reflns_shell.pdbx_CC_half_anomalous                        ? 
_reflns_shell.pdbx_absDiff_over_sigma_anomalous             ? 
_reflns_shell.pdbx_percent_possible_anomalous               ? 
# 
_refine.aniso_B[1][1]                            ? 
_refine.aniso_B[1][2]                            ? 
_refine.aniso_B[1][3]                            ? 
_refine.aniso_B[2][2]                            ? 
_refine.aniso_B[2][3]                            ? 
_refine.aniso_B[3][3]                            ? 
_refine.B_iso_max                                ? 
_refine.B_iso_mean                               20.92 
_refine.B_iso_min                                ? 
_refine.correlation_coeff_Fo_to_Fc               ? 
_refine.correlation_coeff_Fo_to_Fc_free          ? 
_refine.details                                  ? 
_refine.diff_density_max                         ? 
_refine.diff_density_max_esd                     ? 
_refine.diff_density_min                         ? 
_refine.diff_density_min_esd                     ? 
_refine.diff_density_rms                         ? 
_refine.diff_density_rms_esd                     ? 
_refine.entry_id                                 8V9Y 
_refine.pdbx_refine_id                           'X-RAY DIFFRACTION' 
_refine.ls_abs_structure_details                 ? 
_refine.ls_abs_structure_Flack                   ? 
_refine.ls_abs_structure_Flack_esd               ? 
_refine.ls_abs_structure_Rogers                  ? 
_refine.ls_abs_structure_Rogers_esd              ? 
_refine.ls_d_res_high                            1.76 
_refine.ls_d_res_low                             43.63 
_refine.ls_extinction_coef                       ? 
_refine.ls_extinction_coef_esd                   ? 
_refine.ls_extinction_expression                 ? 
_refine.ls_extinction_method                     ? 
_refine.ls_goodness_of_fit_all                   ? 
_refine.ls_goodness_of_fit_all_esd               ? 
_refine.ls_goodness_of_fit_obs                   ? 
_refine.ls_goodness_of_fit_obs_esd               ? 
_refine.ls_hydrogen_treatment                    ? 
_refine.ls_matrix_type                           ? 
_refine.ls_number_constraints                    ? 
_refine.ls_number_parameters                     ? 
_refine.ls_number_reflns_all                     ? 
_refine.ls_number_reflns_obs                     7988 
_refine.ls_number_reflns_R_free                  404 
_refine.ls_number_reflns_R_work                  7584 
_refine.ls_number_restraints                     ? 
_refine.ls_percent_reflns_obs                    91.14 
_refine.ls_percent_reflns_R_free                 5.06 
_refine.ls_R_factor_all                          ? 
_refine.ls_R_factor_obs                          0.1930 
_refine.ls_R_factor_R_free                       0.2321 
_refine.ls_R_factor_R_free_error                 ? 
_refine.ls_R_factor_R_free_error_details         ? 
_refine.ls_R_factor_R_work                       0.1910 
_refine.ls_R_Fsqd_factor_obs                     ? 
_refine.ls_R_I_factor_obs                        ? 
_refine.ls_redundancy_reflns_all                 ? 
_refine.ls_redundancy_reflns_obs                 ? 
_refine.ls_restrained_S_all                      ? 
_refine.ls_restrained_S_obs                      ? 
_refine.ls_shift_over_esd_max                    ? 
_refine.ls_shift_over_esd_mean                   ? 
_refine.ls_structure_factor_coef                 ? 
_refine.ls_weighting_details                     ? 
_refine.ls_weighting_scheme                      ? 
_refine.ls_wR_factor_all                         ? 
_refine.ls_wR_factor_obs                         ? 
_refine.ls_wR_factor_R_free                      ? 
_refine.ls_wR_factor_R_work                      ? 
_refine.occupancy_max                            ? 
_refine.occupancy_min                            ? 
_refine.solvent_model_details                    'FLAT BULK SOLVENT MODEL' 
_refine.solvent_model_param_bsol                 ? 
_refine.solvent_model_param_ksol                 ? 
_refine.pdbx_R_complete                          ? 
_refine.ls_R_factor_gt                           ? 
_refine.ls_goodness_of_fit_gt                    ? 
_refine.ls_goodness_of_fit_ref                   ? 
_refine.ls_shift_over_su_max                     ? 
_refine.ls_shift_over_su_max_lt                  ? 
_refine.ls_shift_over_su_mean                    ? 
_refine.ls_shift_over_su_mean_lt                 ? 
_refine.pdbx_ls_sigma_I                          ? 
_refine.pdbx_ls_sigma_F                          1.41 
_refine.pdbx_ls_sigma_Fsqd                       ? 
_refine.pdbx_data_cutoff_high_absF               ? 
_refine.pdbx_data_cutoff_high_rms_absF           ? 
_refine.pdbx_data_cutoff_low_absF                ? 
_refine.pdbx_isotropic_thermal_model             ? 
_refine.pdbx_ls_cross_valid_method               'FREE R-VALUE' 
_refine.pdbx_method_to_determine_struct          'MOLECULAR REPLACEMENT' 
_refine.pdbx_starting_model                      ? 
_refine.pdbx_stereochemistry_target_values       'GeoStd + Monomer Library + CDL v1.2' 
_refine.pdbx_R_Free_selection_details            ? 
_refine.pdbx_stereochem_target_val_spec_case     ? 
_refine.pdbx_overall_ESU_R                       ? 
_refine.pdbx_overall_ESU_R_Free                  ? 
_refine.pdbx_solvent_vdw_probe_radii             1.1000 
_refine.pdbx_solvent_ion_probe_radii             ? 
_refine.pdbx_solvent_shrinkage_radii             0.9000 
_refine.pdbx_real_space_R                        ? 
_refine.pdbx_density_correlation                 ? 
_refine.pdbx_pd_number_of_powder_patterns        ? 
_refine.pdbx_pd_number_of_points                 ? 
_refine.pdbx_pd_meas_number_of_points            ? 
_refine.pdbx_pd_proc_ls_prof_R_factor            ? 
_refine.pdbx_pd_proc_ls_prof_wR_factor           ? 
_refine.pdbx_pd_Marquardt_correlation_coeff      ? 
_refine.pdbx_pd_Fsqrd_R_factor                   ? 
_refine.pdbx_pd_ls_matrix_band_width             ? 
_refine.pdbx_overall_phase_error                 25.1477 
_refine.pdbx_overall_SU_R_free_Cruickshank_DPI   ? 
_refine.pdbx_overall_SU_R_free_Blow_DPI          ? 
_refine.pdbx_overall_SU_R_Blow_DPI               ? 
_refine.pdbx_TLS_residual_ADP_flag               ? 
_refine.pdbx_diffrn_id                           1 
_refine.overall_SU_B                             ? 
_refine.overall_SU_ML                            0.2295 
_refine.overall_SU_R_Cruickshank_DPI             ? 
_refine.overall_SU_R_free                        ? 
_refine.overall_FOM_free_R_set                   ? 
_refine.overall_FOM_work_R_set                   ? 
_refine.pdbx_average_fsc_overall                 ? 
_refine.pdbx_average_fsc_work                    ? 
_refine.pdbx_average_fsc_free                    ? 
# 
_refine_hist.pdbx_refine_id                   'X-RAY DIFFRACTION' 
_refine_hist.cycle_id                         LAST 
_refine_hist.details                          ? 
_refine_hist.d_res_high                       1.76 
_refine_hist.d_res_low                        43.63 
_refine_hist.number_atoms_solvent             61 
_refine_hist.number_atoms_total               900 
_refine_hist.number_reflns_all                ? 
_refine_hist.number_reflns_obs                ? 
_refine_hist.number_reflns_R_free             ? 
_refine_hist.number_reflns_R_work             ? 
_refine_hist.R_factor_all                     ? 
_refine_hist.R_factor_obs                     ? 
_refine_hist.R_factor_R_free                  ? 
_refine_hist.R_factor_R_work                  ? 
_refine_hist.pdbx_number_residues_total       ? 
_refine_hist.pdbx_B_iso_mean_ligand           ? 
_refine_hist.pdbx_B_iso_mean_solvent          ? 
_refine_hist.pdbx_number_atoms_protein        839 
_refine_hist.pdbx_number_atoms_nucleic_acid   0 
_refine_hist.pdbx_number_atoms_ligand         0 
_refine_hist.pdbx_number_atoms_lipid          ? 
_refine_hist.pdbx_number_atoms_carb           ? 
_refine_hist.pdbx_pseudo_atom_details         ? 
# 
loop_
_refine_ls_restr.pdbx_refine_id 
_refine_ls_restr.criterion 
_refine_ls_restr.dev_ideal 
_refine_ls_restr.dev_ideal_target 
_refine_ls_restr.number 
_refine_ls_restr.rejects 
_refine_ls_restr.type 
_refine_ls_restr.weight 
_refine_ls_restr.pdbx_restraint_function 
'X-RAY DIFFRACTION' ? 0.0033  ? 872  ? f_bond_d           ? ? 
'X-RAY DIFFRACTION' ? 0.5993  ? 1185 ? f_angle_d          ? ? 
'X-RAY DIFFRACTION' ? 0.0448  ? 134  ? f_chiral_restr     ? ? 
'X-RAY DIFFRACTION' ? 0.0041  ? 154  ? f_plane_restr      ? ? 
'X-RAY DIFFRACTION' ? 13.2978 ? 308  ? f_dihedral_angle_d ? ? 
# 
loop_
_refine_ls_shell.pdbx_refine_id 
_refine_ls_shell.d_res_high 
_refine_ls_shell.d_res_low 
_refine_ls_shell.number_reflns_all 
_refine_ls_shell.number_reflns_obs 
_refine_ls_shell.number_reflns_R_free 
_refine_ls_shell.number_reflns_R_work 
_refine_ls_shell.percent_reflns_obs 
_refine_ls_shell.percent_reflns_R_free 
_refine_ls_shell.R_factor_all 
_refine_ls_shell.R_factor_obs 
_refine_ls_shell.R_factor_R_free_error 
_refine_ls_shell.R_factor_R_work 
_refine_ls_shell.redundancy_reflns_all 
_refine_ls_shell.redundancy_reflns_obs 
_refine_ls_shell.wR_factor_all 
_refine_ls_shell.wR_factor_obs 
_refine_ls_shell.wR_factor_R_free 
_refine_ls_shell.wR_factor_R_work 
_refine_ls_shell.pdbx_R_complete 
_refine_ls_shell.pdbx_total_number_of_bins_used 
_refine_ls_shell.pdbx_phase_error 
_refine_ls_shell.pdbx_fsc_work 
_refine_ls_shell.pdbx_fsc_free 
_refine_ls_shell.R_factor_R_free 
'X-RAY DIFFRACTION' 1.76 1.79  . . 13 208 52.37  . . . . 0.2581 . . . . . . . . . . . 0.1640 
'X-RAY DIFFRACTION' 1.79 1.82  . . 14 287 69.04  . . . . 0.1970 . . . . . . . . . . . 0.3112 
'X-RAY DIFFRACTION' 1.82 1.85  . . 22 302 76.42  . . . . 0.1999 . . . . . . . . . . . 0.2015 
'X-RAY DIFFRACTION' 1.85 1.89  . . 23 362 87.70  . . . . 0.2080 . . . . . . . . . . . 0.2554 
'X-RAY DIFFRACTION' 1.89 1.93  . . 17 374 90.72  . . . . 0.2151 . . . . . . . . . . . 0.2945 
'X-RAY DIFFRACTION' 1.93 1.98  . . 23 411 98.86  . . . . 0.1732 . . . . . . . . . . . 0.2679 
'X-RAY DIFFRACTION' 1.98 2.03  . . 22 389 99.28  . . . . 0.1962 . . . . . . . . . . . 0.3000 
'X-RAY DIFFRACTION' 2.03 2.08  . . 19 432 99.56  . . . . 0.2075 . . . . . . . . . . . 0.1390 
'X-RAY DIFFRACTION' 2.08 2.14  . . 17 413 99.31  . . . . 0.2133 . . . . . . . . . . . 0.2598 
'X-RAY DIFFRACTION' 2.14 2.21  . . 22 392 99.76  . . . . 0.1874 . . . . . . . . . . . 0.2689 
'X-RAY DIFFRACTION' 2.21 2.29  . . 29 358 85.43  . . . . 0.1998 . . . . . . . . . . . 0.2554 
'X-RAY DIFFRACTION' 2.29 2.38  . . 22 403 98.61  . . . . 0.1971 . . . . . . . . . . . 0.2199 
'X-RAY DIFFRACTION' 2.38 2.49  . . 18 405 97.92  . . . . 0.2172 . . . . . . . . . . . 0.2521 
'X-RAY DIFFRACTION' 2.49 2.62  . . 16 436 100.00 . . . . 0.1957 . . . . . . . . . . . 0.1926 
'X-RAY DIFFRACTION' 2.62 2.79  . . 24 408 100.00 . . . . 0.1881 . . . . . . . . . . . 0.1955 
'X-RAY DIFFRACTION' 2.79 3.00  . . 16 427 100.00 . . . . 0.2029 . . . . . . . . . . . 0.2352 
'X-RAY DIFFRACTION' 3.00 3.31  . . 25 412 100.00 . . . . 0.1811 . . . . . . . . . . . 0.2657 
'X-RAY DIFFRACTION' 3.31 3.78  . . 20 339 79.07  . . . . 0.1630 . . . . . . . . . . . 0.2288 
'X-RAY DIFFRACTION' 3.79 4.77  . . 22 381 89.96  . . . . 0.1633 . . . . . . . . . . . 0.1787 
'X-RAY DIFFRACTION' 4.80 43.63 . . 20 445 98.31  . . . . 0.1951 . . . . . . . . . . . 0.2419 
# 
_struct.entry_id                     8V9Y 
_struct.title                        'X-ray crystal structure of nanobody JGFN4' 
_struct.pdbx_model_details           ? 
_struct.pdbx_formula_weight          ? 
_struct.pdbx_formula_weight_method   ? 
_struct.pdbx_model_type_details      ? 
_struct.pdbx_CASP_flag               N 
# 
_struct_keywords.entry_id        8V9Y 
_struct_keywords.text            ANTITOXIN 
_struct_keywords.pdbx_keywords   ANTITOXIN 
# 
loop_
_struct_asym.id 
_struct_asym.pdbx_blank_PDB_chainid_flag 
_struct_asym.pdbx_modified 
_struct_asym.entity_id 
_struct_asym.details 
A N N 1 ? 
B N N 2 ? 
# 
_struct_ref.id                         1 
_struct_ref.db_name                    PDB 
_struct_ref.db_code                    8V9Y 
_struct_ref.pdbx_db_accession          8V9Y 
_struct_ref.pdbx_db_isoform            ? 
_struct_ref.entity_id                  1 
_struct_ref.pdbx_seq_one_letter_code   ? 
_struct_ref.pdbx_align_begin           1 
# 
_struct_ref_seq.align_id                      1 
_struct_ref_seq.ref_id                        1 
_struct_ref_seq.pdbx_PDB_id_code              8V9Y 
_struct_ref_seq.pdbx_strand_id                A 
_struct_ref_seq.seq_align_beg                 1 
_struct_ref_seq.pdbx_seq_align_beg_ins_code   ? 
_struct_ref_seq.seq_align_end                 120 
_struct_ref_seq.pdbx_seq_align_end_ins_code   ? 
_struct_ref_seq.pdbx_db_accession             8V9Y 
_struct_ref_seq.db_align_beg                  0 
_struct_ref_seq.pdbx_db_align_beg_ins_code    ? 
_struct_ref_seq.db_align_end                  119 
_struct_ref_seq.pdbx_db_align_end_ins_code    ? 
_struct_ref_seq.pdbx_auth_seq_align_beg       0 
_struct_ref_seq.pdbx_auth_seq_align_end       119 
# 
_pdbx_struct_assembly.id                   1 
_pdbx_struct_assembly.details              author_defined_assembly 
_pdbx_struct_assembly.method_details       ? 
_pdbx_struct_assembly.oligomeric_details   monomeric 
_pdbx_struct_assembly.oligomeric_count     1 
# 
_pdbx_struct_assembly_gen.assembly_id       1 
_pdbx_struct_assembly_gen.oper_expression   1 
_pdbx_struct_assembly_gen.asym_id_list      A,B 
# 
_pdbx_struct_assembly_auth_evidence.id                     1 
_pdbx_struct_assembly_auth_evidence.assembly_id            1 
_pdbx_struct_assembly_auth_evidence.experimental_support   'gel filtration' 
_pdbx_struct_assembly_auth_evidence.details                ? 
# 
_pdbx_struct_oper_list.id                   1 
_pdbx_struct_oper_list.type                 'identity operation' 
_pdbx_struct_oper_list.name                 1_555 
_pdbx_struct_oper_list.symmetry_operation   x,y,z 
_pdbx_struct_oper_list.matrix[1][1]         1.0000000000 
_pdbx_struct_oper_list.matrix[1][2]         0.0000000000 
_pdbx_struct_oper_list.matrix[1][3]         0.0000000000 
_pdbx_struct_oper_list.vector[1]            0.0000000000 
_pdbx_struct_oper_list.matrix[2][1]         0.0000000000 
_pdbx_struct_oper_list.matrix[2][2]         1.0000000000 
_pdbx_struct_oper_list.matrix[2][3]         0.0000000000 
_pdbx_struct_oper_list.vector[2]            0.0000000000 
_pdbx_struct_oper_list.matrix[3][1]         0.0000000000 
_pdbx_struct_oper_list.matrix[3][2]         0.0000000000 
_pdbx_struct_oper_list.matrix[3][3]         1.0000000000 
_pdbx_struct_oper_list.vector[3]            0.0000000000 
# 
_struct_conf.conf_type_id            HELX_P 
_struct_conf.id                      HELX_P1 
_struct_conf.pdbx_PDB_helix_id       AA1 
_struct_conf.beg_label_comp_id       THR 
_struct_conf.beg_label_asym_id       A 
_struct_conf.beg_label_seq_id        87 
_struct_conf.pdbx_beg_PDB_ins_code   ? 
_struct_conf.end_label_comp_id       THR 
_struct_conf.end_label_asym_id       A 
_struct_conf.end_label_seq_id        91 
_struct_conf.pdbx_end_PDB_ins_code   ? 
_struct_conf.beg_auth_comp_id        THR 
_struct_conf.beg_auth_asym_id        A 
_struct_conf.beg_auth_seq_id         86 
_struct_conf.end_auth_comp_id        THR 
_struct_conf.end_auth_asym_id        A 
_struct_conf.end_auth_seq_id         90 
_struct_conf.pdbx_PDB_helix_class    5 
_struct_conf.details                 ? 
_struct_conf.pdbx_PDB_helix_length   5 
# 
_struct_conf_type.id          HELX_P 
_struct_conf_type.criteria    ? 
_struct_conf_type.reference   ? 
# 
loop_
_struct_conn.id 
_struct_conn.conn_type_id 
_struct_conn.pdbx_leaving_atom_flag 
_struct_conn.pdbx_PDB_id 
_struct_conn.ptnr1_label_asym_id 
_struct_conn.ptnr1_label_comp_id 
_struct_conn.ptnr1_label_seq_id 
_struct_conn.ptnr1_label_atom_id 
_struct_conn.pdbx_ptnr1_label_alt_id 
_struct_conn.pdbx_ptnr1_PDB_ins_code 
_struct_conn.pdbx_ptnr1_standard_comp_id 
_struct_conn.ptnr1_symmetry 
_struct_conn.ptnr2_label_asym_id 
_struct_conn.ptnr2_label_comp_id 
_struct_conn.ptnr2_label_seq_id 
_struct_conn.ptnr2_label_atom_id 
_struct_conn.pdbx_ptnr2_label_alt_id 
_struct_conn.pdbx_ptnr2_PDB_ins_code 
_struct_conn.ptnr1_auth_asym_id 
_struct_conn.ptnr1_auth_comp_id 
_struct_conn.ptnr1_auth_seq_id 
_struct_conn.ptnr2_auth_asym_id 
_struct_conn.ptnr2_auth_comp_id 
_struct_conn.ptnr2_auth_seq_id 
_struct_conn.ptnr2_symmetry 
_struct_conn.pdbx_ptnr3_label_atom_id 
_struct_conn.pdbx_ptnr3_label_seq_id 
_struct_conn.pdbx_ptnr3_label_comp_id 
_struct_conn.pdbx_ptnr3_label_asym_id 
_struct_conn.pdbx_ptnr3_label_alt_id 
_struct_conn.pdbx_ptnr3_PDB_ins_code 
_struct_conn.details 
_struct_conn.pdbx_dist_value 
_struct_conn.pdbx_value_order 
_struct_conn.pdbx_role 
disulf1 disulf ? ? A CYS 23 SG A ? ? 1_555 A CYS 96 SG A ? A CYS 22 A CYS 95 1_555 ? ? ? ? ? ? ? 2.029 ? ? 
disulf2 disulf ? ? A CYS 23 SG B ? ? 1_555 A CYS 96 SG B ? A CYS 22 A CYS 95 1_555 ? ? ? ? ? ? ? 2.029 ? ? 
# 
_struct_conn_type.id          disulf 
_struct_conn_type.criteria    ? 
_struct_conn_type.reference   ? 
# 
loop_
_pdbx_modification_feature.ordinal 
_pdbx_modification_feature.label_comp_id 
_pdbx_modification_feature.label_asym_id 
_pdbx_modification_feature.label_seq_id 
_pdbx_modification_feature.label_alt_id 
_pdbx_modification_feature.modified_residue_label_comp_id 
_pdbx_modification_feature.modified_residue_label_asym_id 
_pdbx_modification_feature.modified_residue_label_seq_id 
_pdbx_modification_feature.modified_residue_label_alt_id 
_pdbx_modification_feature.auth_comp_id 
_pdbx_modification_feature.auth_asym_id 
_pdbx_modification_feature.auth_seq_id 
_pdbx_modification_feature.PDB_ins_code 
_pdbx_modification_feature.symmetry 
_pdbx_modification_feature.modified_residue_auth_comp_id 
_pdbx_modification_feature.modified_residue_auth_asym_id 
_pdbx_modification_feature.modified_residue_auth_seq_id 
_pdbx_modification_feature.modified_residue_PDB_ins_code 
_pdbx_modification_feature.modified_residue_symmetry 
_pdbx_modification_feature.comp_id_linking_atom 
_pdbx_modification_feature.modified_residue_id_linking_atom 
_pdbx_modification_feature.modified_residue_id 
_pdbx_modification_feature.ref_pcm_id 
_pdbx_modification_feature.ref_comp_id 
_pdbx_modification_feature.type 
_pdbx_modification_feature.category 
1 CYS A 23 A CYS A 96 A CYS A 22 ? 1_555 CYS A 95 ? 1_555 SG SG . . . None 'Disulfide bridge' 
2 CYS A 23 B CYS A 96 B CYS A 22 ? 1_555 CYS A 95 ? 1_555 SG SG . . . None 'Disulfide bridge' 
# 
loop_
_struct_sheet.id 
_struct_sheet.type 
_struct_sheet.number_strands 
_struct_sheet.details 
AA1 ? 4 ? 
AA2 ? 6 ? 
# 
loop_
_struct_sheet_order.sheet_id 
_struct_sheet_order.range_id_1 
_struct_sheet_order.range_id_2 
_struct_sheet_order.offset 
_struct_sheet_order.sense 
AA1 1 2 ? anti-parallel 
AA1 2 3 ? anti-parallel 
AA1 3 4 ? anti-parallel 
AA2 1 2 ? parallel      
AA2 2 3 ? anti-parallel 
AA2 3 4 ? anti-parallel 
AA2 4 5 ? anti-parallel 
AA2 5 6 ? anti-parallel 
# 
loop_
_struct_sheet_range.sheet_id 
_struct_sheet_range.id 
_struct_sheet_range.beg_label_comp_id 
_struct_sheet_range.beg_label_asym_id 
_struct_sheet_range.beg_label_seq_id 
_struct_sheet_range.pdbx_beg_PDB_ins_code 
_struct_sheet_range.end_label_comp_id 
_struct_sheet_range.end_label_asym_id 
_struct_sheet_range.end_label_seq_id 
_struct_sheet_range.pdbx_end_PDB_ins_code 
_struct_sheet_range.beg_auth_comp_id 
_struct_sheet_range.beg_auth_asym_id 
_struct_sheet_range.beg_auth_seq_id 
_struct_sheet_range.end_auth_comp_id 
_struct_sheet_range.end_auth_asym_id 
_struct_sheet_range.end_auth_seq_id 
AA1 1 VAL A 6   ? SER A 8   ? VAL A 5   SER A 7   
AA1 2 LEU A 19  ? ALA A 24  ? LEU A 18  ALA A 23  
AA1 3 ILE A 78  ? MET A 83  ? ILE A 77  MET A 82  
AA1 4 PHE A 68  ? ASN A 73  ? PHE A 67  ASN A 72  
AA2 1 GLY A 11  ? GLN A 14  ? GLY A 10  GLN A 13  
AA2 2 THR A 108 ? SER A 113 ? THR A 107 SER A 112 
AA2 3 ALA A 92  ? SER A 98  ? ALA A 91  SER A 97  
AA2 4 MET A 35  ? GLN A 40  ? MET A 34  GLN A 39  
AA2 5 GLU A 47  ? ILE A 52  ? GLU A 46  ILE A 51  
AA2 6 THR A 58  ? TYR A 60  ? THR A 57  TYR A 59  
# 
loop_
_pdbx_struct_sheet_hbond.sheet_id 
_pdbx_struct_sheet_hbond.range_id_1 
_pdbx_struct_sheet_hbond.range_id_2 
_pdbx_struct_sheet_hbond.range_1_label_atom_id 
_pdbx_struct_sheet_hbond.range_1_label_comp_id 
_pdbx_struct_sheet_hbond.range_1_label_asym_id 
_pdbx_struct_sheet_hbond.range_1_label_seq_id 
_pdbx_struct_sheet_hbond.range_1_PDB_ins_code 
_pdbx_struct_sheet_hbond.range_1_auth_atom_id 
_pdbx_struct_sheet_hbond.range_1_auth_comp_id 
_pdbx_struct_sheet_hbond.range_1_auth_asym_id 
_pdbx_struct_sheet_hbond.range_1_auth_seq_id 
_pdbx_struct_sheet_hbond.range_2_label_atom_id 
_pdbx_struct_sheet_hbond.range_2_label_comp_id 
_pdbx_struct_sheet_hbond.range_2_label_asym_id 
_pdbx_struct_sheet_hbond.range_2_label_seq_id 
_pdbx_struct_sheet_hbond.range_2_PDB_ins_code 
_pdbx_struct_sheet_hbond.range_2_auth_atom_id 
_pdbx_struct_sheet_hbond.range_2_auth_comp_id 
_pdbx_struct_sheet_hbond.range_2_auth_asym_id 
_pdbx_struct_sheet_hbond.range_2_auth_seq_id 
AA1 1 2 N VAL A 6   ? N VAL A 5   O ALA A 24  ? O ALA A 23  
AA1 2 3 N LEU A 21  ? N LEU A 20  O LEU A 81  ? O LEU A 80  
AA1 3 4 O GLN A 82  ? O GLN A 81  N THR A 69  ? N THR A 68  
AA2 1 2 N ALA A 13  ? N ALA A 12  O THR A 111 ? O THR A 110 
AA2 2 3 O THR A 108 ? O THR A 107 N TYR A 94  ? N TYR A 93  
AA2 3 4 O TYR A 95  ? O TYR A 94  N TYR A 38  ? N TYR A 37  
AA2 4 5 N TRP A 37  ? N TRP A 36  O ALA A 50  ? O ALA A 49  
AA2 5 6 N ALA A 51  ? N ALA A 50  O VAL A 59  ? O VAL A 58  
# 
_pdbx_entry_details.entry_id                   8V9Y 
_pdbx_entry_details.nonpolymer_details         ? 
_pdbx_entry_details.sequence_details           ? 
_pdbx_entry_details.compound_details           ? 
_pdbx_entry_details.source_details             ? 
_pdbx_entry_details.has_ligand_of_interest     N 
_pdbx_entry_details.has_protein_modification   Y 
# 
_pdbx_validate_close_contact.id               1 
_pdbx_validate_close_contact.PDB_model_num    1 
_pdbx_validate_close_contact.auth_atom_id_1   O 
_pdbx_validate_close_contact.auth_asym_id_1   A 
_pdbx_validate_close_contact.auth_comp_id_1   HOH 
_pdbx_validate_close_contact.auth_seq_id_1    240 
_pdbx_validate_close_contact.PDB_ins_code_1   ? 
_pdbx_validate_close_contact.label_alt_id_1   ? 
_pdbx_validate_close_contact.auth_atom_id_2   O 
_pdbx_validate_close_contact.auth_asym_id_2   A 
_pdbx_validate_close_contact.auth_comp_id_2   HOH 
_pdbx_validate_close_contact.auth_seq_id_2    245 
_pdbx_validate_close_contact.PDB_ins_code_2   ? 
_pdbx_validate_close_contact.label_alt_id_2   ? 
_pdbx_validate_close_contact.dist             2.19 
# 
loop_
_pdbx_validate_torsion.id 
_pdbx_validate_torsion.PDB_model_num 
_pdbx_validate_torsion.auth_comp_id 
_pdbx_validate_torsion.auth_asym_id 
_pdbx_validate_torsion.auth_seq_id 
_pdbx_validate_torsion.PDB_ins_code 
_pdbx_validate_torsion.label_alt_id 
_pdbx_validate_torsion.phi 
_pdbx_validate_torsion.psi 
1 1 ALA A 24  ? ? -117.21 70.89   
2 1 THR A 28  ? ? -60.23  97.69   
3 1 SER A 29  ? ? -84.98  30.27   
4 1 ARG A 30  ? ? -144.65 31.60   
5 1 LEU A 100 ? ? 56.40   -142.10 
# 
loop_
_pdbx_struct_special_symmetry.id 
_pdbx_struct_special_symmetry.PDB_model_num 
_pdbx_struct_special_symmetry.auth_asym_id 
_pdbx_struct_special_symmetry.auth_comp_id 
_pdbx_struct_special_symmetry.auth_seq_id 
_pdbx_struct_special_symmetry.PDB_ins_code 
_pdbx_struct_special_symmetry.label_asym_id 
_pdbx_struct_special_symmetry.label_comp_id 
_pdbx_struct_special_symmetry.label_seq_id 
1 1 A HOH 202 ? B HOH . 
2 1 A HOH 239 ? B HOH . 
# 
loop_
_pdbx_unobs_or_zero_occ_residues.id 
_pdbx_unobs_or_zero_occ_residues.PDB_model_num 
_pdbx_unobs_or_zero_occ_residues.polymer_flag 
_pdbx_unobs_or_zero_occ_residues.occupancy_flag 
_pdbx_unobs_or_zero_occ_residues.auth_asym_id 
_pdbx_unobs_or_zero_occ_residues.auth_comp_id 
_pdbx_unobs_or_zero_occ_residues.auth_seq_id 
_pdbx_unobs_or_zero_occ_residues.PDB_ins_code 
_pdbx_unobs_or_zero_occ_residues.label_asym_id 
_pdbx_unobs_or_zero_occ_residues.label_comp_id 
_pdbx_unobs_or_zero_occ_residues.label_seq_id 
1 1 Y 1 A MET 0   ? A MET 1   
2 1 Y 1 A GLN 1   ? A GLN 2   
3 1 Y 1 A HIS 115 ? A HIS 116 
4 1 Y 1 A HIS 116 ? A HIS 117 
5 1 Y 1 A HIS 117 ? A HIS 118 
6 1 Y 1 A HIS 118 ? A HIS 119 
7 1 Y 1 A HIS 119 ? A HIS 120 
# 
loop_
_chem_comp_atom.comp_id 
_chem_comp_atom.atom_id 
_chem_comp_atom.type_symbol 
_chem_comp_atom.pdbx_aromatic_flag 
_chem_comp_atom.pdbx_stereo_config 
_chem_comp_atom.pdbx_ordinal 
ALA N    N N N 1   
ALA CA   C N S 2   
ALA C    C N N 3   
ALA O    O N N 4   
ALA CB   C N N 5   
ALA OXT  O N N 6   
ALA H    H N N 7   
ALA H2   H N N 8   
ALA HA   H N N 9   
ALA HB1  H N N 10  
ALA HB2  H N N 11  
ALA HB3  H N N 12  
ALA HXT  H N N 13  
ARG N    N N N 14  
ARG CA   C N S 15  
ARG C    C N N 16  
ARG O    O N N 17  
ARG CB   C N N 18  
ARG CG   C N N 19  
ARG CD   C N N 20  
ARG NE   N N N 21  
ARG CZ   C N N 22  
ARG NH1  N N N 23  
ARG NH2  N N N 24  
ARG OXT  O N N 25  
ARG H    H N N 26  
ARG H2   H N N 27  
ARG HA   H N N 28  
ARG HB2  H N N 29  
ARG HB3  H N N 30  
ARG HG2  H N N 31  
ARG HG3  H N N 32  
ARG HD2  H N N 33  
ARG HD3  H N N 34  
ARG HE   H N N 35  
ARG HH11 H N N 36  
ARG HH12 H N N 37  
ARG HH21 H N N 38  
ARG HH22 H N N 39  
ARG HXT  H N N 40  
ASN N    N N N 41  
ASN CA   C N S 42  
ASN C    C N N 43  
ASN O    O N N 44  
ASN CB   C N N 45  
ASN CG   C N N 46  
ASN OD1  O N N 47  
ASN ND2  N N N 48  
ASN OXT  O N N 49  
ASN H    H N N 50  
ASN H2   H N N 51  
ASN HA   H N N 52  
ASN HB2  H N N 53  
ASN HB3  H N N 54  
ASN HD21 H N N 55  
ASN HD22 H N N 56  
ASN HXT  H N N 57  
ASP N    N N N 58  
ASP CA   C N S 59  
ASP C    C N N 60  
ASP O    O N N 61  
ASP CB   C N N 62  
ASP CG   C N N 63  
ASP OD1  O N N 64  
ASP OD2  O N N 65  
ASP OXT  O N N 66  
ASP H    H N N 67  
ASP H2   H N N 68  
ASP HA   H N N 69  
ASP HB2  H N N 70  
ASP HB3  H N N 71  
ASP HD2  H N N 72  
ASP HXT  H N N 73  
CYS N    N N N 74  
CYS CA   C N R 75  
CYS C    C N N 76  
CYS O    O N N 77  
CYS CB   C N N 78  
CYS SG   S N N 79  
CYS OXT  O N N 80  
CYS H    H N N 81  
CYS H2   H N N 82  
CYS HA   H N N 83  
CYS HB2  H N N 84  
CYS HB3  H N N 85  
CYS HG   H N N 86  
CYS HXT  H N N 87  
GLN N    N N N 88  
GLN CA   C N S 89  
GLN C    C N N 90  
GLN O    O N N 91  
GLN CB   C N N 92  
GLN CG   C N N 93  
GLN CD   C N N 94  
GLN OE1  O N N 95  
GLN NE2  N N N 96  
GLN OXT  O N N 97  
GLN H    H N N 98  
GLN H2   H N N 99  
GLN HA   H N N 100 
GLN HB2  H N N 101 
GLN HB3  H N N 102 
GLN HG2  H N N 103 
GLN HG3  H N N 104 
GLN HE21 H N N 105 
GLN HE22 H N N 106 
GLN HXT  H N N 107 
GLU N    N N N 108 
GLU CA   C N S 109 
GLU C    C N N 110 
GLU O    O N N 111 
GLU CB   C N N 112 
GLU CG   C N N 113 
GLU CD   C N N 114 
GLU OE1  O N N 115 
GLU OE2  O N N 116 
GLU OXT  O N N 117 
GLU H    H N N 118 
GLU H2   H N N 119 
GLU HA   H N N 120 
GLU HB2  H N N 121 
GLU HB3  H N N 122 
GLU HG2  H N N 123 
GLU HG3  H N N 124 
GLU HE2  H N N 125 
GLU HXT  H N N 126 
GLY N    N N N 127 
GLY CA   C N N 128 
GLY C    C N N 129 
GLY O    O N N 130 
GLY OXT  O N N 131 
GLY H    H N N 132 
GLY H2   H N N 133 
GLY HA2  H N N 134 
GLY HA3  H N N 135 
GLY HXT  H N N 136 
HIS N    N N N 137 
HIS CA   C N S 138 
HIS C    C N N 139 
HIS O    O N N 140 
HIS CB   C N N 141 
HIS CG   C Y N 142 
HIS ND1  N Y N 143 
HIS CD2  C Y N 144 
HIS CE1  C Y N 145 
HIS NE2  N Y N 146 
HIS OXT  O N N 147 
HIS H    H N N 148 
HIS H2   H N N 149 
HIS HA   H N N 150 
HIS HB2  H N N 151 
HIS HB3  H N N 152 
HIS HD1  H N N 153 
HIS HD2  H N N 154 
HIS HE1  H N N 155 
HIS HE2  H N N 156 
HIS HXT  H N N 157 
HOH O    O N N 158 
HOH H1   H N N 159 
HOH H2   H N N 160 
ILE N    N N N 161 
ILE CA   C N S 162 
ILE C    C N N 163 
ILE O    O N N 164 
ILE CB   C N S 165 
ILE CG1  C N N 166 
ILE CG2  C N N 167 
ILE CD1  C N N 168 
ILE OXT  O N N 169 
ILE H    H N N 170 
ILE H2   H N N 171 
ILE HA   H N N 172 
ILE HB   H N N 173 
ILE HG12 H N N 174 
ILE HG13 H N N 175 
ILE HG21 H N N 176 
ILE HG22 H N N 177 
ILE HG23 H N N 178 
ILE HD11 H N N 179 
ILE HD12 H N N 180 
ILE HD13 H N N 181 
ILE HXT  H N N 182 
LEU N    N N N 183 
LEU CA   C N S 184 
LEU C    C N N 185 
LEU O    O N N 186 
LEU CB   C N N 187 
LEU CG   C N N 188 
LEU CD1  C N N 189 
LEU CD2  C N N 190 
LEU OXT  O N N 191 
LEU H    H N N 192 
LEU H2   H N N 193 
LEU HA   H N N 194 
LEU HB2  H N N 195 
LEU HB3  H N N 196 
LEU HG   H N N 197 
LEU HD11 H N N 198 
LEU HD12 H N N 199 
LEU HD13 H N N 200 
LEU HD21 H N N 201 
LEU HD22 H N N 202 
LEU HD23 H N N 203 
LEU HXT  H N N 204 
LYS N    N N N 205 
LYS CA   C N S 206 
LYS C    C N N 207 
LYS O    O N N 208 
LYS CB   C N N 209 
LYS CG   C N N 210 
LYS CD   C N N 211 
LYS CE   C N N 212 
LYS NZ   N N N 213 
LYS OXT  O N N 214 
LYS H    H N N 215 
LYS H2   H N N 216 
LYS HA   H N N 217 
LYS HB2  H N N 218 
LYS HB3  H N N 219 
LYS HG2  H N N 220 
LYS HG3  H N N 221 
LYS HD2  H N N 222 
LYS HD3  H N N 223 
LYS HE2  H N N 224 
LYS HE3  H N N 225 
LYS HZ1  H N N 226 
LYS HZ2  H N N 227 
LYS HZ3  H N N 228 
LYS HXT  H N N 229 
MET N    N N N 230 
MET CA   C N S 231 
MET C    C N N 232 
MET O    O N N 233 
MET CB   C N N 234 
MET CG   C N N 235 
MET SD   S N N 236 
MET CE   C N N 237 
MET OXT  O N N 238 
MET H    H N N 239 
MET H2   H N N 240 
MET HA   H N N 241 
MET HB2  H N N 242 
MET HB3  H N N 243 
MET HG2  H N N 244 
MET HG3  H N N 245 
MET HE1  H N N 246 
MET HE2  H N N 247 
MET HE3  H N N 248 
MET HXT  H N N 249 
PHE N    N N N 250 
PHE CA   C N S 251 
PHE C    C N N 252 
PHE O    O N N 253 
PHE CB   C N N 254 
PHE CG   C Y N 255 
PHE CD1  C Y N 256 
PHE CD2  C Y N 257 
PHE CE1  C Y N 258 
PHE CE2  C Y N 259 
PHE CZ   C Y N 260 
PHE OXT  O N N 261 
PHE H    H N N 262 
PHE H2   H N N 263 
PHE HA   H N N 264 
PHE HB2  H N N 265 
PHE HB3  H N N 266 
PHE HD1  H N N 267 
PHE HD2  H N N 268 
PHE HE1  H N N 269 
PHE HE2  H N N 270 
PHE HZ   H N N 271 
PHE HXT  H N N 272 
PRO N    N N N 273 
PRO CA   C N S 274 
PRO C    C N N 275 
PRO O    O N N 276 
PRO CB   C N N 277 
PRO CG   C N N 278 
PRO CD   C N N 279 
PRO OXT  O N N 280 
PRO H    H N N 281 
PRO HA   H N N 282 
PRO HB2  H N N 283 
PRO HB3  H N N 284 
PRO HG2  H N N 285 
PRO HG3  H N N 286 
PRO HD2  H N N 287 
PRO HD3  H N N 288 
PRO HXT  H N N 289 
SER N    N N N 290 
SER CA   C N S 291 
SER C    C N N 292 
SER O    O N N 293 
SER CB   C N N 294 
SER OG   O N N 295 
SER OXT  O N N 296 
SER H    H N N 297 
SER H2   H N N 298 
SER HA   H N N 299 
SER HB2  H N N 300 
SER HB3  H N N 301 
SER HG   H N N 302 
SER HXT  H N N 303 
THR N    N N N 304 
THR CA   C N S 305 
THR C    C N N 306 
THR O    O N N 307 
THR CB   C N R 308 
THR OG1  O N N 309 
THR CG2  C N N 310 
THR OXT  O N N 311 
THR H    H N N 312 
THR H2   H N N 313 
THR HA   H N N 314 
THR HB   H N N 315 
THR HG1  H N N 316 
THR HG21 H N N 317 
THR HG22 H N N 318 
THR HG23 H N N 319 
THR HXT  H N N 320 
TRP N    N N N 321 
TRP CA   C N S 322 
TRP C    C N N 323 
TRP O    O N N 324 
TRP CB   C N N 325 
TRP CG   C Y N 326 
TRP CD1  C Y N 327 
TRP CD2  C Y N 328 
TRP NE1  N Y N 329 
TRP CE2  C Y N 330 
TRP CE3  C Y N 331 
TRP CZ2  C Y N 332 
TRP CZ3  C Y N 333 
TRP CH2  C Y N 334 
TRP OXT  O N N 335 
TRP H    H N N 336 
TRP H2   H N N 337 
TRP HA   H N N 338 
TRP HB2  H N N 339 
TRP HB3  H N N 340 
TRP HD1  H N N 341 
TRP HE1  H N N 342 
TRP HE3  H N N 343 
TRP HZ2  H N N 344 
TRP HZ3  H N N 345 
TRP HH2  H N N 346 
TRP HXT  H N N 347 
TYR N    N N N 348 
TYR CA   C N S 349 
TYR C    C N N 350 
TYR O    O N N 351 
TYR CB   C N N 352 
TYR CG   C Y N 353 
TYR CD1  C Y N 354 
TYR CD2  C Y N 355 
TYR CE1  C Y N 356 
TYR CE2  C Y N 357 
TYR CZ   C Y N 358 
TYR OH   O N N 359 
TYR OXT  O N N 360 
TYR H    H N N 361 
TYR H2   H N N 362 
TYR HA   H N N 363 
TYR HB2  H N N 364 
TYR HB3  H N N 365 
TYR HD1  H N N 366 
TYR HD2  H N N 367 
TYR HE1  H N N 368 
TYR HE2  H N N 369 
TYR HH   H N N 370 
TYR HXT  H N N 371 
VAL N    N N N 372 
VAL CA   C N S 373 
VAL C    C N N 374 
VAL O    O N N 375 
VAL CB   C N N 376 
VAL CG1  C N N 377 
VAL CG2  C N N 378 
VAL OXT  O N N 379 
VAL H    H N N 380 
VAL H2   H N N 381 
VAL HA   H N N 382 
VAL HB   H N N 383 
VAL HG11 H N N 384 
VAL HG12 H N N 385 
VAL HG13 H N N 386 
VAL HG21 H N N 387 
VAL HG22 H N N 388 
VAL HG23 H N N 389 
VAL HXT  H N N 390 
# 
loop_
_chem_comp_bond.comp_id 
_chem_comp_bond.atom_id_1 
_chem_comp_bond.atom_id_2 
_chem_comp_bond.value_order 
_chem_comp_bond.pdbx_aromatic_flag 
_chem_comp_bond.pdbx_stereo_config 
_chem_comp_bond.pdbx_ordinal 
ALA N   CA   sing N N 1   
ALA N   H    sing N N 2   
ALA N   H2   sing N N 3   
ALA CA  C    sing N N 4   
ALA CA  CB   sing N N 5   
ALA CA  HA   sing N N 6   
ALA C   O    doub N N 7   
ALA C   OXT  sing N N 8   
ALA CB  HB1  sing N N 9   
ALA CB  HB2  sing N N 10  
ALA CB  HB3  sing N N 11  
ALA OXT HXT  sing N N 12  
ARG N   CA   sing N N 13  
ARG N   H    sing N N 14  
ARG N   H2   sing N N 15  
ARG CA  C    sing N N 16  
ARG CA  CB   sing N N 17  
ARG CA  HA   sing N N 18  
ARG C   O    doub N N 19  
ARG C   OXT  sing N N 20  
ARG CB  CG   sing N N 21  
ARG CB  HB2  sing N N 22  
ARG CB  HB3  sing N N 23  
ARG CG  CD   sing N N 24  
ARG CG  HG2  sing N N 25  
ARG CG  HG3  sing N N 26  
ARG CD  NE   sing N N 27  
ARG CD  HD2  sing N N 28  
ARG CD  HD3  sing N N 29  
ARG NE  CZ   sing N N 30  
ARG NE  HE   sing N N 31  
ARG CZ  NH1  sing N N 32  
ARG CZ  NH2  doub N N 33  
ARG NH1 HH11 sing N N 34  
ARG NH1 HH12 sing N N 35  
ARG NH2 HH21 sing N N 36  
ARG NH2 HH22 sing N N 37  
ARG OXT HXT  sing N N 38  
ASN N   CA   sing N N 39  
ASN N   H    sing N N 40  
ASN N   H2   sing N N 41  
ASN CA  C    sing N N 42  
ASN CA  CB   sing N N 43  
ASN CA  HA   sing N N 44  
ASN C   O    doub N N 45  
ASN C   OXT  sing N N 46  
ASN CB  CG   sing N N 47  
ASN CB  HB2  sing N N 48  
ASN CB  HB3  sing N N 49  
ASN CG  OD1  doub N N 50  
ASN CG  ND2  sing N N 51  
ASN ND2 HD21 sing N N 52  
ASN ND2 HD22 sing N N 53  
ASN OXT HXT  sing N N 54  
ASP N   CA   sing N N 55  
ASP N   H    sing N N 56  
ASP N   H2   sing N N 57  
ASP CA  C    sing N N 58  
ASP CA  CB   sing N N 59  
ASP CA  HA   sing N N 60  
ASP C   O    doub N N 61  
ASP C   OXT  sing N N 62  
ASP CB  CG   sing N N 63  
ASP CB  HB2  sing N N 64  
ASP CB  HB3  sing N N 65  
ASP CG  OD1  doub N N 66  
ASP CG  OD2  sing N N 67  
ASP OD2 HD2  sing N N 68  
ASP OXT HXT  sing N N 69  
CYS N   CA   sing N N 70  
CYS N   H    sing N N 71  
CYS N   H2   sing N N 72  
CYS CA  C    sing N N 73  
CYS CA  CB   sing N N 74  
CYS CA  HA   sing N N 75  
CYS C   O    doub N N 76  
CYS C   OXT  sing N N 77  
CYS CB  SG   sing N N 78  
CYS CB  HB2  sing N N 79  
CYS CB  HB3  sing N N 80  
CYS SG  HG   sing N N 81  
CYS OXT HXT  sing N N 82  
GLN N   CA   sing N N 83  
GLN N   H    sing N N 84  
GLN N   H2   sing N N 85  
GLN CA  C    sing N N 86  
GLN CA  CB   sing N N 87  
GLN CA  HA   sing N N 88  
GLN C   O    doub N N 89  
GLN C   OXT  sing N N 90  
GLN CB  CG   sing N N 91  
GLN CB  HB2  sing N N 92  
GLN CB  HB3  sing N N 93  
GLN CG  CD   sing N N 94  
GLN CG  HG2  sing N N 95  
GLN CG  HG3  sing N N 96  
GLN CD  OE1  doub N N 97  
GLN CD  NE2  sing N N 98  
GLN NE2 HE21 sing N N 99  
GLN NE2 HE22 sing N N 100 
GLN OXT HXT  sing N N 101 
GLU N   CA   sing N N 102 
GLU N   H    sing N N 103 
GLU N   H2   sing N N 104 
GLU CA  C    sing N N 105 
GLU CA  CB   sing N N 106 
GLU CA  HA   sing N N 107 
GLU C   O    doub N N 108 
GLU C   OXT  sing N N 109 
GLU CB  CG   sing N N 110 
GLU CB  HB2  sing N N 111 
GLU CB  HB3  sing N N 112 
GLU CG  CD   sing N N 113 
GLU CG  HG2  sing N N 114 
GLU CG  HG3  sing N N 115 
GLU CD  OE1  doub N N 116 
GLU CD  OE2  sing N N 117 
GLU OE2 HE2  sing N N 118 
GLU OXT HXT  sing N N 119 
GLY N   CA   sing N N 120 
GLY N   H    sing N N 121 
GLY N   H2   sing N N 122 
GLY CA  C    sing N N 123 
GLY CA  HA2  sing N N 124 
GLY CA  HA3  sing N N 125 
GLY C   O    doub N N 126 
GLY C   OXT  sing N N 127 
GLY OXT HXT  sing N N 128 
HIS N   CA   sing N N 129 
HIS N   H    sing N N 130 
HIS N   H2   sing N N 131 
HIS CA  C    sing N N 132 
HIS CA  CB   sing N N 133 
HIS CA  HA   sing N N 134 
HIS C   O    doub N N 135 
HIS C   OXT  sing N N 136 
HIS CB  CG   sing N N 137 
HIS CB  HB2  sing N N 138 
HIS CB  HB3  sing N N 139 
HIS CG  ND1  sing Y N 140 
HIS CG  CD2  doub Y N 141 
HIS ND1 CE1  doub Y N 142 
HIS ND1 HD1  sing N N 143 
HIS CD2 NE2  sing Y N 144 
HIS CD2 HD2  sing N N 145 
HIS CE1 NE2  sing Y N 146 
HIS CE1 HE1  sing N N 147 
HIS NE2 HE2  sing N N 148 
HIS OXT HXT  sing N N 149 
HOH O   H1   sing N N 150 
HOH O   H2   sing N N 151 
ILE N   CA   sing N N 152 
ILE N   H    sing N N 153 
ILE N   H2   sing N N 154 
ILE CA  C    sing N N 155 
ILE CA  CB   sing N N 156 
ILE CA  HA   sing N N 157 
ILE C   O    doub N N 158 
ILE C   OXT  sing N N 159 
ILE CB  CG1  sing N N 160 
ILE CB  CG2  sing N N 161 
ILE CB  HB   sing N N 162 
ILE CG1 CD1  sing N N 163 
ILE CG1 HG12 sing N N 164 
ILE CG1 HG13 sing N N 165 
ILE CG2 HG21 sing N N 166 
ILE CG2 HG22 sing N N 167 
ILE CG2 HG23 sing N N 168 
ILE CD1 HD11 sing N N 169 
ILE CD1 HD12 sing N N 170 
ILE CD1 HD13 sing N N 171 
ILE OXT HXT  sing N N 172 
LEU N   CA   sing N N 173 
LEU N   H    sing N N 174 
LEU N   H2   sing N N 175 
LEU CA  C    sing N N 176 
LEU CA  CB   sing N N 177 
LEU CA  HA   sing N N 178 
LEU C   O    doub N N 179 
LEU C   OXT  sing N N 180 
LEU CB  CG   sing N N 181 
LEU CB  HB2  sing N N 182 
LEU CB  HB3  sing N N 183 
LEU CG  CD1  sing N N 184 
LEU CG  CD2  sing N N 185 
LEU CG  HG   sing N N 186 
LEU CD1 HD11 sing N N 187 
LEU CD1 HD12 sing N N 188 
LEU CD1 HD13 sing N N 189 
LEU CD2 HD21 sing N N 190 
LEU CD2 HD22 sing N N 191 
LEU CD2 HD23 sing N N 192 
LEU OXT HXT  sing N N 193 
LYS N   CA   sing N N 194 
LYS N   H    sing N N 195 
LYS N   H2   sing N N 196 
LYS CA  C    sing N N 197 
LYS CA  CB   sing N N 198 
LYS CA  HA   sing N N 199 
LYS C   O    doub N N 200 
LYS C   OXT  sing N N 201 
LYS CB  CG   sing N N 202 
LYS CB  HB2  sing N N 203 
LYS CB  HB3  sing N N 204 
LYS CG  CD   sing N N 205 
LYS CG  HG2  sing N N 206 
LYS CG  HG3  sing N N 207 
LYS CD  CE   sing N N 208 
LYS CD  HD2  sing N N 209 
LYS CD  HD3  sing N N 210 
LYS CE  NZ   sing N N 211 
LYS CE  HE2  sing N N 212 
LYS CE  HE3  sing N N 213 
LYS NZ  HZ1  sing N N 214 
LYS NZ  HZ2  sing N N 215 
LYS NZ  HZ3  sing N N 216 
LYS OXT HXT  sing N N 217 
MET N   CA   sing N N 218 
MET N   H    sing N N 219 
MET N   H2   sing N N 220 
MET CA  C    sing N N 221 
MET CA  CB   sing N N 222 
MET CA  HA   sing N N 223 
MET C   O    doub N N 224 
MET C   OXT  sing N N 225 
MET CB  CG   sing N N 226 
MET CB  HB2  sing N N 227 
MET CB  HB3  sing N N 228 
MET CG  SD   sing N N 229 
MET CG  HG2  sing N N 230 
MET CG  HG3  sing N N 231 
MET SD  CE   sing N N 232 
MET CE  HE1  sing N N 233 
MET CE  HE2  sing N N 234 
MET CE  HE3  sing N N 235 
MET OXT HXT  sing N N 236 
PHE N   CA   sing N N 237 
PHE N   H    sing N N 238 
PHE N   H2   sing N N 239 
PHE CA  C    sing N N 240 
PHE CA  CB   sing N N 241 
PHE CA  HA   sing N N 242 
PHE C   O    doub N N 243 
PHE C   OXT  sing N N 244 
PHE CB  CG   sing N N 245 
PHE CB  HB2  sing N N 246 
PHE CB  HB3  sing N N 247 
PHE CG  CD1  doub Y N 248 
PHE CG  CD2  sing Y N 249 
PHE CD1 CE1  sing Y N 250 
PHE CD1 HD1  sing N N 251 
PHE CD2 CE2  doub Y N 252 
PHE CD2 HD2  sing N N 253 
PHE CE1 CZ   doub Y N 254 
PHE CE1 HE1  sing N N 255 
PHE CE2 CZ   sing Y N 256 
PHE CE2 HE2  sing N N 257 
PHE CZ  HZ   sing N N 258 
PHE OXT HXT  sing N N 259 
PRO N   CA   sing N N 260 
PRO N   CD   sing N N 261 
PRO N   H    sing N N 262 
PRO CA  C    sing N N 263 
PRO CA  CB   sing N N 264 
PRO CA  HA   sing N N 265 
PRO C   O    doub N N 266 
PRO C   OXT  sing N N 267 
PRO CB  CG   sing N N 268 
PRO CB  HB2  sing N N 269 
PRO CB  HB3  sing N N 270 
PRO CG  CD   sing N N 271 
PRO CG  HG2  sing N N 272 
PRO CG  HG3  sing N N 273 
PRO CD  HD2  sing N N 274 
PRO CD  HD3  sing N N 275 
PRO OXT HXT  sing N N 276 
SER N   CA   sing N N 277 
SER N   H    sing N N 278 
SER N   H2   sing N N 279 
SER CA  C    sing N N 280 
SER CA  CB   sing N N 281 
SER CA  HA   sing N N 282 
SER C   O    doub N N 283 
SER C   OXT  sing N N 284 
SER CB  OG   sing N N 285 
SER CB  HB2  sing N N 286 
SER CB  HB3  sing N N 287 
SER OG  HG   sing N N 288 
SER OXT HXT  sing N N 289 
THR N   CA   sing N N 290 
THR N   H    sing N N 291 
THR N   H2   sing N N 292 
THR CA  C    sing N N 293 
THR CA  CB   sing N N 294 
THR CA  HA   sing N N 295 
THR C   O    doub N N 296 
THR C   OXT  sing N N 297 
THR CB  OG1  sing N N 298 
THR CB  CG2  sing N N 299 
THR CB  HB   sing N N 300 
THR OG1 HG1  sing N N 301 
THR CG2 HG21 sing N N 302 
THR CG2 HG22 sing N N 303 
THR CG2 HG23 sing N N 304 
THR OXT HXT  sing N N 305 
TRP N   CA   sing N N 306 
TRP N   H    sing N N 307 
TRP N   H2   sing N N 308 
TRP CA  C    sing N N 309 
TRP CA  CB   sing N N 310 
TRP CA  HA   sing N N 311 
TRP C   O    doub N N 312 
TRP C   OXT  sing N N 313 
TRP CB  CG   sing N N 314 
TRP CB  HB2  sing N N 315 
TRP CB  HB3  sing N N 316 
TRP CG  CD1  doub Y N 317 
TRP CG  CD2  sing Y N 318 
TRP CD1 NE1  sing Y N 319 
TRP CD1 HD1  sing N N 320 
TRP CD2 CE2  doub Y N 321 
TRP CD2 CE3  sing Y N 322 
TRP NE1 CE2  sing Y N 323 
TRP NE1 HE1  sing N N 324 
TRP CE2 CZ2  sing Y N 325 
TRP CE3 CZ3  doub Y N 326 
TRP CE3 HE3  sing N N 327 
TRP CZ2 CH2  doub Y N 328 
TRP CZ2 HZ2  sing N N 329 
TRP CZ3 CH2  sing Y N 330 
TRP CZ3 HZ3  sing N N 331 
TRP CH2 HH2  sing N N 332 
TRP OXT HXT  sing N N 333 
TYR N   CA   sing N N 334 
TYR N   H    sing N N 335 
TYR N   H2   sing N N 336 
TYR CA  C    sing N N 337 
TYR CA  CB   sing N N 338 
TYR CA  HA   sing N N 339 
TYR C   O    doub N N 340 
TYR C   OXT  sing N N 341 
TYR CB  CG   sing N N 342 
TYR CB  HB2  sing N N 343 
TYR CB  HB3  sing N N 344 
TYR CG  CD1  doub Y N 345 
TYR CG  CD2  sing Y N 346 
TYR CD1 CE1  sing Y N 347 
TYR CD1 HD1  sing N N 348 
TYR CD2 CE2  doub Y N 349 
TYR CD2 HD2  sing N N 350 
TYR CE1 CZ   doub Y N 351 
TYR CE1 HE1  sing N N 352 
TYR CE2 CZ   sing Y N 353 
TYR CE2 HE2  sing N N 354 
TYR CZ  OH   sing N N 355 
TYR OH  HH   sing N N 356 
TYR OXT HXT  sing N N 357 
VAL N   CA   sing N N 358 
VAL N   H    sing N N 359 
VAL N   H2   sing N N 360 
VAL CA  C    sing N N 361 
VAL CA  CB   sing N N 362 
VAL CA  HA   sing N N 363 
VAL C   O    doub N N 364 
VAL C   OXT  sing N N 365 
VAL CB  CG1  sing N N 366 
VAL CB  CG2  sing N N 367 
VAL CB  HB   sing N N 368 
VAL CG1 HG11 sing N N 369 
VAL CG1 HG12 sing N N 370 
VAL CG1 HG13 sing N N 371 
VAL CG2 HG21 sing N N 372 
VAL CG2 HG22 sing N N 373 
VAL CG2 HG23 sing N N 374 
VAL OXT HXT  sing N N 375 
# 
loop_
_pdbx_audit_support.funding_organization 
_pdbx_audit_support.country 
_pdbx_audit_support.grant_number 
_pdbx_audit_support.ordinal 
'National Institutes of Health/National Cancer Institute (NIH/NCI)'                               'United States' P01-CA214279 1 
'National Institutes of Health/National Institute Of Allergy and Infectious Diseases (NIH/NIAID)' 'United States' R37-AI064064 2 
# 
_pdbx_initial_refinement_model.id               1 
_pdbx_initial_refinement_model.entity_id_list   ? 
_pdbx_initial_refinement_model.type             'in silico model' 
_pdbx_initial_refinement_model.source_name      AlphaFold 
_pdbx_initial_refinement_model.accession_code   ? 
_pdbx_initial_refinement_model.details          ? 
# 
_atom_sites.entry_id                    8V9Y 
_atom_sites.Cartn_transf_matrix[1][1]   ? 
_atom_sites.Cartn_transf_matrix[1][2]   ? 
_atom_sites.Cartn_transf_matrix[1][3]   ? 
_atom_sites.Cartn_transf_matrix[2][1]   ? 
_atom_sites.Cartn_transf_matrix[2][2]   ? 
_atom_sites.Cartn_transf_matrix[2][3]   ? 
_atom_sites.Cartn_transf_matrix[3][1]   ? 
_atom_sites.Cartn_transf_matrix[3][2]   ? 
_atom_sites.Cartn_transf_matrix[3][3]   ? 
_atom_sites.Cartn_transf_vector[1]      ? 
_atom_sites.Cartn_transf_vector[2]      ? 
_atom_sites.Cartn_transf_vector[3]      ? 
_atom_sites.Cartn_transform_axes        ? 
_atom_sites.fract_transf_matrix[1][1]   0.00453092 
_atom_sites.fract_transf_matrix[1][2]   0.00789843 
_atom_sites.fract_transf_matrix[1][3]   -0.00695866 
_atom_sites.fract_transf_matrix[2][1]   -0.03379399 
_atom_sites.fract_transf_matrix[2][2]   0.01469330 
_atom_sites.fract_transf_matrix[2][3]   -0.00532628 
_atom_sites.fract_transf_matrix[3][1]   0.00708375 
_atom_sites.fract_transf_matrix[3][2]   0.02213759 
_atom_sites.fract_transf_matrix[3][3]   0.01612499 
_atom_sites.fract_transf_vector[1]      0.130706 
_atom_sites.fract_transf_vector[2]      0.007396 
_atom_sites.fract_transf_vector[3]      0.039787 
_atom_sites.solution_primary            ? 
_atom_sites.solution_secondary          ? 
_atom_sites.solution_hydrogens          ? 
_atom_sites.special_details             ? 
# 
loop_
_atom_type.symbol 
C 
N 
O 
S 
# 
loop_
_atom_site.group_PDB 
_atom_site.id 
_atom_site.type_symbol 
_atom_site.label_atom_id 
_atom_site.label_alt_id 
_atom_site.label_comp_id 
_atom_site.label_asym_id 
_atom_site.label_entity_id 
_atom_site.label_seq_id 
_atom_site.pdbx_PDB_ins_code 
_atom_site.Cartn_x 
_atom_site.Cartn_y 
_atom_site.Cartn_z 
_atom_site.occupancy 
_atom_site.B_iso_or_equiv 
_atom_site.pdbx_formal_charge 
_atom_site.auth_seq_id 
_atom_site.auth_comp_id 
_atom_site.auth_asym_id 
_atom_site.auth_atom_id 
_atom_site.pdbx_PDB_model_num 
ATOM   1   N N   . VAL A 1 3   ? -6.95595  11.23114  13.23386  1.000 58.60666 ? 2   VAL A N   1 
ATOM   2   C CA  . VAL A 1 3   ? -6.38122  10.30233  12.26851  1.000 60.94054 ? 2   VAL A CA  1 
ATOM   3   C C   . VAL A 1 3   ? -6.49343  10.87366  10.85815  1.000 61.74307 ? 2   VAL A C   1 
ATOM   4   O O   . VAL A 1 3   ? -7.53864  11.39979  10.47481  1.000 51.92428 ? 2   VAL A O   1 
ATOM   5   C CB  . VAL A 1 3   ? -7.05900  8.92288   12.35413  1.000 60.14054 ? 2   VAL A CB  1 
ATOM   6   C CG1 . VAL A 1 3   ? -6.31418  7.90750   11.49880  1.000 59.79393 ? 2   VAL A CG1 1 
ATOM   7   C CG2 . VAL A 1 3   ? -7.13758  8.45948   13.80011  1.000 63.09616 ? 2   VAL A CG2 1 
ATOM   8   N N   . GLN A 1 4   ? -5.40946  10.77361  10.08998  1.000 60.20111 ? 3   GLN A N   1 
ATOM   9   C CA  . GLN A 1 4   ? -5.39357  11.26262  8.71718   1.000 53.34596 ? 3   GLN A CA  1 
ATOM   10  C C   . GLN A 1 4   ? -4.44057  10.41161  7.89294   1.000 45.10007 ? 3   GLN A C   1 
ATOM   11  O O   . GLN A 1 4   ? -3.27264  10.25244  8.26063   1.000 44.77363 ? 3   GLN A O   1 
ATOM   12  C CB  . GLN A 1 4   ? -4.97343  12.73464  8.65087   1.000 60.70954 ? 3   GLN A CB  1 
ATOM   13  C CG  . GLN A 1 4   ? -4.94905  13.29683  7.23548   1.000 63.77883 ? 3   GLN A CG  1 
ATOM   14  C CD  . GLN A 1 4   ? -4.25146  14.64066  7.14743   1.000 67.32097 ? 3   GLN A CD  1 
ATOM   15  O OE1 . GLN A 1 4   ? -3.69512  15.13113  8.13047   1.000 71.90373 ? 3   GLN A OE1 1 
ATOM   16  N NE2 . GLN A 1 4   ? -4.27532  15.24244  5.96337   1.000 64.35737 ? 3   GLN A NE2 1 
ATOM   17  N N   . LEU A 1 5   ? -4.94175  9.88024   6.78061   1.000 38.41781 ? 4   LEU A N   1 
ATOM   18  C CA  . LEU A 1 5   ? -4.17007  9.04156   5.87302   1.000 31.92819 ? 4   LEU A CA  1 
ATOM   19  C C   . LEU A 1 5   ? -3.97289  9.77979   4.55748   1.000 21.15263 ? 4   LEU A C   1 
ATOM   20  O O   . LEU A 1 5   ? -4.94710  10.22375  3.94138   1.000 27.87003 ? 4   LEU A O   1 
ATOM   21  C CB  . LEU A 1 5   ? -4.88099  7.70980   5.62309   1.000 26.23610 ? 4   LEU A CB  1 
ATOM   22  C CG  . LEU A 1 5   ? -5.26189  6.89435   6.86089   1.000 30.54651 ? 4   LEU A CG  1 
ATOM   23  C CD1 . LEU A 1 5   ? -6.38480  5.91254   6.53619   1.000 23.31044 ? 4   LEU A CD1 1 
ATOM   24  C CD2 . LEU A 1 5   ? -4.04678  6.17202   7.41960   1.000 20.21914 ? 4   LEU A CD2 1 
ATOM   25  N N   . VAL A 1 6   ? -2.71906  9.90566   4.13047   1.000 18.17138 ? 5   VAL A N   1 
ATOM   26  C CA  . VAL A 1 6   ? -2.37270  10.56678  2.87638   1.000 19.18081 ? 5   VAL A CA  1 
ATOM   27  C C   . VAL A 1 6   ? -1.52180  9.61201   2.04907   1.000 17.74127 ? 5   VAL A C   1 
ATOM   28  O O   . VAL A 1 6   ? -0.43200  9.21784   2.47965   1.000 20.90189 ? 5   VAL A O   1 
ATOM   29  C CB  . VAL A 1 6   ? -1.62412  11.88856  3.11014   1.000 15.28555 ? 5   VAL A CB  1 
ATOM   30  C CG1 . VAL A 1 6   ? -1.14844  12.46598  1.78836   1.000 27.23158 ? 5   VAL A CG1 1 
ATOM   31  C CG2 . VAL A 1 6   ? -2.52115  12.88126  3.83880   1.000 30.03871 ? 5   VAL A CG2 1 
ATOM   32  N N   . GLU A 1 7   ? -2.01367  9.24588   0.86708   1.000 14.93324 ? 6   GLU A N   1 
ATOM   33  C CA  . GLU A 1 7   ? -1.28411  8.39213   -0.05925  1.000 15.56965 ? 6   GLU A CA  1 
ATOM   34  C C   . GLU A 1 7   ? -0.58796  9.24435   -1.11451  1.000 14.23747 ? 6   GLU A C   1 
ATOM   35  O O   . GLU A 1 7   ? -1.12207  10.26698  -1.55085  1.000 11.26747 ? 6   GLU A O   1 
ATOM   36  C CB  . GLU A 1 7   ? -2.22577  7.39168   -0.73349  1.000 12.62659 ? 6   GLU A CB  1 
ATOM   37  C CG  . GLU A 1 7   ? -2.80997  6.33885   0.20863   1.000 13.82428 ? 6   GLU A CG  1 
ATOM   38  C CD  . GLU A 1 7   ? -4.24923  6.62085   0.62707   1.000 18.44888 ? 6   GLU A CD  1 
ATOM   39  O OE1 . GLU A 1 7   ? -4.70603  7.77755   0.50723   1.000 13.53849 ? 6   GLU A OE1 1 
ATOM   40  O OE2 . GLU A 1 7   ? -4.93169  5.67305   1.07594   1.000 11.02842 ? 6   GLU A OE2 1 
ATOM   41  N N   . SER A 1 8   ? 0.60711   8.81815   -1.52165  1.000 9.30829  ? 7   SER A N   1 
ATOM   42  C CA  . SER A 1 8   ? 1.37517   9.51333   -2.54367  1.000 8.65534  ? 7   SER A CA  1 
ATOM   43  C C   . SER A 1 8   ? 1.94630   8.48962   -3.51023  1.000 10.69921 ? 7   SER A C   1 
ATOM   44  O O   . SER A 1 8   ? 2.17140   7.33321   -3.14752  1.000 9.05316  ? 7   SER A O   1 
ATOM   45  C CB  . SER A 1 8   ? 2.51497   10.34389  -1.93920  1.000 16.55485 ? 7   SER A CB  1 
ATOM   46  O OG  . SER A 1 8   ? 2.02256   11.30144  -1.01819  1.000 30.22991 ? 7   SER A OG  1 
ATOM   47  N N   . GLY A 1 9   ? 2.18487   8.92589   -4.74003  1.000 9.20146  ? 8   GLY A N   1 
ATOM   48  C CA  . GLY A 1 9   ? 2.71922   8.04999   -5.76136  1.000 7.92206  ? 8   GLY A CA  1 
ATOM   49  C C   . GLY A 1 9   ? 1.62032   7.44652   -6.61014  1.000 7.39706  ? 8   GLY A C   1 
ATOM   50  O O   . GLY A 1 9   ? 0.43559   7.77001   -6.48736  1.000 10.44014 ? 8   GLY A O   1 
ATOM   51  N N   . GLY A 1 10  ? 2.03805   6.54717   -7.49335  1.000 5.74182  ? 9   GLY A N   1 
ATOM   52  C CA  . GLY A 1 10  ? 1.17708   5.90078   -8.45927  1.000 6.96327  ? 9   GLY A CA  1 
ATOM   53  C C   . GLY A 1 10  ? 1.73872   6.06774   -9.84798  1.000 8.90556  ? 9   GLY A C   1 
ATOM   54  O O   . GLY A 1 10  ? 2.85682   6.55459   -10.03884 1.000 8.48917  ? 9   GLY A O   1 
ATOM   55  N N   . GLY A 1 11  ? 0.97694   5.64378   -10.84143 1.000 7.56180  ? 10  GLY A N   1 
ATOM   56  C CA  . GLY A 1 11  ? 1.36327   5.89617   -12.21476 1.000 6.86123  ? 10  GLY A CA  1 
ATOM   57  C C   . GLY A 1 11  ? 0.96258   4.75743   -13.12837 1.000 8.51666  ? 10  GLY A C   1 
ATOM   58  O O   . GLY A 1 11  ? 0.33000   3.78449   -12.71971 1.000 6.17232  ? 10  GLY A O   1 
ATOM   59  N N   . LEU A 1 12  ? 1.32395   4.92859   -14.40083 1.000 7.27549  ? 11  LEU A N   1 
ATOM   60  C CA  . LEU A 1 12  ? 1.16977   3.89959   -15.42102 1.000 6.20050  ? 11  LEU A CA  1 
ATOM   61  C C   . LEU A 1 12  ? 2.51193   3.19910   -15.57801 1.000 13.02518 ? 11  LEU A C   1 
ATOM   62  O O   . LEU A 1 12  ? 3.51757   3.83825   -15.91480 1.000 9.42004  ? 11  LEU A O   1 
ATOM   63  C CB  . LEU A 1 12  ? 0.71698   4.49218   -16.75667 1.000 7.08319  ? 11  LEU A CB  1 
ATOM   64  C CG  . LEU A 1 12  ? 0.63441   3.51301   -17.93674 1.000 6.96017  ? 11  LEU A CG  1 
ATOM   65  C CD1 . LEU A 1 12  ? -0.47609  2.51162   -17.70417 1.000 10.92195 ? 11  LEU A CD1 1 
ATOM   66  C CD2 . LEU A 1 12  ? 0.40895   4.25193   -19.24406 1.000 14.70851 ? 11  LEU A CD2 1 
ATOM   67  N N   . ALA A 1 13  ? 2.52918   1.89902   -15.32151 1.000 9.44668  ? 12  ALA A N   1 
ATOM   68  C CA  . ALA A 1 13  ? 3.75243   1.11728   -15.35166 1.000 8.19467  ? 12  ALA A CA  1 
ATOM   69  C C   . ALA A 1 13  ? 3.63613   0.01762   -16.39726 1.000 8.29781  ? 12  ALA A C   1 
ATOM   70  O O   . ALA A 1 13  ? 2.56225   -0.25529  -16.93502 1.000 10.96080 ? 12  ALA A O   1 
ATOM   71  C CB  . ALA A 1 13  ? 4.05147   0.52063   -13.97272 1.000 11.13090 ? 12  ALA A CB  1 
ATOM   72  N N   . GLN A 1 14  ? 4.76070   -0.61583  -16.69746 1.000 10.73845 ? 13  GLN A N   1 
ATOM   73  C CA  . GLN A 1 14  ? 4.75655   -1.77565  -17.57013 1.000 9.81148  ? 13  GLN A CA  1 
ATOM   74  C C   . GLN A 1 14  ? 5.02005   -3.02363  -16.74433 1.000 9.68850  ? 13  GLN A C   1 
ATOM   75  O O   . GLN A 1 14  ? 5.65263   -2.96218  -15.68519 1.000 10.34146 ? 13  GLN A O   1 
ATOM   76  C CB  . GLN A 1 14  ? 5.80398   -1.64749  -18.67637 1.000 14.26747 ? 13  GLN A CB  1 
ATOM   77  C CG  . GLN A 1 14  ? 7.22397   -1.54810  -18.16938 1.000 14.39866 ? 13  GLN A CG  1 
ATOM   78  C CD  . GLN A 1 14  ? 8.16318   -0.99463  -19.21757 1.000 8.51659  ? 13  GLN A CD  1 
ATOM   79  O OE1 . GLN A 1 14  ? 8.74804   0.06847   -19.03678 1.000 13.30625 ? 13  GLN A OE1 1 
ATOM   80  N NE2 . GLN A 1 14  ? 8.30121   -1.70962  -20.32949 1.000 14.55235 ? 13  GLN A NE2 1 
ATOM   81  N N   . ALA A 1 15  ? 4.50459   -4.15278  -17.22628 1.000 12.08436 ? 14  ALA A N   1 
ATOM   82  C CA  . ALA A 1 15  ? 4.80475   -5.43183  -16.60106 1.000 14.54891 ? 14  ALA A CA  1 
ATOM   83  C C   . ALA A 1 15  ? 6.31030   -5.59447  -16.44815 1.000 10.40233 ? 14  ALA A C   1 
ATOM   84  O O   . ALA A 1 15  ? 7.07127   -5.35861  -17.39194 1.000 11.68001 ? 14  ALA A O   1 
ATOM   85  C CB  . ALA A 1 15  ? 4.22282   -6.57456  -17.43374 1.000 17.56133 ? 14  ALA A CB  1 
ATOM   86  N N   . GLY A 1 16  ? 6.73860   -5.96261  -15.23789 1.000 8.84401  ? 15  GLY A N   1 
ATOM   87  C CA  . GLY A 1 16  ? 8.14443   -6.07367  -14.91507 1.000 9.74767  ? 15  GLY A CA  1 
ATOM   88  C C   . GLY A 1 16  ? 8.76846   -4.81963  -14.34209 1.000 7.85998  ? 15  GLY A C   1 
ATOM   89  O O   . GLY A 1 16  ? 9.89389   -4.88554  -13.83130 1.000 10.06001 ? 15  GLY A O   1 
ATOM   90  N N   . GLY A 1 17  ? 8.07616   -3.68226  -14.40535 1.000 8.17966  ? 16  GLY A N   1 
ATOM   91  C CA  . GLY A 1 17  ? 8.57662   -2.43788  -13.86357 1.000 8.58832  ? 16  GLY A CA  1 
ATOM   92  C C   . GLY A 1 17  ? 8.23804   -2.26857  -12.39158 1.000 7.99066  ? 16  GLY A C   1 
ATOM   93  O O   . GLY A 1 17  ? 7.74510   -3.17898  -11.72354 1.000 7.71177  ? 16  GLY A O   1 
ATOM   94  N N   . SER A 1 18  ? 8.49790   -1.05975  -11.88749 1.000 5.50842  ? 17  SER A N   1 
ATOM   95  C CA  . SER A 1 18  ? 8.41014   -0.77964  -10.45985 1.000 7.62255  ? 17  SER A CA  1 
ATOM   96  C C   . SER A 1 18  ? 7.74027   0.56331   -10.20234 1.000 6.54476  ? 17  SER A C   1 
ATOM   97  O O   . SER A 1 18  ? 7.89693   1.51678   -10.97086 1.000 5.39686  ? 17  SER A O   1 
ATOM   98  C CB  . SER A 1 18  ? 9.79795   -0.76982  -9.80229  1.000 8.71859  ? 17  SER A CB  1 
ATOM   99  O OG  . SER A 1 18  ? 10.42914  -2.03992  -9.89190  1.000 8.84108  ? 17  SER A OG  1 
ATOM   100 N N   . LEU A 1 19  ? 7.01888   0.62729   -9.08505  1.000 4.58398  ? 18  LEU A N   1 
ATOM   101 C CA  . LEU A 1 19  ? 6.43602   1.85571   -8.56322  1.000 4.87647  ? 18  LEU A CA  1 
ATOM   102 C C   . LEU A 1 19  ? 6.60177   1.85883   -7.05204  1.000 9.04046  ? 18  LEU A C   1 
ATOM   103 O O   . LEU A 1 19  ? 6.62201   0.79884   -6.42165  1.000 8.06867  ? 18  LEU A O   1 
ATOM   104 C CB  . LEU A 1 19  ? 4.94777   1.98234   -8.91470  1.000 6.17932  ? 18  LEU A CB  1 
ATOM   105 C CG  . LEU A 1 19  ? 4.57931   2.25442   -10.36776 1.000 6.06118  ? 18  LEU A CG  1 
ATOM   106 C CD1 . LEU A 1 19  ? 3.08755   2.03216   -10.57692 1.000 6.11129  ? 18  LEU A CD1 1 
ATOM   107 C CD2 . LEU A 1 19  ? 4.96347   3.67978   -10.73362 1.000 8.12886  ? 18  LEU A CD2 1 
ATOM   108 N N   . GLN A 1 20  ? 6.72360   3.05317   -6.47093  1.000 3.53863  ? 19  GLN A N   1 
ATOM   109 C CA  . GLN A 1 20  ? 6.81589   3.20775   -5.02049  1.000 4.98266  ? 19  GLN A CA  1 
ATOM   110 C C   . GLN A 1 20  ? 5.69004   4.10855   -4.53466  1.000 5.56686  ? 19  GLN A C   1 
ATOM   111 O O   . GLN A 1 20  ? 5.60821   5.27285   -4.94031  1.000 8.00556  ? 19  GLN A O   1 
ATOM   112 C CB  . GLN A 1 20  ? 8.16982   3.79028   -4.60308  1.000 6.03855  ? 19  GLN A CB  1 
ATOM   113 C CG  . GLN A 1 20  ? 9.35924   2.91595   -4.92546  1.000 6.05715  ? 19  GLN A CG  1 
ATOM   114 C CD  . GLN A 1 20  ? 9.86480   3.11830   -6.33649  1.000 8.71753  ? 19  GLN A CD  1 
ATOM   115 O OE1 . GLN A 1 20  ? 10.11749  4.24449   -6.75586  1.000 7.58903  ? 19  GLN A OE1 1 
ATOM   116 N NE2 . GLN A 1 20  ? 10.00896  2.02868   -7.07851  1.000 4.61833  ? 19  GLN A NE2 1 
ATOM   117 N N   . LEU A 1 21  ? 4.83532   3.57695   -3.66178  1.000 4.23253  ? 20  LEU A N   1 
ATOM   118 C CA  . LEU A 1 21  ? 3.78007   4.34575   -3.01694  1.000 5.76377  ? 20  LEU A CA  1 
ATOM   119 C C   . LEU A 1 21  ? 4.15851   4.62692   -1.57125  1.000 4.46637  ? 20  LEU A C   1 
ATOM   120 O O   . LEU A 1 21  ? 4.80548   3.80596   -0.91754  1.000 6.56571  ? 20  LEU A O   1 
ATOM   121 C CB  . LEU A 1 21  ? 2.44074   3.59777   -3.03355  1.000 4.19838  ? 20  LEU A CB  1 
ATOM   122 C CG  . LEU A 1 21  ? 1.97878   2.96712   -4.34488  1.000 7.68771  ? 20  LEU A CG  1 
ATOM   123 C CD1 . LEU A 1 21  ? 0.56265   2.42583   -4.20211  1.000 8.27161  ? 20  LEU A CD1 1 
ATOM   124 C CD2 . LEU A 1 21  ? 2.05479   3.97256   -5.47451  1.000 10.11533 ? 20  LEU A CD2 1 
ATOM   125 N N   . SER A 1 22  ? 3.71192   5.77246   -1.05613  1.000 4.82545  ? 21  SER A N   1 
ATOM   126 C CA  . SER A 1 22  ? 3.95265   6.11258   0.33767   1.000 5.17235  ? 21  SER A CA  1 
ATOM   127 C C   . SER A 1 22  ? 2.64594   6.46817   1.02887   1.000 8.70647  ? 21  SER A C   1 
ATOM   128 O O   . SER A 1 22  ? 1.69002   6.94230   0.40503   1.000 7.60209  ? 21  SER A O   1 
ATOM   129 C CB  . SER A 1 22  ? 4.95520   7.26919   0.48919   1.000 11.29822 ? 21  SER A CB  1 
ATOM   130 O OG  . SER A 1 22  ? 4.50753   8.43913   -0.16500  1.000 15.23845 ? 21  SER A OG  1 
ATOM   131 N N   A CYS A 1 23  ? 2.60917   6.21201   2.33175   0.551 7.78101  ? 22  CYS A N   1 
ATOM   132 N N   B CYS A 1 23  ? 2.63339   6.25487   2.34072   0.449 7.79603  ? 22  CYS A N   1 
ATOM   133 C CA  A CYS A 1 23  ? 1.45131   6.50770   3.16449   0.551 11.82431 ? 22  CYS A CA  1 
ATOM   134 C CA  B CYS A 1 23  ? 1.46671   6.48579   3.18096   0.449 11.78937 ? 22  CYS A CA  1 
ATOM   135 C C   A CYS A 1 23  ? 1.93139   7.26378   4.39088   0.551 13.85801 ? 22  CYS A C   1 
ATOM   136 C C   B CYS A 1 23  ? 1.91133   7.24562   4.42039   0.449 13.86127 ? 22  CYS A C   1 
ATOM   137 O O   A CYS A 1 23  ? 2.80641   6.78121   5.11526   0.551 12.98587 ? 22  CYS A O   1 
ATOM   138 O O   B CYS A 1 23  ? 2.74357   6.74930   5.18503   0.449 12.99340 ? 22  CYS A O   1 
ATOM   139 C CB  A CYS A 1 23  ? 0.72337   5.22667   3.57366   0.551 13.73082 ? 22  CYS A CB  1 
ATOM   140 C CB  B CYS A 1 23  ? 0.81070   5.15760   3.56286   0.449 13.67948 ? 22  CYS A CB  1 
ATOM   141 S SG  A CYS A 1 23  ? -0.64873  5.47685   4.71732   0.551 24.09000 ? 22  CYS A SG  1 
ATOM   142 S SG  B CYS A 1 23  ? -0.40813  5.27099   4.86820   0.449 23.83959 ? 22  CYS A SG  1 
ATOM   143 N N   . ALA A 1 24  ? 1.36767   8.44481   4.61539   1.000 18.83320 ? 23  ALA A N   1 
ATOM   144 C CA  . ALA A 1 24  ? 1.72053   9.29188   5.74584   1.000 22.29768 ? 23  ALA A CA  1 
ATOM   145 C C   . ALA A 1 24  ? 0.58229   9.28728   6.75304   1.000 32.82412 ? 23  ALA A C   1 
ATOM   146 O O   . ALA A 1 24  ? -0.58250  9.47499   6.38300   1.000 24.49909 ? 23  ALA A O   1 
ATOM   147 C CB  . ALA A 1 24  ? 2.02276   10.72056  5.29245   1.000 32.91287 ? 23  ALA A CB  1 
ATOM   148 N N   . ALA A 1 25  ? 0.92182   9.07016   8.01781   1.000 34.30452 ? 24  ALA A N   1 
ATOM   149 C CA  . ALA A 1 25  ? -0.04515  9.03045   9.10893   1.000 39.83000 ? 24  ALA A CA  1 
ATOM   150 C C   . ALA A 1 25  ? 0.27104   10.16572  10.07880  1.000 48.29777 ? 24  ALA A C   1 
ATOM   151 O O   . ALA A 1 25  ? 0.74825   9.93547   11.19286  1.000 60.39212 ? 24  ALA A O   1 
ATOM   152 C CB  . ALA A 1 25  ? -0.02136  7.66692   9.80595   1.000 47.58911 ? 24  ALA A CB  1 
ATOM   153 N N   . SER A 1 26  ? 0.01066   11.39517  9.64704   1.000 48.33712 ? 25  SER A N   1 
ATOM   154 C CA  . SER A 1 26  ? 0.22168   12.54966  10.50252  1.000 50.16645 ? 25  SER A CA  1 
ATOM   155 C C   . SER A 1 26  ? -0.90466  12.66605  11.52428  1.000 52.96535 ? 25  SER A C   1 
ATOM   156 O O   . SER A 1 26  ? -1.99662  12.11650  11.35327  1.000 52.35391 ? 25  SER A O   1 
ATOM   157 C CB  . SER A 1 26  ? 0.30796   13.83223  9.67235   1.000 42.71251 ? 25  SER A CB  1 
ATOM   158 O OG  . SER A 1 26  ? 1.40159   13.79283  8.77251   1.000 45.93090 ? 25  SER A OG  1 
ATOM   159 N N   . GLY A 1 27  ? -0.62219  13.39025  12.60375  1.000 51.21916 ? 26  GLY A N   1 
ATOM   160 C CA  . GLY A 1 27  ? -1.63978  13.67699  13.59441  1.000 55.41885 ? 26  GLY A CA  1 
ATOM   161 C C   . GLY A 1 27  ? -1.62254  12.76225  14.80025  1.000 57.21773 ? 26  GLY A C   1 
ATOM   162 O O   . GLY A 1 27  ? -0.82017  12.95216  15.71804  1.000 53.90832 ? 26  GLY A O   1 
ATOM   163 N N   . SER A 1 28  ? -2.50364  11.76414  14.80714  1.000 60.99880 ? 27  SER A N   1 
ATOM   164 C CA  . SER A 1 28  ? -2.68224  10.90719  15.96990  1.000 66.22188 ? 27  SER A CA  1 
ATOM   165 C C   . SER A 1 28  ? -1.45962  10.01163  16.17169  1.000 59.93546 ? 27  SER A C   1 
ATOM   166 O O   . SER A 1 28  ? -0.48665  10.04944  15.41222  1.000 61.25912 ? 27  SER A O   1 
ATOM   167 C CB  . SER A 1 28  ? -3.95183  10.07151  15.81965  1.000 72.62371 ? 27  SER A CB  1 
ATOM   168 O OG  . SER A 1 28  ? -5.09204  10.89708  15.64743  1.000 71.64966 ? 27  SER A OG  1 
ATOM   169 N N   . THR A 1 29  ? -1.52023  9.19011   17.22100  1.000 65.32894 ? 28  THR A N   1 
ATOM   170 C CA  . THR A 1 29  ? -0.42420  8.29486   17.57249  1.000 62.87138 ? 28  THR A CA  1 
ATOM   171 C C   . THR A 1 29  ? -0.12609  7.31963   16.44111  1.000 67.83555 ? 28  THR A C   1 
ATOM   172 O O   . THR A 1 29  ? -0.78950  6.28645   16.30258  1.000 70.53207 ? 28  THR A O   1 
ATOM   173 C CB  . THR A 1 29  ? -0.74233  7.53105   18.86086  1.000 63.98366 ? 28  THR A CB  1 
ATOM   174 O OG1 . THR A 1 29  ? 0.04719   6.33583   18.91720  1.000 59.50466 ? 28  THR A OG1 1 
ATOM   175 C CG2 . THR A 1 29  ? -2.22499  7.17291   18.92988  1.000 65.34969 ? 28  THR A CG2 1 
ATOM   176 N N   . SER A 1 30  ? 0.87879   7.63929   15.62931  1.000 68.77080 ? 29  SER A N   1 
ATOM   177 C CA  . SER A 1 30  ? 1.22720   6.80424   14.48784  1.000 69.90676 ? 29  SER A CA  1 
ATOM   178 C C   . SER A 1 30  ? 2.15851   5.67351   14.90451  1.000 70.46852 ? 29  SER A C   1 
ATOM   179 O O   . SER A 1 30  ? 2.98754   5.21582   14.11182  1.000 73.21527 ? 29  SER A O   1 
ATOM   180 C CB  . SER A 1 30  ? 1.87370   7.65068   13.39143  1.000 64.50955 ? 29  SER A CB  1 
ATOM   181 O OG  . SER A 1 30  ? 3.01153   8.33484   13.88781  1.000 62.41240 ? 29  SER A OG  1 
ATOM   182 N N   . ARG A 1 31  ? 2.03069   5.21550   16.14811  1.000 64.59118 ? 30  ARG A N   1 
ATOM   183 C CA  . ARG A 1 31  ? 2.85036   4.11635   16.63750  1.000 60.29826 ? 30  ARG A CA  1 
ATOM   184 C C   . ARG A 1 31  ? 2.06993   3.22658   17.59695  1.000 61.68547 ? 30  ARG A C   1 
ATOM   185 O O   . ARG A 1 31  ? 2.64995   2.64415   18.52111  1.000 59.98773 ? 30  ARG A O   1 
ATOM   186 C CB  . ARG A 1 31  ? 4.13015   4.63776   17.30332  1.000 63.85215 ? 30  ARG A CB  1 
ATOM   187 C CG  . ARG A 1 31  ? 3.94465   5.90553   18.12476  1.000 70.24770 ? 30  ARG A CG  1 
ATOM   188 C CD  . ARG A 1 31  ? 3.45960   5.60250   19.53210  1.000 71.27856 ? 30  ARG A CD  1 
ATOM   189 N NE  . ARG A 1 31  ? 2.52121   6.61151   20.00638  1.000 69.19863 ? 30  ARG A NE  1 
ATOM   190 C CZ  . ARG A 1 31  ? 2.87447   7.78633   20.50802  1.000 62.97780 ? 30  ARG A CZ  1 
ATOM   191 N NH1 . ARG A 1 31  ? 4.14519   8.14024   20.61029  1.000 64.31166 ? 30  ARG A NH1 1 
ATOM   192 N NH2 . ARG A 1 31  ? 1.92892   8.62833   20.91481  1.000 62.20156 ? 30  ARG A NH2 1 
ATOM   193 N N   . VAL A 1 32  ? 0.75919   3.10644   17.38874  1.000 54.64452 ? 31  VAL A N   1 
ATOM   194 C CA  . VAL A 1 32  ? -0.08979  2.32708   18.27126  1.000 47.68059 ? 31  VAL A CA  1 
ATOM   195 C C   . VAL A 1 32  ? -0.56155  1.02353   17.63082  1.000 42.04089 ? 31  VAL A C   1 
ATOM   196 O O   . VAL A 1 32  ? -0.74729  0.02910   18.34295  1.000 34.75779 ? 31  VAL A O   1 
ATOM   197 C CB  . VAL A 1 32  ? -1.29192  3.17542   18.74422  1.000 50.58981 ? 31  VAL A CB  1 
ATOM   198 C CG1 . VAL A 1 32  ? -2.14688  3.61478   17.56064  1.000 37.72069 ? 31  VAL A CG1 1 
ATOM   199 C CG2 . VAL A 1 32  ? -2.12291  2.42319   19.77372  1.000 40.64521 ? 31  VAL A CG2 1 
ATOM   200 N N   . ASN A 1 33  ? -0.73977  0.98596   16.31401  1.000 30.38194 ? 32  ASN A N   1 
ATOM   201 C CA  . ASN A 1 33  ? -1.24426  -0.20935  15.66131  1.000 32.67071 ? 32  ASN A CA  1 
ATOM   202 C C   . ASN A 1 33  ? -0.57547  -0.34204  14.29967  1.000 28.81639 ? 32  ASN A C   1 
ATOM   203 O O   . ASN A 1 33  ? 0.28804   0.45539   13.92395  1.000 23.11704 ? 32  ASN A O   1 
ATOM   204 C CB  . ASN A 1 33  ? -2.77165  -0.16495  15.54823  1.000 30.63776 ? 32  ASN A CB  1 
ATOM   205 C CG  . ASN A 1 33  ? -3.40330  -1.53785  15.67053  1.000 23.92205 ? 32  ASN A CG  1 
ATOM   206 O OD1 . ASN A 1 33  ? -2.92195  -2.50563  15.08521  1.000 27.61719 ? 32  ASN A OD1 1 
ATOM   207 N ND2 . ASN A 1 33  ? -4.48079  -1.63141  16.44481  1.000 27.60776 ? 32  ASN A ND2 1 
ATOM   208 N N   . ALA A 1 34  ? -0.98681  -1.36185  13.55843  1.000 24.94118 ? 33  ALA A N   1 
ATOM   209 C CA  . ALA A 1 34  ? -0.37390  -1.64323  12.27493  1.000 13.52088 ? 33  ALA A CA  1 
ATOM   210 C C   . ALA A 1 34  ? -0.82768  -0.63057  11.22407  1.000 16.57802 ? 33  ALA A C   1 
ATOM   211 O O   . ALA A 1 34  ? -1.73783  0.17458   11.43593  1.000 15.34322 ? 33  ALA A O   1 
ATOM   212 C CB  . ALA A 1 34  ? -0.71321  -3.06334  11.82751  1.000 15.55648 ? 33  ALA A CB  1 
ATOM   213 N N   . MET A 1 35  ? -0.15188  -0.67196  10.08106  1.000 8.10252  ? 34  MET A N   1 
ATOM   214 C CA  . MET A 1 35  ? -0.55642  0.02666   8.87199   1.000 7.63779  ? 34  MET A CA  1 
ATOM   215 C C   . MET A 1 35  ? -0.64927  -1.00652  7.76431   1.000 13.00697 ? 34  MET A C   1 
ATOM   216 O O   . MET A 1 35  ? 0.17634   -1.91978  7.69347   1.000 9.73513  ? 34  MET A O   1 
ATOM   217 C CB  . MET A 1 35  ? 0.44444   1.11586   8.48247   1.000 9.81700  ? 34  MET A CB  1 
ATOM   218 C CG  . MET A 1 35  ? 0.63712   2.19257   9.52734   1.000 16.35306 ? 34  MET A CG  1 
ATOM   219 S SD  . MET A 1 35  ? -0.82820  3.22601   9.71097   1.000 30.01190 ? 34  MET A SD  1 
ATOM   220 C CE  . MET A 1 35  ? -0.92374  3.97228   8.09481   1.000 21.18406 ? 34  MET A CE  1 
ATOM   221 N N   . GLY A 1 36  ? -1.65313  -0.87890  6.90996   1.000 8.88652  ? 35  GLY A N   1 
ATOM   222 C CA  . GLY A 1 36  ? -1.82225  -1.80326  5.80918   1.000 7.83065  ? 35  GLY A CA  1 
ATOM   223 C C   . GLY A 1 36  ? -2.05953  -1.08600  4.49912   1.000 8.27181  ? 35  GLY A C   1 
ATOM   224 O O   . GLY A 1 36  ? -2.54972  0.04106   4.46007   1.000 10.49138 ? 35  GLY A O   1 
ATOM   225 N N   . TRP A 1 37  ? -1.69328  -1.76295  3.41900   1.000 6.51216  ? 36  TRP A N   1 
ATOM   226 C CA  . TRP A 1 37  ? -2.05176  -1.34988  2.07260   1.000 6.87583  ? 36  TRP A CA  1 
ATOM   227 C C   . TRP A 1 37  ? -3.12211  -2.29034  1.53741   1.000 7.02106  ? 36  TRP A C   1 
ATOM   228 O O   . TRP A 1 37  ? -3.01168  -3.51390  1.68231   1.000 6.88676  ? 36  TRP A O   1 
ATOM   229 C CB  . TRP A 1 37  ? -0.83533  -1.34645  1.15068   1.000 7.97244  ? 36  TRP A CB  1 
ATOM   230 C CG  . TRP A 1 37  ? -0.00286  -0.10625  1.26299   1.000 7.04127  ? 36  TRP A CG  1 
ATOM   231 C CD1 . TRP A 1 37  ? 1.14284   0.05441   1.99300   1.000 7.44077  ? 36  TRP A CD1 1 
ATOM   232 C CD2 . TRP A 1 37  ? -0.25226  1.15286   0.62443   1.000 6.63875  ? 36  TRP A CD2 1 
ATOM   233 N NE1 . TRP A 1 37  ? 1.61946   1.33795   1.84492   1.000 6.74534  ? 36  TRP A NE1 1 
ATOM   234 C CE2 . TRP A 1 37  ? 0.78062   2.03013   1.01125   1.000 5.37865  ? 36  TRP A CE2 1 
ATOM   235 C CE3 . TRP A 1 37  ? -1.25224  1.62313   -0.23485  1.000 6.12485  ? 36  TRP A CE3 1 
ATOM   236 C CZ2 . TRP A 1 37  ? 0.84957   3.35075   0.55987   1.000 8.46545  ? 36  TRP A CZ2 1 
ATOM   237 C CZ3 . TRP A 1 37  ? -1.18229  2.93806   -0.68358  1.000 9.50575  ? 36  TRP A CZ3 1 
ATOM   238 C CH2 . TRP A 1 37  ? -0.13793  3.78200   -0.28602  1.000 6.91217  ? 36  TRP A CH2 1 
ATOM   239 N N   . TYR A 1 38  ? -4.15834  -1.71052  0.94236   1.000 7.08748  ? 37  TYR A N   1 
ATOM   240 C CA  . TYR A 1 38  ? -5.25941  -2.42581  0.32062   1.000 8.40181  ? 37  TYR A CA  1 
ATOM   241 C C   . TYR A 1 38  ? -5.37499  -1.96440  -1.12398  1.000 5.73330  ? 37  TYR A C   1 
ATOM   242 O O   . TYR A 1 38  ? -4.86567  -0.90492  -1.49537  1.000 7.38499  ? 37  TYR A O   1 
ATOM   243 C CB  . TYR A 1 38  ? -6.58862  -2.16464  1.04789   1.000 9.91557  ? 37  TYR A CB  1 
ATOM   244 C CG  . TYR A 1 38  ? -6.57657  -2.56762  2.50658   1.000 11.47062 ? 37  TYR A CG  1 
ATOM   245 C CD1 . TYR A 1 38  ? -5.89226  -1.81073  3.44901   1.000 16.17941 ? 37  TYR A CD1 1 
ATOM   246 C CD2 . TYR A 1 38  ? -7.25472  -3.69650  2.93864   1.000 22.47758 ? 37  TYR A CD2 1 
ATOM   247 C CE1 . TYR A 1 38  ? -5.87113  -2.17094  4.77812   1.000 20.44453 ? 37  TYR A CE1 1 
ATOM   248 C CE2 . TYR A 1 38  ? -7.24496  -4.06474  4.27114   1.000 20.59568 ? 37  TYR A CE2 1 
ATOM   249 C CZ  . TYR A 1 38  ? -6.54878  -3.29828  5.18431   1.000 28.05717 ? 37  TYR A CZ  1 
ATOM   250 O OH  . TYR A 1 38  ? -6.53183  -3.65683  6.51386   1.000 43.30650 ? 37  TYR A OH  1 
ATOM   251 N N   . ARG A 1 39  ? -6.06126  -2.75774  -1.93764  1.000 11.01387 ? 38  ARG A N   1 
ATOM   252 C CA  . ARG A 1 39  ? -6.32608  -2.35528  -3.30884  1.000 9.27330  ? 38  ARG A CA  1 
ATOM   253 C C   . ARG A 1 39  ? -7.69898  -2.83921  -3.73462  1.000 10.31332 ? 38  ARG A C   1 
ATOM   254 O O   . ARG A 1 39  ? -8.22290  -3.82520  -3.20875  1.000 7.87419  ? 38  ARG A O   1 
ATOM   255 C CB  . ARG A 1 39  ? -5.28004  -2.89101  -4.27570  1.000 5.78728  ? 38  ARG A CB  1 
ATOM   256 C CG  . ARG A 1 39  ? -5.32084  -4.38995  -4.43736  1.000 10.40828 ? 38  ARG A CG  1 
ATOM   257 C CD  . ARG A 1 39  ? -4.11999  -4.83048  -5.23290  1.000 11.96505 ? 38  ARG A CD  1 
ATOM   258 N NE  . ARG A 1 39  ? -4.13067  -6.25931  -5.50173  1.000 12.74253 ? 38  ARG A NE  1 
ATOM   259 C CZ  . ARG A 1 39  ? -3.12478  -6.90139  -6.07525  1.000 20.04015 ? 38  ARG A CZ  1 
ATOM   260 N NH1 . ARG A 1 39  ? -2.02149  -6.26696  -6.43864  1.000 16.58137 ? 38  ARG A NH1 1 
ATOM   261 N NH2 . ARG A 1 39  ? -3.22702  -8.20861  -6.28854  1.000 17.75566 ? 38  ARG A NH2 1 
ATOM   262 N N   . GLN A 1 40  ? -8.27889  -2.13058  -4.69724  1.000 9.04889  ? 39  GLN A N   1 
ATOM   263 C CA  . GLN A 1 40  ? -9.60107  -2.47904  -5.18878  1.000 10.96741 ? 39  GLN A CA  1 
ATOM   264 C C   . GLN A 1 40  ? -9.64744  -2.30773  -6.69687  1.000 17.10496 ? 39  GLN A C   1 
ATOM   265 O O   . GLN A 1 40  ? -9.05418  -1.37483  -7.24486  1.000 10.16900 ? 39  GLN A O   1 
ATOM   266 C CB  . GLN A 1 40  ? -10.68635 -1.62380  -4.53710  1.000 18.63371 ? 39  GLN A CB  1 
ATOM   267 C CG  . GLN A 1 40  ? -12.08928 -2.18999  -4.71635  1.000 24.91466 ? 39  GLN A CG  1 
ATOM   268 C CD  . GLN A 1 40  ? -13.11457 -1.47026  -3.87076  1.000 21.19681 ? 39  GLN A CD  1 
ATOM   269 O OE1 . GLN A 1 40  ? -12.85056 -0.39299  -3.34113  1.000 25.50536 ? 39  GLN A OE1 1 
ATOM   270 N NE2 . GLN A 1 40  ? -14.29502 -2.06555  -3.73521  1.000 34.56001 ? 39  GLN A NE2 1 
ATOM   271 N N   . THR A 1 41  ? -10.36542 -3.20715  -7.35339  1.000 24.21806 ? 40  THR A N   1 
ATOM   272 C CA  . THR A 1 41  ? -10.59101 -3.18830  -8.78712  1.000 28.05671 ? 40  THR A CA  1 
ATOM   273 C C   . THR A 1 41  ? -12.08452 -3.05075  -9.06301  1.000 33.73211 ? 40  THR A C   1 
ATOM   274 O O   . THR A 1 41  ? -12.91130 -3.32325  -8.18333  1.000 33.78695 ? 40  THR A O   1 
ATOM   275 C CB  . THR A 1 41  ? -10.03815 -4.46662  -9.43642  1.000 27.39017 ? 40  THR A CB  1 
ATOM   276 O OG1 . THR A 1 41  ? -10.62868 -5.61514  -8.81728  1.000 44.91355 ? 40  THR A OG1 1 
ATOM   277 C CG2 . THR A 1 41  ? -8.52949  -4.53150  -9.26490  1.000 26.33583 ? 40  THR A CG2 1 
ATOM   278 N N   . PRO A 1 42  ? -12.46788 -2.60368  -10.26198 1.000 33.49077 ? 41  PRO A N   1 
ATOM   279 C CA  . PRO A 1 42  ? -13.89379 -2.38399  -10.53670 1.000 31.31718 ? 41  PRO A CA  1 
ATOM   280 C C   . PRO A 1 42  ? -14.70783 -3.65763  -10.36831 1.000 32.04274 ? 41  PRO A C   1 
ATOM   281 O O   . PRO A 1 42  ? -14.31672 -4.73592  -10.82047 1.000 35.79840 ? 41  PRO A O   1 
ATOM   282 C CB  . PRO A 1 42  ? -13.90231 -1.89599  -11.98851 1.000 33.53201 ? 41  PRO A CB  1 
ATOM   283 C CG  . PRO A 1 42  ? -12.56146 -1.27548  -12.17467 1.000 37.11733 ? 41  PRO A CG  1 
ATOM   284 C CD  . PRO A 1 42  ? -11.61869 -2.11912  -11.36633 1.000 32.69323 ? 41  PRO A CD  1 
ATOM   285 N N   . GLY A 1 43  ? -15.85101 -3.52016  -9.69519  1.000 28.19541 ? 42  GLY A N   1 
ATOM   286 C CA  . GLY A 1 43  ? -16.72662 -4.63522  -9.41609  1.000 32.23381 ? 42  GLY A CA  1 
ATOM   287 C C   . GLY A 1 43  ? -16.27590 -5.54937  -8.29942  1.000 39.79831 ? 42  GLY A C   1 
ATOM   288 O O   . GLY A 1 43  ? -17.11368 -6.24833  -7.71584  1.000 45.61249 ? 42  GLY A O   1 
ATOM   289 N N   . LYS A 1 44  ? -14.98855 -5.56472  -7.97220  1.000 39.71438 ? 43  LYS A N   1 
ATOM   290 C CA  . LYS A 1 44  ? -14.46540 -6.48149  -6.97365  1.000 46.69320 ? 43  LYS A CA  1 
ATOM   291 C C   . LYS A 1 44  ? -14.43293 -5.83245  -5.59303  1.000 45.71674 ? 43  LYS A C   1 
ATOM   292 O O   . LYS A 1 44  ? -14.70608 -4.64185  -5.42095  1.000 39.31582 ? 43  LYS A O   1 
ATOM   293 C CB  . LYS A 1 44  ? -13.06768 -6.96037  -7.36457  1.000 39.87888 ? 43  LYS A CB  1 
ATOM   294 C CG  . LYS A 1 44  ? -13.03995 -7.90442  -8.55202  1.000 48.46716 ? 43  LYS A CG  1 
ATOM   295 C CD  . LYS A 1 44  ? -13.80596 -9.18435  -8.25386  1.000 48.30569 ? 43  LYS A CD  1 
ATOM   296 C CE  . LYS A 1 44  ? -13.29428 -9.85900  -6.98706  1.000 58.62665 ? 43  LYS A CE  1 
ATOM   297 N NZ  . LYS A 1 44  ? -11.83122 -10.12600 -7.04185  1.000 60.85574 ? 43  LYS A NZ  1 
ATOM   298 N N   . GLU A 1 45  ? -14.08544 -6.64127  -4.59891  1.000 37.78764 ? 44  GLU A N   1 
ATOM   299 C CA  . GLU A 1 45  ? -14.02442 -6.18090  -3.22378  1.000 33.65359 ? 44  GLU A CA  1 
ATOM   300 C C   . GLU A 1 45  ? -12.60484 -5.76147  -2.86106  1.000 24.47865 ? 44  GLU A C   1 
ATOM   301 O O   . GLU A 1 45  ? -11.62335 -6.30608  -3.37411  1.000 32.25679 ? 44  GLU A O   1 
ATOM   302 C CB  . GLU A 1 45  ? -14.51145 -7.27114  -2.26809  1.000 38.92195 ? 44  GLU A CB  1 
ATOM   303 C CG  . GLU A 1 45  ? -14.73635 -6.76567  -0.85924  1.000 41.02736 ? 44  GLU A CG  1 
ATOM   304 C CD  . GLU A 1 45  ? -15.38793 -5.39620  -0.85002  1.000 49.80113 ? 44  GLU A CD  1 
ATOM   305 O OE1 . GLU A 1 45  ? -16.50198 -5.26537  -1.40278  1.000 57.74237 ? 44  GLU A OE1 1 
ATOM   306 O OE2 . GLU A 1 45  ? -14.77676 -4.44620  -0.31146  1.000 42.60390 ? 44  GLU A OE2 1 
ATOM   307 N N   . ARG A 1 46  ? -12.51104 -4.77332  -1.97320  1.000 22.51530 ? 45  ARG A N   1 
ATOM   308 C CA  . ARG A 1 46  ? -11.21952 -4.29818  -1.49628  1.000 15.56148 ? 45  ARG A CA  1 
ATOM   309 C C   . ARG A 1 46  ? -10.50177 -5.41054  -0.74072  1.000 19.06284 ? 45  ARG A C   1 
ATOM   310 O O   . ARG A 1 46  ? -11.10145 -6.09927  0.08999   1.000 22.63190 ? 45  ARG A O   1 
ATOM   311 C CB  . ARG A 1 46  ? -11.42763 -3.07637  -0.60583  1.000 19.20157 ? 45  ARG A CB  1 
ATOM   312 C CG  . ARG A 1 46  ? -10.18010 -2.31088  -0.26727  1.000 22.93394 ? 45  ARG A CG  1 
ATOM   313 C CD  . ARG A 1 46  ? -10.53908 -0.90488  0.17710   1.000 24.23954 ? 45  ARG A CD  1 
ATOM   314 N NE  . ARG A 1 46  ? -11.29074 -0.20377  -0.85654  1.000 18.80786 ? 45  ARG A NE  1 
ATOM   315 C CZ  . ARG A 1 46  ? -11.70812 1.05138   -0.76487  1.000 14.11984 ? 45  ARG A CZ  1 
ATOM   316 N NH1 . ARG A 1 46  ? -11.47134 1.78115   0.30989   1.000 15.92101 ? 45  ARG A NH1 1 
ATOM   317 N NH2 . ARG A 1 46  ? -12.37898 1.58766   -1.77988  1.000 21.57984 ? 45  ARG A NH2 1 
ATOM   318 N N   . GLU A 1 47  ? -9.21820  -5.59643  -1.04370  1.000 11.80363 ? 46  GLU A N   1 
ATOM   319 C CA  . GLU A 1 47  ? -8.44931  -6.72134  -0.53174  1.000 11.71339 ? 46  GLU A CA  1 
ATOM   320 C C   . GLU A 1 47  ? -7.14593  -6.22877  0.08027   1.000 11.62809 ? 46  GLU A C   1 
ATOM   321 O O   . GLU A 1 47  ? -6.56147  -5.24116  -0.37139  1.000 9.58573  ? 46  GLU A O   1 
ATOM   322 C CB  . GLU A 1 47  ? -8.15148  -7.73297  -1.64353  1.000 21.48745 ? 46  GLU A CB  1 
ATOM   323 C CG  . GLU A 1 47  ? -7.32503  -7.14519  -2.77984  1.000 24.88010 ? 46  GLU A CG  1 
ATOM   324 C CD  . GLU A 1 47  ? -7.20078  -8.06866  -3.97149  1.000 34.92672 ? 46  GLU A CD  1 
ATOM   325 O OE1 . GLU A 1 47  ? -7.92994  -9.08178  -4.02368  1.000 42.30048 ? 46  GLU A OE1 1 
ATOM   326 O OE2 . GLU A 1 47  ? -6.37192  -7.77421  -4.85965  1.000 33.39628 ? 46  GLU A OE2 1 
ATOM   327 N N   . LEU A 1 48  ? -6.69550  -6.92663  1.11662   1.000 6.68842  ? 47  LEU A N   1 
ATOM   328 C CA  . LEU A 1 48  ? -5.40915  -6.60828  1.72119   1.000 10.61198 ? 47  LEU A CA  1 
ATOM   329 C C   . LEU A 1 48  ? -4.26770  -6.95571  0.77101   1.000 11.38755 ? 47  LEU A C   1 
ATOM   330 O O   . LEU A 1 48  ? -4.30166  -7.97455  0.07416   1.000 15.51971 ? 47  LEU A O   1 
ATOM   331 C CB  . LEU A 1 48  ? -5.24248  -7.35983  3.04306   1.000 14.84748 ? 47  LEU A CB  1 
ATOM   332 C CG  . LEU A 1 48  ? -3.94698  -7.12087  3.82629   1.000 16.68173 ? 47  LEU A CG  1 
ATOM   333 C CD1 . LEU A 1 48  ? -3.82476  -5.66627  4.26016   1.000 11.33331 ? 47  LEU A CD1 1 
ATOM   334 C CD2 . LEU A 1 48  ? -3.87402  -8.03664  5.03845   1.000 19.63884 ? 47  LEU A CD2 1 
ATOM   335 N N   . VAL A 1 49  ? -3.25380  -6.09574  0.74190   1.000 6.03256  ? 48  VAL A N   1 
ATOM   336 C CA  . VAL A 1 49  ? -2.03584  -6.32468  -0.02423  1.000 8.12777  ? 48  VAL A CA  1 
ATOM   337 C C   . VAL A 1 49  ? -0.86912  -6.66697  0.89220   1.000 9.56888  ? 48  VAL A C   1 
ATOM   338 O O   . VAL A 1 49  ? -0.18347  -7.66992  0.69191   1.000 7.07281  ? 48  VAL A O   1 
ATOM   339 C CB  . VAL A 1 49  ? -1.70164  -5.10469  -0.91491  1.000 9.29843  ? 48  VAL A CB  1 
ATOM   340 C CG1 . VAL A 1 49  ? -0.46124  -5.37469  -1.73594  1.000 11.17352 ? 48  VAL A CG1 1 
ATOM   341 C CG2 . VAL A 1 49  ? -2.87011  -4.78219  -1.82547  1.000 11.62469 ? 48  VAL A CG2 1 
ATOM   342 N N   . ALA A 1 50  ? -0.63977  -5.84709  1.91374   1.000 7.60723  ? 49  ALA A N   1 
ATOM   343 C CA  . ALA A 1 50  ? 0.46095   -6.04465  2.84606   1.000 5.67204  ? 49  ALA A CA  1 
ATOM   344 C C   . ALA A 1 50  ? 0.22435   -5.16031  4.05975   1.000 6.79258  ? 49  ALA A C   1 
ATOM   345 O O   . ALA A 1 50  ? -0.45513  -4.13519  3.97865   1.000 7.30688  ? 49  ALA A O   1 
ATOM   346 C CB  . ALA A 1 50  ? 1.81259   -5.71948  2.20612   1.000 5.13281  ? 49  ALA A CB  1 
ATOM   347 N N   . ALA A 1 51  ? 0.80390   -5.56403  5.18520   1.000 4.50648  ? 50  ALA A N   1 
ATOM   348 C CA  . ALA A 1 51  ? 0.65905   -4.82378  6.42784   1.000 5.97063  ? 50  ALA A CA  1 
ATOM   349 C C   . ALA A 1 51  ? 1.95696   -4.91398  7.20972   1.000 5.15411  ? 50  ALA A C   1 
ATOM   350 O O   . ALA A 1 51  ? 2.72511   -5.86256  7.04507   1.000 7.18285  ? 50  ALA A O   1 
ATOM   351 C CB  . ALA A 1 51  ? -0.49917  -5.36172  7.27067   1.000 7.89217  ? 50  ALA A CB  1 
ATOM   352 N N   . ILE A 1 52  ? 2.19512   -3.91548  8.05831   1.000 7.43331  ? 51  ILE A N   1 
ATOM   353 C CA  . ILE A 1 52  ? 3.40278   -3.85008  8.87437   1.000 5.21237  ? 51  ILE A CA  1 
ATOM   354 C C   . ILE A 1 52  ? 3.01707   -3.34903  10.25909  1.000 6.13599  ? 51  ILE A C   1 
ATOM   355 O O   . ILE A 1 52  ? 2.13236   -2.49972  10.39439  1.000 8.76001  ? 51  ILE A O   1 
ATOM   356 C CB  . ILE A 1 52  ? 4.47363   -2.94975  8.21235   1.000 5.71520  ? 51  ILE A CB  1 
ATOM   357 C CG1 . ILE A 1 52  ? 5.78261   -2.94986  9.01375   1.000 8.95830  ? 51  ILE A CG1 1 
ATOM   358 C CG2 . ILE A 1 52  ? 3.94255   -1.53512  7.99421   1.000 3.40225  ? 51  ILE A CG2 1 
ATOM   359 C CD1 . ILE A 1 52  ? 6.94272   -2.31746  8.26120   1.000 9.04121  ? 51  ILE A CD1 1 
ATOM   360 N N   . ASP A 1 53  ? 3.64685   -3.89467  11.29737  1.000 8.96890  ? 52  ASP A N   1 
ATOM   361 C CA  . ASP A 1 53  ? 3.34791   -3.43010  12.64474  1.000 9.89326  ? 52  ASP A CA  1 
ATOM   362 C C   . ASP A 1 53  ? 4.51654   -2.60110  13.16904  1.000 14.57030 ? 52  ASP A C   1 
ATOM   363 O O   . ASP A 1 53  ? 5.52359   -2.40126  12.48515  1.000 11.95788 ? 52  ASP A O   1 
ATOM   364 C CB  . ASP A 1 53  ? 2.98009   -4.59597  13.57661  1.000 14.61382 ? 52  ASP A CB  1 
ATOM   365 C CG  . ASP A 1 53  ? 4.13498   -5.54741  13.86358  1.000 13.50728 ? 52  ASP A CG  1 
ATOM   366 O OD1 . ASP A 1 53  ? 5.30188   -5.24682  13.53323  1.000 22.60496 ? 52  ASP A OD1 1 
ATOM   367 O OD2 . ASP A 1 53  ? 3.85760   -6.62699  14.44255  1.000 17.69348 ? 52  ASP A OD2 1 
ATOM   368 N N   . ARG A 1 54  ? 4.36962   -2.10869  14.40084  1.000 17.64542 ? 53  ARG A N   1 
ATOM   369 C CA  . ARG A 1 54  ? 5.36348   -1.18319  14.93573  1.000 21.86677 ? 53  ARG A CA  1 
ATOM   370 C C   . ARG A 1 54  ? 6.73153   -1.83412  15.07835  1.000 24.02871 ? 53  ARG A C   1 
ATOM   371 O O   . ARG A 1 54  ? 7.75667   -1.14655  14.99741  1.000 25.28374 ? 53  ARG A O   1 
ATOM   372 C CB  . ARG A 1 54  ? 4.89284   -0.62694  16.27510  1.000 22.35001 ? 53  ARG A CB  1 
ATOM   373 C CG  . ARG A 1 54  ? 4.10493   0.65739   16.14254  1.000 38.57611 ? 53  ARG A CG  1 
ATOM   374 C CD  . ARG A 1 54  ? 4.89973   1.68110   15.34456  1.000 53.13153 ? 53  ARG A CD  1 
ATOM   375 N NE  . ARG A 1 54  ? 4.44584   1.78379   13.96242  1.000 60.30342 ? 53  ARG A NE  1 
ATOM   376 C CZ  . ARG A 1 54  ? 4.95898   2.61685   13.06737  1.000 64.29133 ? 53  ARG A CZ  1 
ATOM   377 N NH1 . ARG A 1 54  ? 5.94814   3.43973   13.37719  1.000 54.24589 ? 53  ARG A NH1 1 
ATOM   378 N NH2 . ARG A 1 54  ? 4.46767   2.62432   11.83071  1.000 51.53655 ? 53  ARG A NH2 1 
ATOM   379 N N   . SER A 1 55  ? 6.77238   -3.14973  15.27959  1.000 15.36899 ? 54  SER A N   1 
ATOM   380 C CA  . SER A 1 55  ? 8.03534   -3.86273  15.39586  1.000 23.01084 ? 54  SER A CA  1 
ATOM   381 C C   . SER A 1 55  ? 8.73652   -4.05594  14.05964  1.000 21.74583 ? 54  SER A C   1 
ATOM   382 O O   . SER A 1 55  ? 9.88048   -4.51978  14.04476  1.000 25.00056 ? 54  SER A O   1 
ATOM   383 C CB  . SER A 1 55  ? 7.80825   -5.22891  16.04047  1.000 25.08800 ? 54  SER A CB  1 
ATOM   384 O OG  . SER A 1 55  ? 7.09020   -6.07963  15.16232  1.000 27.48300 ? 54  SER A OG  1 
ATOM   385 N N   . GLY A 1 56  ? 8.08863   -3.72083  12.94630  1.000 15.66043 ? 55  GLY A N   1 
ATOM   386 C CA  . GLY A 1 56  ? 8.64515   -3.98581  11.63749  1.000 17.48151 ? 55  GLY A CA  1 
ATOM   387 C C   . GLY A 1 56  ? 8.25687   -5.31616  11.03285  1.000 15.52942 ? 55  GLY A C   1 
ATOM   388 O O   . GLY A 1 56  ? 8.67465   -5.60748  9.90410   1.000 14.85092 ? 55  GLY A O   1 
ATOM   389 N N   . ALA A 1 57  ? 7.49095   -6.13941  11.74761  1.000 14.45817 ? 56  ALA A N   1 
ATOM   390 C CA  . ALA A 1 57  ? 7.00538   -7.39085  11.18579  1.000 12.82035 ? 56  ALA A CA  1 
ATOM   391 C C   . ALA A 1 57  ? 6.01536   -7.10951  10.06258  1.000 8.95623  ? 56  ALA A C   1 
ATOM   392 O O   . ALA A 1 57  ? 5.30026   -6.10707  10.07718  1.000 8.75359  ? 56  ALA A O   1 
ATOM   393 C CB  . ALA A 1 57  ? 6.34531   -8.24613  12.26671  1.000 15.27810 ? 56  ALA A CB  1 
ATOM   394 N N   . THR A 1 58  ? 5.98033   -8.00555  9.07593   1.000 9.23277  ? 57  THR A N   1 
ATOM   395 C CA  . THR A 1 58  ? 5.18672   -7.77967  7.87694   1.000 6.85261  ? 57  THR A CA  1 
ATOM   396 C C   . THR A 1 58  ? 4.41152   -9.03363  7.49370   1.000 12.52477 ? 57  THR A C   1 
ATOM   397 O O   . THR A 1 58  ? 4.85127   -10.15992 7.74685   1.000 8.91909  ? 57  THR A O   1 
ATOM   398 C CB  . THR A 1 58  ? 6.07096   -7.36475  6.70017   1.000 7.58942  ? 57  THR A CB  1 
ATOM   399 O OG1 . THR A 1 58  ? 7.03871   -8.39119  6.46728   1.000 12.05129 ? 57  THR A OG1 1 
ATOM   400 C CG2 . THR A 1 58  ? 6.79096   -6.06018  7.00124   1.000 16.36012 ? 57  THR A CG2 1 
ATOM   401 N N   . VAL A 1 59  ? 3.25521   -8.81928  6.86130   1.000 9.09119  ? 58  VAL A N   1 
ATOM   402 C CA  . VAL A 1 59  ? 2.46284   -9.87196  6.23693   1.000 7.29711  ? 58  VAL A CA  1 
ATOM   403 C C   . VAL A 1 59  ? 2.13784   -9.44834  4.81163   1.000 12.01204 ? 58  VAL A C   1 
ATOM   404 O O   . VAL A 1 59  ? 2.01455   -8.25736  4.51238   1.000 5.14723  ? 58  VAL A O   1 
ATOM   405 C CB  . VAL A 1 59  ? 1.16359   -10.18674 7.01814   1.000 7.78319  ? 58  VAL A CB  1 
ATOM   406 C CG1 . VAL A 1 59  ? 1.49092   -10.78517 8.37364   1.000 10.40071 ? 58  VAL A CG1 1 
ATOM   407 C CG2 . VAL A 1 59  ? 0.31114   -8.93801  7.17825   1.000 11.50423 ? 58  VAL A CG2 1 
ATOM   408 N N   . TYR A 1 60  ? 2.01591   -10.43220 3.92161   1.000 4.89947  ? 59  TYR A N   1 
ATOM   409 C CA  . TYR A 1 60  ? 1.72108   -10.16957 2.51991   1.000 7.81619  ? 59  TYR A CA  1 
ATOM   410 C C   . TYR A 1 60  ? 0.63107   -11.09209 2.00796   1.000 14.99830 ? 59  TYR A C   1 
ATOM   411 O O   . TYR A 1 60  ? 0.56058   -12.26123 2.39753   1.000 13.77295 ? 59  TYR A O   1 
ATOM   412 C CB  . TYR A 1 60  ? 2.94633   -10.36634 1.63741   1.000 10.02862 ? 59  TYR A CB  1 
ATOM   413 C CG  . TYR A 1 60  ? 4.06924   -9.42551  1.93550   1.000 9.61997  ? 59  TYR A CG  1 
ATOM   414 C CD1 . TYR A 1 60  ? 4.14163   -8.18893  1.31737   1.000 9.42002  ? 59  TYR A CD1 1 
ATOM   415 C CD2 . TYR A 1 60  ? 5.05046   -9.76291  2.84965   1.000 9.41358  ? 59  TYR A CD2 1 
ATOM   416 C CE1 . TYR A 1 60  ? 5.17274   -7.32247  1.59160   1.000 10.56793 ? 59  TYR A CE1 1 
ATOM   417 C CE2 . TYR A 1 60  ? 6.08624   -8.90822  3.12572   1.000 14.07741 ? 59  TYR A CE2 1 
ATOM   418 C CZ  . TYR A 1 60  ? 6.14151   -7.68633  2.49663   1.000 10.40179 ? 59  TYR A CZ  1 
ATOM   419 O OH  . TYR A 1 60  ? 7.17276   -6.83630  2.77936   1.000 12.30393 ? 59  TYR A OH  1 
ATOM   420 N N   A SER A 1 61  ? -0.21621  -10.56345 1.12937   0.419 12.28428 ? 60  SER A N   1 
ATOM   421 N N   B SER A 1 61  ? -0.21521  -10.55847 1.13181   0.581 12.35117 ? 60  SER A N   1 
ATOM   422 C CA  A SER A 1 61  ? -1.10787  -11.42160 0.36763   0.419 13.59846 ? 60  SER A CA  1 
ATOM   423 C CA  B SER A 1 61  ? -1.10386  -11.40210 0.34952   0.581 13.56482 ? 60  SER A CA  1 
ATOM   424 C C   A SER A 1 61  ? -0.28636  -12.29679 -0.57095  0.419 18.30850 ? 60  SER A C   1 
ATOM   425 C C   B SER A 1 61  ? -0.28000  -12.29671 -0.57093  0.581 18.33708 ? 60  SER A C   1 
ATOM   426 O O   A SER A 1 61  ? 0.80403   -11.92171 -1.00910  0.419 14.83906 ? 60  SER A O   1 
ATOM   427 O O   B SER A 1 61  ? 0.82154   -11.93864 -0.99467  0.581 14.80741 ? 60  SER A O   1 
ATOM   428 C CB  A SER A 1 61  ? -2.11605  -10.59039 -0.42841  0.419 16.82018 ? 60  SER A CB  1 
ATOM   429 C CB  B SER A 1 61  ? -2.07090  -10.53719 -0.46178  0.581 16.81659 ? 60  SER A CB  1 
ATOM   430 O OG  A SER A 1 61  ? -1.47896  -9.86103  -1.46395  0.419 18.84432 ? 60  SER A OG  1 
ATOM   431 O OG  B SER A 1 61  ? -2.62236  -11.25705 -1.54591  0.581 18.42709 ? 60  SER A OG  1 
ATOM   432 N N   . GLU A 1 62  ? -0.81243  -13.48492 -0.86878  1.000 17.18527 ? 61  GLU A N   1 
ATOM   433 C CA  . GLU A 1 62  ? -0.07976  -14.41294 -1.72491  1.000 18.91560 ? 61  GLU A CA  1 
ATOM   434 C C   . GLU A 1 62  ? 0.07089   -13.90567 -3.15559  1.000 21.61586 ? 61  GLU A C   1 
ATOM   435 O O   . GLU A 1 62  ? 1.00580   -14.32044 -3.84640  1.000 27.19975 ? 61  GLU A O   1 
ATOM   436 C CB  . GLU A 1 62  ? -0.75578  -15.78065 -1.71956  1.000 28.87606 ? 61  GLU A CB  1 
ATOM   437 C CG  . GLU A 1 62  ? -0.35413  -16.62515 -0.52786  1.000 31.65335 ? 61  GLU A CG  1 
ATOM   438 C CD  . GLU A 1 62  ? 1.14915   -16.81470 -0.44123  1.000 42.80431 ? 61  GLU A CD  1 
ATOM   439 O OE1 . GLU A 1 62  ? 1.74315   -17.31756 -1.42017  1.000 55.01711 ? 61  GLU A OE1 1 
ATOM   440 O OE2 . GLU A 1 62  ? 1.74077   -16.44843 0.59802   1.000 43.26125 ? 61  GLU A OE2 1 
ATOM   441 N N   . SER A 1 63  ? -0.80938  -13.00828 -3.60512  1.000 22.87477 ? 62  SER A N   1 
ATOM   442 C CA  . SER A 1 63  ? -0.67919  -12.44181 -4.94345  1.000 23.81075 ? 62  SER A CA  1 
ATOM   443 C C   . SER A 1 63  ? 0.62334   -11.67182 -5.11264  1.000 23.24503 ? 62  SER A C   1 
ATOM   444 O O   . SER A 1 63  ? 1.18317   -11.63655 -6.21399  1.000 19.27799 ? 62  SER A O   1 
ATOM   445 C CB  . SER A 1 63  ? -1.86106  -11.51970 -5.24198  1.000 23.58791 ? 62  SER A CB  1 
ATOM   446 O OG  . SER A 1 63  ? -3.09516  -12.20774 -5.14744  1.000 43.65898 ? 62  SER A OG  1 
ATOM   447 N N   . VAL A 1 64  ? 1.12162   -11.04913 -4.04613  1.000 16.75991 ? 63  VAL A N   1 
ATOM   448 C CA  . VAL A 1 64  ? 2.24271   -10.12317 -4.14275  1.000 14.31912 ? 63  VAL A CA  1 
ATOM   449 C C   . VAL A 1 64  ? 3.46991   -10.59485 -3.38301  1.000 17.67014 ? 63  VAL A C   1 
ATOM   450 O O   . VAL A 1 64  ? 4.50597   -9.92323  -3.43033  1.000 15.26397 ? 63  VAL A O   1 
ATOM   451 C CB  . VAL A 1 64  ? 1.83920   -8.71229  -3.66820  1.000 10.23907 ? 63  VAL A CB  1 
ATOM   452 C CG1 . VAL A 1 64  ? 0.54409   -8.28181  -4.33290  1.000 10.81994 ? 63  VAL A CG1 1 
ATOM   453 C CG2 . VAL A 1 64  ? 1.70483   -8.68075  -2.15001  1.000 11.47545 ? 63  VAL A CG2 1 
ATOM   454 N N   . ARG A 1 65  ? 3.39199   -11.72047 -2.67751  1.000 20.44505 ? 64  ARG A N   1 
ATOM   455 C CA  . ARG A 1 65  ? 4.52338   -12.16028 -1.87220  1.000 22.72922 ? 64  ARG A CA  1 
ATOM   456 C C   . ARG A 1 65  ? 5.72612   -12.45361 -2.76292  1.000 23.63154 ? 64  ARG A C   1 
ATOM   457 O O   . ARG A 1 65  ? 5.62704   -13.20567 -3.73585  1.000 36.89198 ? 64  ARG A O   1 
ATOM   458 C CB  . ARG A 1 65  ? 4.13808   -13.39113 -1.04615  1.000 21.12109 ? 64  ARG A CB  1 
ATOM   459 C CG  . ARG A 1 65  ? 5.29984   -14.03285 -0.31230  1.000 35.50935 ? 64  ARG A CG  1 
ATOM   460 C CD  . ARG A 1 65  ? 4.81795   -15.00587 0.75712   1.000 36.54936 ? 64  ARG A CD  1 
ATOM   461 N NE  . ARG A 1 65  ? 4.38278   -14.31405 1.96540   1.000 29.91594 ? 64  ARG A NE  1 
ATOM   462 C CZ  . ARG A 1 65  ? 5.20848   -13.80978 2.87373   1.000 35.78697 ? 64  ARG A CZ  1 
ATOM   463 N NH1 . ARG A 1 65  ? 6.52214   -13.88039 2.72896   1.000 47.86764 ? 64  ARG A NH1 1 
ATOM   464 N NH2 . ARG A 1 65  ? 4.70472   -13.21875 3.95477   1.000 32.26411 ? 64  ARG A NH2 1 
ATOM   465 N N   . GLY A 1 66  ? 6.86091   -11.82855 -2.43852  1.000 19.13029 ? 65  GLY A N   1 
ATOM   466 C CA  . GLY A 1 66  ? 8.07738   -11.92021 -3.20814  1.000 24.55216 ? 65  GLY A CA  1 
ATOM   467 C C   . GLY A 1 66  ? 8.28893   -10.76907 -4.17455  1.000 28.97355 ? 65  GLY A C   1 
ATOM   468 O O   . GLY A 1 66  ? 9.43742   -10.46095 -4.51767  1.000 25.67856 ? 65  GLY A O   1 
ATOM   469 N N   . ARG A 1 67  ? 7.20881   -10.12558 -4.61628  1.000 15.94920 ? 66  ARG A N   1 
ATOM   470 C CA  . ARG A 1 67  ? 7.28011   -9.01707  -5.55938  1.000 14.65375 ? 66  ARG A CA  1 
ATOM   471 C C   . ARG A 1 67  ? 7.12401   -7.66482  -4.88466  1.000 13.90122 ? 66  ARG A C   1 
ATOM   472 O O   . ARG A 1 67  ? 7.87457   -6.73197  -5.19298  1.000 19.08923 ? 66  ARG A O   1 
ATOM   473 C CB  . ARG A 1 67  ? 6.20647   -9.17228  -6.64309  1.000 14.52987 ? 66  ARG A CB  1 
ATOM   474 C CG  . ARG A 1 67  ? 6.26083   -10.49906 -7.37402  1.000 18.87306 ? 66  ARG A CG  1 
ATOM   475 C CD  . ARG A 1 67  ? 5.23345   -10.58754 -8.49516  1.000 15.53885 ? 66  ARG A CD  1 
ATOM   476 N NE  . ARG A 1 67  ? 3.85692   -10.42005 -8.03666  1.000 11.31447 ? 66  ARG A NE  1 
ATOM   477 C CZ  . ARG A 1 67  ? 3.10725   -9.35290  -8.28414  1.000 20.09152 ? 66  ARG A CZ  1 
ATOM   478 N NH1 . ARG A 1 67  ? 3.58350   -8.30905  -8.94654  1.000 12.57819 ? 66  ARG A NH1 1 
ATOM   479 N NH2 . ARG A 1 67  ? 1.84641   -9.33427  -7.86277  1.000 14.47422 ? 66  ARG A NH2 1 
ATOM   480 N N   . PHE A 1 68  ? 6.16789   -7.53640  -3.97116  1.000 11.35333 ? 67  PHE A N   1 
ATOM   481 C CA  . PHE A 1 68  ? 5.97080   -6.30681  -3.22065  1.000 6.30592  ? 67  PHE A CA  1 
ATOM   482 C C   . PHE A 1 68  ? 6.68899   -6.40170  -1.88166  1.000 14.39599 ? 67  PHE A C   1 
ATOM   483 O O   . PHE A 1 68  ? 6.79919   -7.47931  -1.29224  1.000 15.76997 ? 67  PHE A O   1 
ATOM   484 C CB  . PHE A 1 68  ? 4.48725   -6.02586  -2.96413  1.000 5.05164  ? 67  PHE A CB  1 
ATOM   485 C CG  . PHE A 1 68  ? 3.70094   -5.64480  -4.19060  1.000 7.70430  ? 67  PHE A CG  1 
ATOM   486 C CD1 . PHE A 1 68  ? 4.21407   -5.82373  -5.46553  1.000 7.61759  ? 67  PHE A CD1 1 
ATOM   487 C CD2 . PHE A 1 68  ? 2.43812   -5.09845  -4.05647  1.000 8.16381  ? 67  PHE A CD2 1 
ATOM   488 C CE1 . PHE A 1 68  ? 3.47784   -5.46891  -6.57724  1.000 8.73609  ? 67  PHE A CE1 1 
ATOM   489 C CE2 . PHE A 1 68  ? 1.69717   -4.74343  -5.16840  1.000 8.13560  ? 67  PHE A CE2 1 
ATOM   490 C CZ  . PHE A 1 68  ? 2.21738   -4.92811  -6.42494  1.000 9.18692  ? 67  PHE A CZ  1 
ATOM   491 N N   . THR A 1 69  ? 7.16464   -5.25700  -1.40086  1.000 9.66775  ? 68  THR A N   1 
ATOM   492 C CA  . THR A 1 69  ? 7.75523   -5.13744  -0.07543  1.000 10.04630 ? 68  THR A CA  1 
ATOM   493 C C   . THR A 1 69  ? 7.14752   -3.93428  0.62932   1.000 12.99423 ? 68  THR A C   1 
ATOM   494 O O   . THR A 1 69  ? 7.06535   -2.84917  0.04716   1.000 13.47736 ? 68  THR A O   1 
ATOM   495 C CB  . THR A 1 69  ? 9.27697   -4.97947  -0.15539  1.000 14.86164 ? 68  THR A CB  1 
ATOM   496 O OG1 . THR A 1 69  ? 9.84268   -6.10952  -0.83063  1.000 18.23534 ? 68  THR A OG1 1 
ATOM   497 C CG2 . THR A 1 69  ? 9.87403   -4.87848  1.23412   1.000 16.41242 ? 68  THR A CG2 1 
ATOM   498 N N   . ILE A 1 70  ? 6.73318   -4.11516  1.87959   1.000 7.77116  ? 69  ILE A N   1 
ATOM   499 C CA  . ILE A 1 70  ? 6.23805   -3.01441  2.69524   1.000 6.79081  ? 69  ILE A CA  1 
ATOM   500 C C   . ILE A 1 70  ? 7.29771   -2.67844  3.73961   1.000 10.28722 ? 69  ILE A C   1 
ATOM   501 O O   . ILE A 1 70  ? 7.93578   -3.57005  4.31414   1.000 8.27899  ? 69  ILE A O   1 
ATOM   502 C CB  . ILE A 1 70  ? 4.87000   -3.34145  3.33158   1.000 7.76886  ? 69  ILE A CB  1 
ATOM   503 C CG1 . ILE A 1 70  ? 4.26563   -2.08844  3.96710   1.000 5.68046  ? 69  ILE A CG1 1 
ATOM   504 C CG2 . ILE A 1 70  ? 4.98559   -4.49257  4.32676   1.000 7.66868  ? 69  ILE A CG2 1 
ATOM   505 C CD1 . ILE A 1 70  ? 2.83629   -2.26305  4.46875   1.000 6.73608  ? 69  ILE A CD1 1 
ATOM   506 N N   . SER A 1 71  ? 7.52078   -1.38578  3.95063   1.000 8.71081  ? 70  SER A N   1 
ATOM   507 C CA  . SER A 1 71  ? 8.54106   -0.94488  4.88784   1.000 7.81118  ? 70  SER A CA  1 
ATOM   508 C C   . SER A 1 71  ? 8.09814   0.36206   5.52699   1.000 12.34421 ? 70  SER A C   1 
ATOM   509 O O   . SER A 1 71  ? 7.17692   1.02777   5.05062   1.000 11.10058 ? 70  SER A O   1 
ATOM   510 C CB  . SER A 1 71  ? 9.89234   -0.76944  4.19287   1.000 10.43800 ? 70  SER A CB  1 
ATOM   511 O OG  . SER A 1 71  ? 9.84619   0.31288   3.28245   1.000 12.69948 ? 70  SER A OG  1 
ATOM   512 N N   . LYS A 1 72  ? 8.76419   0.73007   6.61517   1.000 9.42321  ? 71  LYS A N   1 
ATOM   513 C CA  . LYS A 1 72  ? 8.39145   1.93536   7.33967   1.000 11.04203 ? 71  LYS A CA  1 
ATOM   514 C C   . LYS A 1 72  ? 9.62238   2.76992   7.65734   1.000 20.33395 ? 71  LYS A C   1 
ATOM   515 O O   . LYS A 1 72  ? 10.69869  2.23772   7.94510   1.000 20.68069 ? 71  LYS A O   1 
ATOM   516 C CB  . LYS A 1 72  ? 7.62527   1.60549   8.62921   1.000 23.95870 ? 71  LYS A CB  1 
ATOM   517 C CG  . LYS A 1 72  ? 8.44692   0.96318   9.73167   1.000 28.58682 ? 71  LYS A CG  1 
ATOM   518 C CD  . LYS A 1 72  ? 7.55863   0.58749   10.91258  1.000 35.76661 ? 71  LYS A CD  1 
ATOM   519 C CE  . LYS A 1 72  ? 8.37329   0.27438   12.15432  1.000 33.35886 ? 71  LYS A CE  1 
ATOM   520 N NZ  . LYS A 1 72  ? 9.36045   -0.81158  11.92322  1.000 46.36996 ? 71  LYS A NZ  1 
ATOM   521 N N   . ASN A 1 73  ? 9.45255   4.08009   7.58753   1.000 13.21913 ? 72  ASN A N   1 
ATOM   522 C CA  . ASN A 1 73  ? 10.47354  5.04356   7.98348   1.000 24.23456 ? 72  ASN A CA  1 
ATOM   523 C C   . ASN A 1 73  ? 9.94003   5.73067   9.23379   1.000 23.94910 ? 72  ASN A C   1 
ATOM   524 O O   . ASN A 1 73  ? 9.13896   6.66381   9.14272   1.000 27.94654 ? 72  ASN A O   1 
ATOM   525 C CB  . ASN A 1 73  ? 10.75904  6.03778   6.86045   1.000 23.30260 ? 72  ASN A CB  1 
ATOM   526 C CG  . ASN A 1 73  ? 11.92885  6.95704   7.17020   1.000 26.97706 ? 72  ASN A CG  1 
ATOM   527 O OD1 . ASN A 1 73  ? 12.23977  7.22235   8.33074   1.000 28.93163 ? 72  ASN A OD1 1 
ATOM   528 N ND2 . ASN A 1 73  ? 12.58237  7.45016   6.12529   1.000 35.63983 ? 72  ASN A ND2 1 
ATOM   529 N N   . ASP A 1 74  ? 10.37791  5.25532   10.40202  1.000 30.31785 ? 73  ASP A N   1 
ATOM   530 C CA  . ASP A 1 74  ? 9.89477   5.80562   11.66255  1.000 39.73631 ? 73  ASP A CA  1 
ATOM   531 C C   . ASP A 1 74  ? 10.31389  7.25474   11.86413  1.000 37.60508 ? 73  ASP A C   1 
ATOM   532 O O   . ASP A 1 74  ? 9.67229   7.96786   12.64194  1.000 45.57201 ? 73  ASP A O   1 
ATOM   533 C CB  . ASP A 1 74  ? 10.38653  4.94945   12.82953  1.000 49.92160 ? 73  ASP A CB  1 
ATOM   534 C CG  . ASP A 1 74  ? 9.79094   3.55416   12.81792  1.000 55.11224 ? 73  ASP A CG  1 
ATOM   535 O OD1 . ASP A 1 74  ? 8.54771   3.43992   12.76904  1.000 56.48827 ? 73  ASP A OD1 1 
ATOM   536 O OD2 . ASP A 1 74  ? 10.56550  2.57307   12.84552  1.000 52.22186 ? 73  ASP A OD2 1 
ATOM   537 N N   . ALA A 1 75  ? 11.36830  7.70698   11.18493  1.000 38.07725 ? 74  ALA A N   1 
ATOM   538 C CA  . ALA A 1 75  ? 11.74480  9.11402   11.25905  1.000 42.92359 ? 74  ALA A CA  1 
ATOM   539 C C   . ALA A 1 75  ? 10.69981  9.99093   10.57775  1.000 42.54859 ? 74  ALA A C   1 
ATOM   540 O O   . ALA A 1 75  ? 10.03664  10.80840  11.22657  1.000 42.65943 ? 74  ALA A O   1 
ATOM   541 C CB  . ALA A 1 75  ? 13.12607  9.32231   10.63372  1.000 42.60880 ? 74  ALA A CB  1 
ATOM   542 N N   . LYS A 1 76  ? 10.52774  9.82171   9.26419   1.000 35.81352 ? 75  LYS A N   1 
ATOM   543 C CA  . LYS A 1 76  ? 9.55959   10.61387  8.51496   1.000 28.47936 ? 75  LYS A CA  1 
ATOM   544 C C   . LYS A 1 76  ? 8.11671   10.19125  8.76535   1.000 31.43107 ? 75  LYS A C   1 
ATOM   545 O O   . LYS A 1 76  ? 7.20416   10.87896  8.29380   1.000 36.15501 ? 75  LYS A O   1 
ATOM   546 C CB  . LYS A 1 76  ? 9.86327   10.53479  7.01689   1.000 35.58742 ? 75  LYS A CB  1 
ATOM   547 C CG  . LYS A 1 76  ? 11.16190  11.20902  6.60498   1.000 42.87457 ? 75  LYS A CG  1 
ATOM   548 C CD  . LYS A 1 76  ? 11.26774  11.32349  5.08997   1.000 42.23815 ? 75  LYS A CD  1 
ATOM   549 C CE  . LYS A 1 76  ? 12.50891  12.10158  4.67002   1.000 45.61635 ? 75  LYS A CE  1 
ATOM   550 N NZ  . LYS A 1 76  ? 13.77054  11.42539  5.08534   1.000 56.62771 ? 75  LYS A NZ  1 
ATOM   551 N N   . ASN A 1 77  ? 7.89242   9.09329   9.48972   1.000 28.67194 ? 76  ASN A N   1 
ATOM   552 C CA  . ASN A 1 77  ? 6.55492   8.56416   9.76381   1.000 38.11198 ? 76  ASN A CA  1 
ATOM   553 C C   . ASN A 1 77  ? 5.83091   8.21277   8.45963   1.000 27.51245 ? 76  ASN A C   1 
ATOM   554 O O   . ASN A 1 77  ? 4.72428   8.67712   8.17725   1.000 32.25640 ? 76  ASN A O   1 
ATOM   555 C CB  . ASN A 1 77  ? 5.73992   9.54855   10.61020  1.000 37.17147 ? 76  ASN A CB  1 
ATOM   556 C CG  . ASN A 1 77  ? 4.49676   8.91836   11.19646  1.000 45.00963 ? 76  ASN A CG  1 
ATOM   557 O OD1 . ASN A 1 77  ? 4.49201   7.73735   11.54538  1.000 51.80615 ? 76  ASN A OD1 1 
ATOM   558 N ND2 . ASN A 1 77  ? 3.42904   9.70154   11.30064  1.000 53.78769 ? 76  ASN A ND2 1 
ATOM   559 N N   . ILE A 1 78  ? 6.48487   7.36741   7.66565   1.000 18.75468 ? 77  ILE A N   1 
ATOM   560 C CA  . ILE A 1 78  ? 6.03481   7.01596   6.32441   1.000 15.56272 ? 77  ILE A CA  1 
ATOM   561 C C   . ILE A 1 78  ? 6.06331   5.50143   6.18122   1.000 13.10077 ? 77  ILE A C   1 
ATOM   562 O O   . ILE A 1 78  ? 7.02201   4.85011   6.60766   1.000 18.30418 ? 77  ILE A O   1 
ATOM   563 C CB  . ILE A 1 78  ? 6.92562   7.67049   5.24407   1.000 16.40285 ? 77  ILE A CB  1 
ATOM   564 C CG1 . ILE A 1 78  ? 6.86691   9.19116   5.34910   1.000 21.56264 ? 77  ILE A CG1 1 
ATOM   565 C CG2 . ILE A 1 78  ? 6.50625   7.23052   3.85539   1.000 16.73231 ? 77  ILE A CG2 1 
ATOM   566 C CD1 . ILE A 1 78  ? 5.47687   9.74383   5.20562   1.000 29.92758 ? 77  ILE A CD1 1 
ATOM   567 N N   . VAL A 1 79  ? 5.01769   4.94002   5.57930   1.000 9.03350  ? 78  VAL A N   1 
ATOM   568 C CA  . VAL A 1 79  ? 4.98648   3.53206   5.20199   1.000 6.84546  ? 78  VAL A CA  1 
ATOM   569 C C   . VAL A 1 79  ? 5.04989   3.45304   3.68277   1.000 7.57720  ? 78  VAL A C   1 
ATOM   570 O O   . VAL A 1 79  ? 4.24726   4.08774   2.98879   1.000 9.98046  ? 78  VAL A O   1 
ATOM   571 C CB  . VAL A 1 79  ? 3.73536   2.81775   5.73898   1.000 8.26950  ? 78  VAL A CB  1 
ATOM   572 C CG1 . VAL A 1 79  ? 3.66767   1.40175   5.19384   1.000 10.06227 ? 78  VAL A CG1 1 
ATOM   573 C CG2 . VAL A 1 79  ? 3.74044   2.80338   7.26097   1.000 12.01598 ? 78  VAL A CG2 1 
ATOM   574 N N   . TRP A 1 80  ? 6.00862   2.68982   3.17249   1.000 4.33373  ? 79  TRP A N   1 
ATOM   575 C CA  . TRP A 1 80  ? 6.22207   2.52799   1.73872   1.000 6.64594  ? 79  TRP A CA  1 
ATOM   576 C C   . TRP A 1 80  ? 5.66523   1.20016   1.25046   1.000 7.01851  ? 79  TRP A C   1 
ATOM   577 O O   . TRP A 1 80  ? 5.84964   0.17097   1.90135   1.000 9.40305  ? 79  TRP A O   1 
ATOM   578 C CB  . TRP A 1 80  ? 7.71186   2.57493   1.40449   1.000 7.54399  ? 79  TRP A CB  1 
ATOM   579 C CG  . TRP A 1 80  ? 8.32756   3.91458   1.52929   1.000 7.79896  ? 79  TRP A CG  1 
ATOM   580 C CD1 . TRP A 1 80  ? 8.96624   4.42373   2.61949   1.000 13.07459 ? 79  TRP A CD1 1 
ATOM   581 C CD2 . TRP A 1 80  ? 8.38360   4.92688   0.51770   1.000 7.28798  ? 79  TRP A CD2 1 
ATOM   582 N NE1 . TRP A 1 80  ? 9.40678   5.70108   2.35308   1.000 13.91081 ? 79  TRP A NE1 1 
ATOM   583 C CE2 . TRP A 1 80  ? 9.06641   6.02878   1.06711   1.000 11.50432 ? 79  TRP A CE2 1 
ATOM   584 C CE3 . TRP A 1 80  ? 7.91966   5.00834   -0.79602  1.000 7.07779  ? 79  TRP A CE3 1 
ATOM   585 C CZ2 . TRP A 1 80  ? 9.29499   7.20027   0.34690   1.000 11.03203 ? 79  TRP A CZ2 1 
ATOM   586 C CZ3 . TRP A 1 80  ? 8.14966   6.17062   -1.51457  1.000 9.05251  ? 79  TRP A CZ3 1 
ATOM   587 C CH2 . TRP A 1 80  ? 8.83163   7.24970   -0.94094  1.000 12.20565 ? 79  TRP A CH2 1 
ATOM   588 N N   . LEU A 1 81  ? 5.01311   1.21689   0.08533   1.000 5.50650  ? 80  LEU A N   1 
ATOM   589 C CA  . LEU A 1 81  ? 4.73246   -0.00566  -0.66359  1.000 3.62216  ? 80  LEU A CA  1 
ATOM   590 C C   . LEU A 1 81  ? 5.65931   -0.01816  -1.87717  1.000 5.90037  ? 80  LEU A C   1 
ATOM   591 O O   . LEU A 1 81  ? 5.50801   0.79629   -2.79614  1.000 6.31042  ? 80  LEU A O   1 
ATOM   592 C CB  . LEU A 1 81  ? 3.26710   -0.10143  -1.08685  1.000 8.67835  ? 80  LEU A CB  1 
ATOM   593 C CG  . LEU A 1 81  ? 2.88516   -1.44297  -1.72339  1.000 6.94214  ? 80  LEU A CG  1 
ATOM   594 C CD1 . LEU A 1 81  ? 3.00925   -2.57560  -0.70067  1.000 6.17235  ? 80  LEU A CD1 1 
ATOM   595 C CD2 . LEU A 1 81  ? 1.47982   -1.39016  -2.30865  1.000 6.00821  ? 80  LEU A CD2 1 
ATOM   596 N N   . GLN A 1 82  ? 6.63364   -0.92319  -1.86506  1.000 5.58787  ? 81  GLN A N   1 
ATOM   597 C CA  . GLN A 1 82  ? 7.55932   -1.08903  -2.98406  1.000 7.05607  ? 81  GLN A CA  1 
ATOM   598 C C   . GLN A 1 82  ? 6.93441   -2.11510  -3.91803  1.000 7.65553  ? 81  GLN A C   1 
ATOM   599 O O   . GLN A 1 82  ? 6.94711   -3.31280  -3.63663  1.000 9.50004  ? 81  GLN A O   1 
ATOM   600 C CB  . GLN A 1 82  ? 8.92974   -1.53900  -2.48867  1.000 9.52562  ? 81  GLN A CB  1 
ATOM   601 C CG  . GLN A 1 82  ? 9.43147   -0.73073  -1.30551  1.000 17.79765 ? 81  GLN A CG  1 
ATOM   602 C CD  . GLN A 1 82  ? 10.47068  -1.46735  -0.47975  1.000 20.66973 ? 81  GLN A CD  1 
ATOM   603 O OE1 . GLN A 1 82  ? 10.43768  -1.43140  0.75342   1.000 20.41549 ? 81  GLN A OE1 1 
ATOM   604 N NE2 . GLN A 1 82  ? 11.40128  -2.13530  -1.15417  1.000 14.01702 ? 81  GLN A NE2 1 
ATOM   605 N N   . MET A 1 83  ? 6.36871   -1.64900  -5.02247  1.000 6.73794  ? 82  MET A N   1 
ATOM   606 C CA  . MET A 1 83  ? 5.69804   -2.52309  -5.98026  1.000 4.93839  ? 82  MET A CA  1 
ATOM   607 C C   . MET A 1 83  ? 6.69363   -2.84307  -7.08581  1.000 7.35604  ? 82  MET A C   1 
ATOM   608 O O   . MET A 1 83  ? 6.89547   -2.04874  -8.00455  1.000 9.46127  ? 82  MET A O   1 
ATOM   609 C CB  . MET A 1 83  ? 4.43679   -1.86757  -6.53129  1.000 9.25664  ? 82  MET A CB  1 
ATOM   610 C CG  . MET A 1 83  ? 3.49162   -1.32797  -5.47173  1.000 8.86722  ? 82  MET A CG  1 
ATOM   611 S SD  . MET A 1 83  ? 2.17614   -0.32031  -6.21960  1.000 13.87269 ? 82  MET A SD  1 
ATOM   612 C CE  . MET A 1 83  ? 1.38337   -1.52081  -7.28253  1.000 9.63902  ? 82  MET A CE  1 
ATOM   613 N N   . ASN A 1 84  ? 7.32276   -4.00640  -6.98650  1.000 5.69861  ? 83  ASN A N   1 
ATOM   614 C CA  . ASN A 1 84  ? 8.29410   -4.46505  -7.96139  1.000 7.00566  ? 83  ASN A CA  1 
ATOM   615 C C   . ASN A 1 84  ? 7.72877   -5.64008  -8.74607  1.000 9.94882  ? 83  ASN A C   1 
ATOM   616 O O   . ASN A 1 84  ? 6.73334   -6.25606  -8.35133  1.000 9.80058  ? 83  ASN A O   1 
ATOM   617 C CB  . ASN A 1 84  ? 9.60123   -4.86047  -7.27057  1.000 10.29167 ? 83  ASN A CB  1 
ATOM   618 C CG  . ASN A 1 84  ? 10.25977  -3.68989  -6.57464  1.000 17.70860 ? 83  ASN A CG  1 
ATOM   619 O OD1 . ASN A 1 84  ? 10.31944  -2.58361  -7.12023  1.000 12.54243 ? 83  ASN A OD1 1 
ATOM   620 N ND2 . ASN A 1 84  ? 10.74109  -3.91779  -5.35609  1.000 12.35274 ? 83  ASN A ND2 1 
ATOM   621 N N   . ASN A 1 85  ? 8.37576   -5.93214  -9.87452  1.000 10.95854 ? 84  ASN A N   1 
ATOM   622 C CA  . ASN A 1 85  ? 7.98486   -7.03840  -10.75039 1.000 11.13605 ? 84  ASN A CA  1 
ATOM   623 C C   . ASN A 1 85  ? 6.49225   -6.97931  -11.07020 1.000 10.37564 ? 84  ASN A C   1 
ATOM   624 O O   . ASN A 1 85  ? 5.75890   -7.95684  -10.91898 1.000 12.96621 ? 84  ASN A O   1 
ATOM   625 C CB  . ASN A 1 85  ? 8.35562   -8.38728  -10.12616 1.000 10.20998 ? 84  ASN A CB  1 
ATOM   626 C CG  . ASN A 1 85  ? 9.81101   -8.45419  -9.68934  1.000 19.68837 ? 84  ASN A CG  1 
ATOM   627 O OD1 . ASN A 1 85  ? 10.71612  -8.51571  -10.51861 1.000 30.16604 ? 84  ASN A OD1 1 
ATOM   628 N ND2 . ASN A 1 85  ? 10.03824  -8.46612  -8.37934  1.000 26.42831 ? 84  ASN A ND2 1 
ATOM   629 N N   . LEU A 1 86  ? 6.04627   -5.80802  -11.51962 1.000 8.15807  ? 85  LEU A N   1 
ATOM   630 C CA  . LEU A 1 86  ? 4.61944   -5.55110  -11.67354 1.000 8.01746  ? 85  LEU A CA  1 
ATOM   631 C C   . LEU A 1 86  ? 4.00142   -6.45935  -12.73208 1.000 8.43855  ? 85  LEU A C   1 
ATOM   632 O O   . LEU A 1 86  ? 4.63970   -6.82373  -13.72098 1.000 9.91976  ? 85  LEU A O   1 
ATOM   633 C CB  . LEU A 1 86  ? 4.39108   -4.07814  -12.03193 1.000 4.88254  ? 85  LEU A CB  1 
ATOM   634 C CG  . LEU A 1 86  ? 4.55920   -3.11506  -10.85394 1.000 7.63377  ? 85  LEU A CG  1 
ATOM   635 C CD1 . LEU A 1 86  ? 4.78981   -1.69059  -11.32320 1.000 8.22271  ? 85  LEU A CD1 1 
ATOM   636 C CD2 . LEU A 1 86  ? 3.35267   -3.17492  -9.93953  1.000 8.15110  ? 85  LEU A CD2 1 
ATOM   637 N N   . THR A 1 87  ? 2.74433   -6.84567  -12.49654 1.000 9.88817  ? 86  THR A N   1 
ATOM   638 C CA  . THR A 1 87  ? 1.94636   -7.59555  -13.45442 1.000 12.98942 ? 86  THR A CA  1 
ATOM   639 C C   . THR A 1 87  ? 0.63761   -6.85566  -13.69251 1.000 12.62062 ? 86  THR A C   1 
ATOM   640 O O   . THR A 1 87  ? 0.23410   -5.99609  -12.90555 1.000 11.46633 ? 86  THR A O   1 
ATOM   641 C CB  . THR A 1 87  ? 1.64391   -9.03481  -12.97652 1.000 16.77876 ? 86  THR A CB  1 
ATOM   642 O OG1 . THR A 1 87  ? 0.72163   -9.00286  -11.87917 1.000 21.11212 ? 86  THR A OG1 1 
ATOM   643 C CG2 . THR A 1 87  ? 2.91616   -9.74298  -12.53473 1.000 22.18542 ? 86  THR A CG2 1 
ATOM   644 N N   . THR A 1 88  ? -0.03426  -7.20774  -14.79204 1.000 14.48066 ? 87  THR A N   1 
ATOM   645 C CA  . THR A 1 88  ? -1.32004  -6.58635  -15.09658 1.000 14.90187 ? 87  THR A CA  1 
ATOM   646 C C   . THR A 1 88  ? -2.33253  -6.80024  -13.97542 1.000 17.21776 ? 87  THR A C   1 
ATOM   647 O O   . THR A 1 88  ? -3.25805  -5.99657  -13.81665 1.000 19.31669 ? 87  THR A O   1 
ATOM   648 C CB  . THR A 1 88  ? -1.86256  -7.12914  -16.41979 1.000 20.49626 ? 87  THR A CB  1 
ATOM   649 O OG1 . THR A 1 88  ? -1.88608  -8.55987  -16.37620 1.000 22.43789 ? 87  THR A OG1 1 
ATOM   650 C CG2 . THR A 1 88  ? -0.98244  -6.68356  -17.57204 1.000 19.11145 ? 87  THR A CG2 1 
ATOM   651 N N   . GLU A 1 89  ? -2.16360  -7.86216  -13.18072 1.000 14.24775 ? 88  GLU A N   1 
ATOM   652 C CA  . GLU A 1 89  ? -3.03663  -8.11122  -12.03830 1.000 17.11814 ? 88  GLU A CA  1 
ATOM   653 C C   . GLU A 1 89  ? -2.95190  -7.01547  -10.98686 1.000 19.91490 ? 88  GLU A C   1 
ATOM   654 O O   . GLU A 1 89  ? -3.85858  -6.89991  -10.15418 1.000 15.74319 ? 88  GLU A O   1 
ATOM   655 C CB  . GLU A 1 89  ? -2.69166  -9.45434  -11.38495 1.000 22.03852 ? 88  GLU A CB  1 
ATOM   656 C CG  . GLU A 1 89  ? -3.31381  -10.67876 -12.03866 1.000 40.96459 ? 88  GLU A CG  1 
ATOM   657 C CD  . GLU A 1 89  ? -2.51613  -11.20423 -13.21962 1.000 49.58919 ? 88  GLU A CD  1 
ATOM   658 O OE1 . GLU A 1 89  ? -1.96821  -10.38972 -13.99412 1.000 48.55776 ? 88  GLU A OE1 1 
ATOM   659 O OE2 . GLU A 1 89  ? -2.43551  -12.44212 -13.37059 1.000 49.36388 ? 88  GLU A OE2 1 
ATOM   660 N N   . ASP A 1 90  ? -1.88454  -6.22030  -10.99328 1.000 11.17999 ? 89  ASP A N   1 
ATOM   661 C CA  . ASP A 1 90  ? -1.68993  -5.20025  -9.97301  1.000 11.62366 ? 89  ASP A CA  1 
ATOM   662 C C   . ASP A 1 90  ? -2.42324  -3.90026  -10.28108 1.000 10.36453 ? 89  ASP A C   1 
ATOM   663 O O   . ASP A 1 90  ? -2.37532  -2.98019  -9.46010  1.000 9.42312  ? 89  ASP A O   1 
ATOM   664 C CB  . ASP A 1 90  ? -0.19242  -4.93207  -9.79091  1.000 10.39592 ? 89  ASP A CB  1 
ATOM   665 C CG  . ASP A 1 90  ? 0.56886   -6.16644  -9.33602  1.000 11.13337 ? 89  ASP A CG  1 
ATOM   666 O OD1 . ASP A 1 90  ? -0.00299  -6.97687  -8.57590  1.000 11.79985 ? 89  ASP A OD1 1 
ATOM   667 O OD2 . ASP A 1 90  ? 1.73876   -6.33238  -9.73948  1.000 12.27418 ? 89  ASP A OD2 1 
ATOM   668 N N   . THR A 1 91  ? -3.09125  -3.80119  -11.43252 1.000 6.58696  ? 90  THR A N   1 
ATOM   669 C CA  . THR A 1 91  ? -3.87113  -2.61332  -11.75568 1.000 6.39331  ? 90  THR A CA  1 
ATOM   670 C C   . THR A 1 91  ? -5.02211  -2.46424  -10.77290 1.000 9.43912  ? 90  THR A C   1 
ATOM   671 O O   . THR A 1 91  ? -5.85336  -3.36658  -10.65078 1.000 8.20704  ? 90  THR A O   1 
ATOM   672 C CB  . THR A 1 91  ? -4.41200  -2.70999  -13.18103 1.000 10.51836 ? 90  THR A CB  1 
ATOM   673 O OG1 . THR A 1 91  ? -3.32178  -2.70829  -14.10916 1.000 6.63703  ? 90  THR A OG1 1 
ATOM   674 C CG2 . THR A 1 91  ? -5.34414  -1.53744  -13.47245 1.000 9.11204  ? 90  THR A CG2 1 
ATOM   675 N N   . ALA A 1 92  ? -5.07917  -1.32595  -10.08312 1.000 5.32166  ? 91  ALA A N   1 
ATOM   676 C CA  . ALA A 1 92  ? -6.06328  -1.12247  -9.02161  1.000 7.17346  ? 91  ALA A CA  1 
ATOM   677 C C   . ALA A 1 92  ? -5.88823  0.27941   -8.45458  1.000 6.35716  ? 91  ALA A C   1 
ATOM   678 O O   . ALA A 1 92  ? -4.89565  0.96072   -8.72321  1.000 7.82538  ? 91  ALA A O   1 
ATOM   679 C CB  . ALA A 1 92  ? -5.91604  -2.14741  -7.89442  1.000 8.14462  ? 91  ALA A CB  1 
ATOM   680 N N   . VAL A 1 93  ? -6.85720  0.69603   -7.64702  1.000 4.69957  ? 92  VAL A N   1 
ATOM   681 C CA  . VAL A 1 93  ? -6.66527  1.83216   -6.75691  1.000 5.03771  ? 92  VAL A CA  1 
ATOM   682 C C   . VAL A 1 93  ? -6.13511  1.28855   -5.43746  1.000 7.28464  ? 92  VAL A C   1 
ATOM   683 O O   . VAL A 1 93  ? -6.66668  0.30688   -4.90183  1.000 4.38962  ? 92  VAL A O   1 
ATOM   684 C CB  . VAL A 1 93  ? -7.97057  2.62238   -6.55721  1.000 11.82575 ? 92  VAL A CB  1 
ATOM   685 C CG1 . VAL A 1 93  ? -7.70267  3.86939   -5.71234  1.000 5.58373  ? 92  VAL A CG1 1 
ATOM   686 C CG2 . VAL A 1 93  ? -8.55960  3.01735   -7.89682  1.000 9.81181  ? 92  VAL A CG2 1 
ATOM   687 N N   . TYR A 1 94  ? -5.06903  1.89841   -4.93062  1.000 6.22872  ? 93  TYR A N   1 
ATOM   688 C CA  . TYR A 1 94  ? -4.40007  1.43751   -3.72182  1.000 3.37818  ? 93  TYR A CA  1 
ATOM   689 C C   . TYR A 1 94  ? -4.70553  2.38272   -2.56847  1.000 8.96250  ? 93  TYR A C   1 
ATOM   690 O O   . TYR A 1 94  ? -4.66662  3.60410   -2.72966  1.000 7.23716  ? 93  TYR A O   1 
ATOM   691 C CB  . TYR A 1 94  ? -2.88222  1.31976   -3.94736  1.000 3.97724  ? 93  TYR A CB  1 
ATOM   692 C CG  . TYR A 1 94  ? -2.52033  0.09985   -4.76616  1.000 3.41918  ? 93  TYR A CG  1 
ATOM   693 C CD1 . TYR A 1 94  ? -2.72985  0.07245   -6.13950  1.000 2.97889  ? 93  TYR A CD1 1 
ATOM   694 C CD2 . TYR A 1 94  ? -2.00124  -1.04070  -4.15726  1.000 5.49690  ? 93  TYR A CD2 1 
ATOM   695 C CE1 . TYR A 1 94  ? -2.42327  -1.05670  -6.88749  1.000 7.21141  ? 93  TYR A CE1 1 
ATOM   696 C CE2 . TYR A 1 94  ? -1.68823  -2.16749  -4.89217  1.000 7.36150  ? 93  TYR A CE2 1 
ATOM   697 C CZ  . TYR A 1 94  ? -1.90868  -2.17570  -6.25797  1.000 6.99160  ? 93  TYR A CZ  1 
ATOM   698 O OH  . TYR A 1 94  ? -1.59443  -3.30306  -6.98732  1.000 9.40077  ? 93  TYR A OH  1 
ATOM   699 N N   . TYR A 1 95  ? -5.00790  1.80623   -1.40638  1.000 4.80012  ? 94  TYR A N   1 
ATOM   700 C CA  . TYR A 1 95  ? -5.41721  2.54922   -0.22442  1.000 6.18427  ? 94  TYR A CA  1 
ATOM   701 C C   . TYR A 1 95  ? -4.58716  2.11377   0.97061   1.000 9.15993  ? 94  TYR A C   1 
ATOM   702 O O   . TYR A 1 95  ? -4.26333  0.93421   1.11433   1.000 8.29981  ? 94  TYR A O   1 
ATOM   703 C CB  . TYR A 1 95  ? -6.88593  2.30118   0.11513   1.000 7.89075  ? 94  TYR A CB  1 
ATOM   704 C CG  . TYR A 1 95  ? -7.88669  2.70641   -0.93930  1.000 7.67854  ? 94  TYR A CG  1 
ATOM   705 C CD1 . TYR A 1 95  ? -8.24920  1.83565   -1.95724  1.000 9.54730  ? 94  TYR A CD1 1 
ATOM   706 C CD2 . TYR A 1 95  ? -8.50443  3.94661   -0.88292  1.000 10.42675 ? 94  TYR A CD2 1 
ATOM   707 C CE1 . TYR A 1 95  ? -9.18747  2.20451   -2.91273  1.000 8.66863  ? 94  TYR A CE1 1 
ATOM   708 C CE2 . TYR A 1 95  ? -9.43783  4.32137   -1.82326  1.000 10.85527 ? 94  TYR A CE2 1 
ATOM   709 C CZ  . TYR A 1 95  ? -9.77242  3.45200   -2.83742  1.000 12.75071 ? 94  TYR A CZ  1 
ATOM   710 O OH  . TYR A 1 95  ? -10.70222 3.84275   -3.77273  1.000 23.43176 ? 94  TYR A OH  1 
ATOM   711 N N   A CYS A 1 96  ? -4.24566  3.05333   1.84300   0.515 8.77229  ? 95  CYS A N   1 
ATOM   712 N N   B CYS A 1 96  ? -4.27755  3.07331   1.82748   0.485 8.83146  ? 95  CYS A N   1 
ATOM   713 C CA  A CYS A 1 96  ? -3.59524  2.68797   3.09186   0.515 10.09644 ? 95  CYS A CA  1 
ATOM   714 C CA  B CYS A 1 96  ? -3.63368  2.82764   3.10429   0.485 10.15178 ? 95  CYS A CA  1 
ATOM   715 C C   A CYS A 1 96  ? -4.52338  2.97156   4.26520   0.515 11.55208 ? 95  CYS A C   1 
ATOM   716 C C   B CYS A 1 96  ? -4.68364  2.86121   4.20755   0.485 11.44578 ? 95  CYS A C   1 
ATOM   717 O O   A CYS A 1 96  ? -5.30301  3.92711   4.24875   0.515 11.20699 ? 95  CYS A O   1 
ATOM   718 O O   B CYS A 1 96  ? -5.70749  3.53759   4.08820   0.485 11.18805 ? 95  CYS A O   1 
ATOM   719 C CB  A CYS A 1 96  ? -2.25726  3.40829   3.27908   0.515 11.93793 ? 95  CYS A CB  1 
ATOM   720 C CB  B CYS A 1 96  ? -2.55994  3.88036   3.36078   0.485 13.11026 ? 95  CYS A CB  1 
ATOM   721 S SG  A CYS A 1 96  ? -2.30740  5.17855   3.58694   0.515 19.74249 ? 95  CYS A SG  1 
ATOM   722 S SG  B CYS A 1 96  ? -1.44317  3.53354   4.70676   0.485 20.70093 ? 95  CYS A SG  1 
ATOM   723 N N   . ARG A 1 97  ? -4.43156  2.11788   5.28148   1.000 10.22432 ? 96  ARG A N   1 
ATOM   724 C CA  . ARG A 1 97  ? -5.35723  2.12383   6.40418   1.000 12.69252 ? 96  ARG A CA  1 
ATOM   725 C C   . ARG A 1 97  ? -4.61012  1.66729   7.64440   1.000 12.73168 ? 96  ARG A C   1 
ATOM   726 O O   . ARG A 1 97  ? -3.74198  0.79641   7.55933   1.000 14.77334 ? 96  ARG A O   1 
ATOM   727 C CB  . ARG A 1 97  ? -6.56191  1.20686   6.13218   1.000 19.23947 ? 96  ARG A CB  1 
ATOM   728 C CG  . ARG A 1 97  ? -7.89257  1.72096   6.67160   1.000 24.66007 ? 96  ARG A CG  1 
ATOM   729 C CD  . ARG A 1 97  ? -8.45284  0.81426   7.75834   1.000 32.61696 ? 96  ARG A CD  1 
ATOM   730 N NE  . ARG A 1 97  ? -9.33659  -0.22579  7.24332   1.000 28.45298 ? 96  ARG A NE  1 
ATOM   731 C CZ  . ARG A 1 97  ? -10.66242 -0.16760  7.27537   1.000 38.60145 ? 96  ARG A CZ  1 
ATOM   732 N NH1 . ARG A 1 97  ? -11.29915 0.89116   7.75142   1.000 37.78756 ? 96  ARG A NH1 1 
ATOM   733 N NH2 . ARG A 1 97  ? -11.36836 -1.20102  6.82524   1.000 45.27001 ? 96  ARG A NH2 1 
ATOM   734 N N   . SER A 1 98  ? -4.94439  2.25284   8.78873   1.000 11.07028 ? 97  SER A N   1 
ATOM   735 C CA  . SER A 1 98  ? -4.33061  1.79714   10.02540  1.000 9.88333  ? 97  SER A CA  1 
ATOM   736 C C   . SER A 1 98  ? -5.17899  0.69534   10.65110  1.000 14.94207 ? 97  SER A C   1 
ATOM   737 O O   . SER A 1 98  ? -6.33397  0.47674   10.28002  1.000 19.13222 ? 97  SER A O   1 
ATOM   738 C CB  . SER A 1 98  ? -4.13968  2.95172   11.00723  1.000 14.47967 ? 97  SER A CB  1 
ATOM   739 O OG  . SER A 1 98  ? -5.23421  3.06101   11.89127  1.000 16.97700 ? 97  SER A OG  1 
ATOM   740 N N   . GLY A 1 99  ? -4.58463  -0.00604  11.61570  1.000 17.45450 ? 98  GLY A N   1 
ATOM   741 C CA  . GLY A 1 99  ? -5.26523  -1.10439  12.28069  1.000 14.03361 ? 98  GLY A CA  1 
ATOM   742 C C   . GLY A 1 99  ? -6.46209  -0.69679  13.11101  1.000 17.51554 ? 98  GLY A C   1 
ATOM   743 O O   . GLY A 1 99  ? -7.24279  -1.57016  13.50603  1.000 21.75961 ? 98  GLY A O   1 
ATOM   744 N N   . VAL A 1 100 ? -6.63362  0.59742   13.37522  1.000 18.50792 ? 99  VAL A N   1 
ATOM   745 C CA  . VAL A 1 100 ? -7.75485  1.07086   14.17890  1.000 27.88226 ? 99  VAL A CA  1 
ATOM   746 C C   . VAL A 1 100 ? -8.93758  1.34857   13.25732  1.000 29.60704 ? 99  VAL A C   1 
ATOM   747 O O   . VAL A 1 100 ? -9.89603  2.03054   13.63883  1.000 43.31258 ? 99  VAL A O   1 
ATOM   748 C CB  . VAL A 1 100 ? -7.35676  2.31007   15.00178  1.000 22.33993 ? 99  VAL A CB  1 
ATOM   749 C CG1 . VAL A 1 100 ? -8.31076  2.51489   16.17087  1.000 34.59949 ? 99  VAL A CG1 1 
ATOM   750 C CG2 . VAL A 1 100 ? -5.93339  2.15826   15.51149  1.000 25.35001 ? 99  VAL A CG2 1 
ATOM   751 N N   . LEU A 1 101 ? -8.87597  0.81003   12.04498  1.000 35.08810 ? 100 LEU A N   1 
ATOM   752 C CA  . LEU A 1 101 ? -9.96808  0.86014   11.05450  1.000 37.29139 ? 100 LEU A CA  1 
ATOM   753 C C   . LEU A 1 101 ? -10.32710 2.33026   10.81829  1.000 36.74938 ? 100 LEU A C   1 
ATOM   754 O O   . LEU A 1 101 ? -9.43325  3.19018   10.78437  1.000 38.05516 ? 100 LEU A O   1 
ATOM   755 C CB  . LEU A 1 101 ? -11.12337 -0.01520  11.50734  1.000 28.27356 ? 100 LEU A CB  1 
ATOM   756 C CG  . LEU A 1 101 ? -11.11956 -1.46197  10.99983  1.000 35.55493 ? 100 LEU A CG  1 
ATOM   757 C CD1 . LEU A 1 101 ? -10.04191 -2.29575  11.68563  1.000 31.99932 ? 100 LEU A CD1 1 
ATOM   758 C CD2 . LEU A 1 101 ? -12.49369 -2.10437  11.16008  1.000 36.14100 ? 100 LEU A CD2 1 
ATOM   759 N N   . GLY A 1 102 ? -11.60505 2.65024   10.64632  1.000 29.13440 ? 101 GLY A N   1 
ATOM   760 C CA  . GLY A 1 102 ? -12.01022 4.02461   10.45269  1.000 28.64649 ? 101 GLY A CA  1 
ATOM   761 C C   . GLY A 1 102 ? -12.04262 4.45051   9.00071   1.000 24.39932 ? 101 GLY A C   1 
ATOM   762 O O   . GLY A 1 102 ? -12.34217 3.64998   8.10930   1.000 29.53614 ? 101 GLY A O   1 
ATOM   763 N N   . SER A 1 103 ? -11.72351 5.71624   8.75568   1.000 23.33644 ? 102 SER A N   1 
ATOM   764 C CA  . SER A 1 103 ? -11.89767 6.29243   7.43337   1.000 21.55518 ? 102 SER A CA  1 
ATOM   765 C C   . SER A 1 103 ? -10.87814 5.73741   6.44992   1.000 21.49224 ? 102 SER A C   1 
ATOM   766 O O   . SER A 1 103 ? -9.77505  5.32637   6.82043   1.000 24.60113 ? 102 SER A O   1 
ATOM   767 C CB  . SER A 1 103 ? -11.76620 7.81394   7.49164   1.000 23.97761 ? 102 SER A CB  1 
ATOM   768 O OG  . SER A 1 103 ? -12.69522 8.37459   8.39890   1.000 41.25384 ? 102 SER A OG  1 
ATOM   769 N N   . TRP A 1 104 ? -11.26731 5.72588   5.18198   1.000 17.31597 ? 103 TRP A N   1 
ATOM   770 C CA  . TRP A 1 104 ? -10.33570 5.49321   4.09523   1.000 19.49666 ? 103 TRP A CA  1 
ATOM   771 C C   . TRP A 1 104 ? -9.85352  6.82746   3.54777   1.000 20.41038 ? 103 TRP A C   1 
ATOM   772 O O   . TRP A 1 104 ? -10.59212 7.81577   3.53303   1.000 21.56143 ? 103 TRP A O   1 
ATOM   773 C CB  . TRP A 1 104 ? -10.98968 4.69214   2.97315   1.000 16.80258 ? 103 TRP A CB  1 
ATOM   774 C CG  . TRP A 1 104 ? -11.36059 3.30485   3.35305   1.000 17.05837 ? 103 TRP A CG  1 
ATOM   775 C CD1 . TRP A 1 104 ? -12.58137 2.86910   3.78024   1.000 16.74411 ? 103 TRP A CD1 1 
ATOM   776 C CD2 . TRP A 1 104 ? -10.50781 2.15694   3.33017   1.000 13.86818 ? 103 TRP A CD2 1 
ATOM   777 N NE1 . TRP A 1 104 ? -12.53943 1.51756   4.02898   1.000 18.01079 ? 103 TRP A NE1 1 
ATOM   778 C CE2 . TRP A 1 104 ? -11.27657 1.05687   3.75994   1.000 19.42618 ? 103 TRP A CE2 1 
ATOM   779 C CE3 . TRP A 1 104 ? -9.16600  1.95157   2.98935   1.000 11.51952 ? 103 TRP A CE3 1 
ATOM   780 C CZ2 . TRP A 1 104 ? -10.74955 -0.22864  3.85498   1.000 18.76087 ? 103 TRP A CZ2 1 
ATOM   781 C CZ3 . TRP A 1 104 ? -8.64512  0.67096   3.08709   1.000 14.94300 ? 103 TRP A CZ3 1 
ATOM   782 C CH2 . TRP A 1 104 ? -9.43487  -0.39928  3.51741   1.000 18.34428 ? 103 TRP A CH2 1 
ATOM   783 N N   . GLY A 1 105 ? -8.60176  6.85029   3.10170   1.000 18.84978 ? 104 GLY A N   1 
ATOM   784 C CA  . GLY A 1 105 ? -8.10964  7.96502   2.32655   1.000 16.61357 ? 104 GLY A CA  1 
ATOM   785 C C   . GLY A 1 105 ? -8.64267  7.91016   0.90993   1.000 16.75074 ? 104 GLY A C   1 
ATOM   786 O O   . GLY A 1 105 ? -9.42507  7.03882   0.53487   1.000 12.33068 ? 104 GLY A O   1 
ATOM   787 N N   . LEU A 1 106 ? -8.20730  8.87224   0.10120   1.000 6.87396  ? 105 LEU A N   1 
ATOM   788 C CA  . LEU A 1 106 ? -8.63482  8.89426   -1.28942  1.000 10.97350 ? 105 LEU A CA  1 
ATOM   789 C C   . LEU A 1 106 ? -7.91358  7.86455   -2.14374  1.000 10.51311 ? 105 LEU A C   1 
ATOM   790 O O   . LEU A 1 106 ? -8.36821  7.57735   -3.25621  1.000 12.03923 ? 105 LEU A O   1 
ATOM   791 C CB  . LEU A 1 106 ? -8.43171  10.28730  -1.88081  1.000 11.11346 ? 105 LEU A CB  1 
ATOM   792 C CG  . LEU A 1 106 ? -9.44622  11.30099  -1.36005  1.000 16.87814 ? 105 LEU A CG  1 
ATOM   793 C CD1 . LEU A 1 106 ? -9.17271  12.67472  -1.94695  1.000 15.08647 ? 105 LEU A CD1 1 
ATOM   794 C CD2 . LEU A 1 106 ? -10.85899 10.83097  -1.69142  1.000 16.68715 ? 105 LEU A CD2 1 
ATOM   795 N N   . GLY A 1 107 ? -6.81060  7.30745   -1.65874  1.000 6.34669  ? 106 GLY A N   1 
ATOM   796 C CA  . GLY A 1 107 ? -6.07703  6.31670   -2.42273  1.000 6.71699  ? 106 GLY A CA  1 
ATOM   797 C C   . GLY A 1 107 ? -5.33915  6.93661   -3.59775  1.000 10.55911 ? 106 GLY A C   1 
ATOM   798 O O   . GLY A 1 107 ? -5.35428  8.14439   -3.82052  1.000 8.78151  ? 106 GLY A O   1 
ATOM   799 N N   . THR A 1 108 ? -4.67478  6.07306   -4.36381  1.000 5.43318  ? 107 THR A N   1 
ATOM   800 C CA  . THR A 1 108 ? -4.01695  6.51010   -5.58671  1.000 3.61633  ? 107 THR A CA  1 
ATOM   801 C C   . THR A 1 108 ? -4.08343  5.37631   -6.60138  1.000 5.70137  ? 107 THR A C   1 
ATOM   802 O O   . THR A 1 108 ? -4.15822  4.20010   -6.23591  1.000 5.11240  ? 107 THR A O   1 
ATOM   803 C CB  . THR A 1 108 ? -2.56663  6.95772   -5.31677  1.000 6.45827  ? 107 THR A CB  1 
ATOM   804 O OG1 . THR A 1 108 ? -1.97959  7.46328   -6.52379  1.000 9.36394  ? 107 THR A OG1 1 
ATOM   805 C CG2 . THR A 1 108 ? -1.72962  5.80424   -4.77656  1.000 6.29078  ? 107 THR A CG2 1 
ATOM   806 N N   . GLN A 1 109 ? -4.07052  5.73596   -7.88217  1.000 4.49787  ? 108 GLN A N   1 
ATOM   807 C CA  . GLN A 1 109 ? -4.33544  4.77668   -8.94607  1.000 3.60672  ? 108 GLN A CA  1 
ATOM   808 C C   . GLN A 1 109 ? -3.04992  4.25573   -9.56885  1.000 4.88965  ? 108 GLN A C   1 
ATOM   809 O O   . GLN A 1 109 ? -2.10483  5.01679   -9.80044  1.000 5.74404  ? 108 GLN A O   1 
ATOM   810 C CB  . GLN A 1 109 ? -5.20381  5.40287   -10.03623 1.000 5.07158  ? 108 GLN A CB  1 
ATOM   811 C CG  . GLN A 1 109 ? -5.70185  4.38543   -11.02518 1.000 6.92313  ? 108 GLN A CG  1 
ATOM   812 C CD  . GLN A 1 109 ? -6.47461  5.00297   -12.16157 1.000 12.75397 ? 108 GLN A CD  1 
ATOM   813 O OE1 . GLN A 1 109 ? -6.52051  6.22679   -12.31131 1.000 10.02234 ? 108 GLN A OE1 1 
ATOM   814 N NE2 . GLN A 1 109 ? -7.09271  4.15681   -12.97556 1.000 16.83507 ? 108 GLN A NE2 1 
ATOM   815 N N   . VAL A 1 110 ? -3.03654  2.95346   -9.85549  1.000 4.13463  ? 109 VAL A N   1 
ATOM   816 C CA  . VAL A 1 110 ? -1.94260  2.28865   -10.55153 1.000 5.52206  ? 109 VAL A CA  1 
ATOM   817 C C   . VAL A 1 110 ? -2.52895  1.50065   -11.71460 1.000 7.06568  ? 109 VAL A C   1 
ATOM   818 O O   . VAL A 1 110 ? -3.51845  0.77704   -11.54827 1.000 5.28389  ? 109 VAL A O   1 
ATOM   819 C CB  . VAL A 1 110 ? -1.15528  1.35347   -9.61152  1.000 5.99107  ? 109 VAL A CB  1 
ATOM   820 C CG1 . VAL A 1 110 ? -0.17567  0.48935   -10.40676 1.000 8.02468  ? 109 VAL A CG1 1 
ATOM   821 C CG2 . VAL A 1 110 ? -0.43047  2.15932   -8.54293  1.000 8.36423  ? 109 VAL A CG2 1 
ATOM   822 N N   . THR A 1 111 ? -1.93614  1.65626   -12.89447 1.000 5.46367  ? 110 THR A N   1 
ATOM   823 C CA  . THR A 1 111 ? -2.27607  0.84696   -14.05715 1.000 6.41237  ? 110 THR A CA  1 
ATOM   824 C C   . THR A 1 111 ? -1.00396  0.19143   -14.56818 1.000 7.60196  ? 110 THR A C   1 
ATOM   825 O O   . THR A 1 111 ? 0.04260   0.84444   -14.64675 1.000 8.88073  ? 110 THR A O   1 
ATOM   826 C CB  . THR A 1 111 ? -2.92842  1.69299   -15.15877 1.000 9.72408  ? 110 THR A CB  1 
ATOM   827 O OG1 . THR A 1 111 ? -4.11803  2.31053   -14.65178 1.000 9.48947  ? 110 THR A OG1 1 
ATOM   828 C CG2 . THR A 1 111 ? -3.31013  0.81966   -16.34468 1.000 18.53462 ? 110 THR A CG2 1 
ATOM   829 N N   . VAL A 1 112 ? -1.08337  -1.10150  -14.87900 1.000 5.60203  ? 111 VAL A N   1 
ATOM   830 C CA  . VAL A 1 112 ? 0.04555   -1.84805  -15.42491 1.000 8.52753  ? 111 VAL A CA  1 
ATOM   831 C C   . VAL A 1 112 ? -0.32162  -2.30727  -16.82454 1.000 9.33692  ? 111 VAL A C   1 
ATOM   832 O O   . VAL A 1 112 ? -1.31339  -3.02284  -17.00940 1.000 12.30891 ? 111 VAL A O   1 
ATOM   833 C CB  . VAL A 1 112 ? 0.43383   -3.04495  -14.54425 1.000 7.32483  ? 111 VAL A CB  1 
ATOM   834 C CG1 . VAL A 1 112 ? 1.69321   -3.70041  -15.10141 1.000 8.20266  ? 111 VAL A CG1 1 
ATOM   835 C CG2 . VAL A 1 112 ? 0.64847   -2.60212  -13.09411 1.000 6.05112  ? 111 VAL A CG2 1 
ATOM   836 N N   . SER A 1 113 ? 0.47733   -1.90389  -17.80444 1.000 12.31016 ? 112 SER A N   1 
ATOM   837 C CA  . SER A 1 113 ? 0.25311   -2.27188  -19.19296 1.000 17.57265 ? 112 SER A CA  1 
ATOM   838 C C   . SER A 1 113 ? 1.13916   -3.44756  -19.58415 1.000 20.34031 ? 112 SER A C   1 
ATOM   839 O O   . SER A 1 113 ? 2.30077   -3.52911  -19.17427 1.000 18.48093 ? 112 SER A O   1 
ATOM   840 C CB  . SER A 1 113 ? 0.52957   -1.08744  -20.11811 1.000 18.78343 ? 112 SER A CB  1 
ATOM   841 O OG  . SER A 1 113 ? 0.47858   -1.48853  -21.47646 1.000 30.29765 ? 112 SER A OG  1 
ATOM   842 N N   . SER A 1 114 ? 0.57983   -4.35623  -20.38039 1.000 23.52309 ? 113 SER A N   1 
ATOM   843 C CA  . SER A 1 114 ? 1.34539   -5.44471  -20.96411 1.000 27.65125 ? 113 SER A CA  1 
ATOM   844 C C   . SER A 1 114 ? 2.18891   -4.93292  -22.13159 1.000 39.07802 ? 113 SER A C   1 
ATOM   845 O O   . SER A 1 114 ? 1.98901   -3.82834  -22.64472 1.000 40.94140 ? 113 SER A O   1 
ATOM   846 C CB  . SER A 1 114 ? 0.41353   -6.56015  -21.42868 1.000 40.14336 ? 113 SER A CB  1 
ATOM   847 O OG  . SER A 1 114 ? -0.54709  -6.05565  -22.33900 1.000 44.67220 ? 113 SER A OG  1 
ATOM   848 N N   . HIS A 1 115 ? 3.14070   -5.75841  -22.55571 1.000 40.64488 ? 114 HIS A N   1 
ATOM   849 C CA  . HIS A 1 115 ? 4.07601   -5.37835  -23.61194 1.000 48.20994 ? 114 HIS A CA  1 
ATOM   850 C C   . HIS A 1 115 ? 3.37045   -5.21955  -24.95555 1.000 43.59224 ? 114 HIS A C   1 
ATOM   851 O O   . HIS A 1 115 ? 2.51116   -6.02316  -25.31393 1.000 45.95146 ? 114 HIS A O   1 
ATOM   852 C CB  . HIS A 1 115 ? 5.19914   -6.41355  -23.73069 1.000 48.99556 ? 114 HIS A CB  1 
ATOM   853 C CG  . HIS A 1 115 ? 5.93371   -6.66200  -22.44861 1.000 50.57809 ? 114 HIS A CG  1 
ATOM   854 N ND1 . HIS A 1 115 ? 5.84488   -5.81867  -21.36127 1.000 44.61559 ? 114 HIS A ND1 1 
ATOM   855 C CD2 . HIS A 1 115 ? 6.76621   -7.66416  -22.07918 1.000 48.57002 ? 114 HIS A CD2 1 
ATOM   856 C CE1 . HIS A 1 115 ? 6.59186   -6.29008  -20.37854 1.000 45.89553 ? 114 HIS A CE1 1 
ATOM   857 N NE2 . HIS A 1 115 ? 7.16183   -7.40909  -20.78829 1.000 42.06435 ? 114 HIS A NE2 1 
HETATM 858 O O   . HOH B 2 .   ? -7.58890  3.56944   9.53464   1.000 25.43549 ? 201 HOH A O   1 
HETATM 859 O O   . HOH B 2 .   ? -7.41953  -5.24747  7.99612   0.5   30.44858 ? 202 HOH A O   1 
HETATM 860 O O   . HOH B 2 .   ? -6.77926  4.96728   2.55671   1.000 18.36139 ? 203 HOH A O   1 
HETATM 861 O O   . HOH B 2 .   ? 10.61556  -4.33304  -10.90807 1.000 10.27977 ? 204 HOH A O   1 
HETATM 862 O O   . HOH B 2 .   ? 0.01359   12.72062  -1.55609  1.000 21.37439 ? 205 HOH A O   1 
HETATM 863 O O   . HOH B 2 .   ? 8.86572   -7.53465  4.52221   1.000 17.06501 ? 206 HOH A O   1 
HETATM 864 O O   . HOH B 2 .   ? 8.78298   12.10436  13.00674  1.000 31.69816 ? 207 HOH A O   1 
HETATM 865 O O   . HOH B 2 .   ? 12.30214  3.05622   11.05618  1.000 43.00137 ? 208 HOH A O   1 
HETATM 866 O O   . HOH B 2 .   ? -6.46189  1.92311   -15.59147 1.000 21.26920 ? 209 HOH A O   1 
HETATM 867 O O   . HOH B 2 .   ? 6.70615   -3.41277  -21.56150 1.000 34.33359 ? 210 HOH A O   1 
HETATM 868 O O   . HOH B 2 .   ? -11.93773 9.68705   2.28281   1.000 28.32410 ? 211 HOH A O   1 
HETATM 869 O O   . HOH B 2 .   ? 9.24445   -0.39329  -6.13481  1.000 7.70576  ? 212 HOH A O   1 
HETATM 870 O O   . HOH B 2 .   ? 12.08721  -2.23826  -3.69399  1.000 10.51520 ? 213 HOH A O   1 
HETATM 871 O O   . HOH B 2 .   ? -12.79806 3.92790   -0.46552  1.000 30.89242 ? 214 HOH A O   1 
HETATM 872 O O   . HOH B 2 .   ? 10.02371  -6.05900  -3.80303  1.000 22.80985 ? 215 HOH A O   1 
HETATM 873 O O   . HOH B 2 .   ? -15.36208 -0.10809  -2.29540  1.000 27.64987 ? 216 HOH A O   1 
HETATM 874 O O   . HOH B 2 .   ? 4.81338   6.10019   -7.33434  1.000 12.02857 ? 217 HOH A O   1 
HETATM 875 O O   . HOH B 2 .   ? 11.18772  2.35888   4.31814   1.000 18.66153 ? 218 HOH A O   1 
HETATM 876 O O   . HOH B 2 .   ? -10.91748 6.93818   -3.67177  1.000 17.09948 ? 219 HOH A O   1 
HETATM 877 O O   . HOH B 2 .   ? 6.84689   2.25338   -13.32131 1.000 12.97618 ? 220 HOH A O   1 
HETATM 878 O O   . HOH B 2 .   ? -9.60043  -3.04840  7.63590   1.000 31.90988 ? 221 HOH A O   1 
HETATM 879 O O   . HOH B 2 .   ? -3.96665  -3.37661  -17.18866 1.000 28.31916 ? 222 HOH A O   1 
HETATM 880 O O   . HOH B 2 .   ? 2.48476   9.91972   1.24599   1.000 20.76723 ? 223 HOH A O   1 
HETATM 881 O O   . HOH B 2 .   ? 10.11353  -4.57896  5.53827   1.000 15.81747 ? 224 HOH A O   1 
HETATM 882 O O   . HOH B 2 .   ? 4.63348   -12.83253 -6.22367  1.000 26.41700 ? 225 HOH A O   1 
HETATM 883 O O   . HOH B 2 .   ? -4.86706  10.34358  -5.31935  1.000 8.97322  ? 226 HOH A O   1 
HETATM 884 O O   . HOH B 2 .   ? 6.61325   7.79274   -4.84951  1.000 12.91878 ? 227 HOH A O   1 
HETATM 885 O O   . HOH B 2 .   ? 5.23531   -9.26529  -14.76801 1.000 24.11483 ? 228 HOH A O   1 
HETATM 886 O O   . HOH B 2 .   ? 9.64259   -8.55327  0.36553   1.000 28.01030 ? 229 HOH A O   1 
HETATM 887 O O   . HOH B 2 .   ? 10.33158  -4.08480  8.35817   1.000 15.76967 ? 230 HOH A O   1 
HETATM 888 O O   . HOH B 2 .   ? -1.36674  -9.30279  -8.14325  1.000 27.81884 ? 231 HOH A O   1 
HETATM 889 O O   . HOH B 2 .   ? 11.53993  -6.89704  -12.96334 1.000 26.04788 ? 232 HOH A O   1 
HETATM 890 O O   . HOH B 2 .   ? -5.37548  -5.99423  -15.57317 1.000 38.99302 ? 233 HOH A O   1 
HETATM 891 O O   . HOH B 2 .   ? -3.61756  -8.67726  -2.72892  1.000 22.62196 ? 234 HOH A O   1 
HETATM 892 O O   . HOH B 2 .   ? 6.17837   4.29313   -15.12270 1.000 11.37351 ? 235 HOH A O   1 
HETATM 893 O O   . HOH B 2 .   ? 8.84690   -8.31929  14.90238  1.000 31.67857 ? 236 HOH A O   1 
HETATM 894 O O   . HOH B 2 .   ? 5.49134   8.96426   -2.79689  1.000 29.66175 ? 237 HOH A O   1 
HETATM 895 O O   . HOH B 2 .   ? -11.31352 -9.12963  -3.70422  1.000 39.63528 ? 238 HOH A O   1 
HETATM 896 O O   . HOH B 2 .   ? 6.12179   -11.13510 10.13037  0.50  12.56376 ? 239 HOH A O   1 
HETATM 897 O O   . HOH B 2 .   ? -11.88820 6.82822   -0.98166  1.000 28.96744 ? 240 HOH A O   1 
HETATM 898 O O   . HOH B 2 .   ? -0.91238  -14.76740 2.27235   1.000 19.77961 ? 241 HOH A O   1 
HETATM 899 O O   . HOH B 2 .   ? -6.04993  -6.09695  -11.90700 1.000 28.64662 ? 242 HOH A O   1 
HETATM 900 O O   . HOH B 2 .   ? 7.43007   0.28742   -22.28368 1.000 20.55038 ? 243 HOH A O   1 
HETATM 901 O O   . HOH B 2 .   ? 7.28114   -10.12565 -0.06596  1.000 17.73251 ? 244 HOH A O   1 
HETATM 902 O O   . HOH B 2 .   ? -12.27661 7.61927   1.02845   1.000 28.96237 ? 245 HOH A O   1 
HETATM 903 O O   . HOH B 2 .   ? 3.72314   -1.40823  -22.55355 1.000 37.89304 ? 246 HOH A O   1 
HETATM 904 O O   . HOH B 2 .   ? -6.53190  1.36865   -12.08870 1.000 14.36309 ? 247 HOH A O   1 
HETATM 905 O O   . HOH B 2 .   ? 1.50892   -9.16093  -16.43491 1.000 19.82150 ? 248 HOH A O   1 
HETATM 906 O O   . HOH B 2 .   ? 4.17520   9.08352   -9.02663  1.000 16.43485 ? 249 HOH A O   1 
HETATM 907 O O   . HOH B 2 .   ? 6.92442   -11.38665 5.90252   1.000 12.40472 ? 250 HOH A O   1 
HETATM 908 O O   . HOH B 2 .   ? 10.68624  -1.28178  7.86253   1.000 14.93604 ? 251 HOH A O   1 
HETATM 909 O O   . HOH B 2 .   ? -9.80235  4.16673   -14.43582 1.000 13.60403 ? 252 HOH A O   1 
HETATM 910 O O   . HOH B 2 .   ? 0.35117   1.45671   -22.53180 1.000 24.72565 ? 253 HOH A O   1 
HETATM 911 O O   . HOH B 2 .   ? 3.44853   -6.15431  -28.32602 1.000 44.88904 ? 254 HOH A O   1 
HETATM 912 O O   . HOH B 2 .   ? 13.80892  -8.76988  -9.71459  1.000 25.97798 ? 255 HOH A O   1 
HETATM 913 O O   . HOH B 2 .   ? 5.89889   6.73320   -11.33850 1.000 19.06826 ? 256 HOH A O   1 
HETATM 914 O O   . HOH B 2 .   ? -5.43958  17.26344  10.50750  1.000 42.11847 ? 257 HOH A O   1 
HETATM 915 O O   . HOH B 2 .   ? -17.91839 -3.14285  -12.68949 1.000 34.98987 ? 258 HOH A O   1 
HETATM 916 O O   . HOH B 2 .   ? 14.27318  -3.63404  -3.86788  1.000 15.82761 ? 259 HOH A O   1 
HETATM 917 O O   . HOH B 2 .   ? -15.14047 0.54854   8.87268   1.000 32.49413 ? 260 HOH A O   1 
HETATM 918 O O   . HOH B 2 .   ? -8.12042  0.49388   -14.45683 1.000 27.81804 ? 261 HOH A O   1 
# 
